data_5W6D
#
_entry.id   5W6D
#
_cell.length_a   126.952
_cell.length_b   126.952
_cell.length_c   315.199
_cell.angle_alpha   90.00
_cell.angle_beta   90.00
_cell.angle_gamma   120.00
#
_symmetry.space_group_name_H-M   'P 63'
#
loop_
_entity.id
_entity.type
_entity.pdbx_description
1 polymer 'BG505-SOSIP.v4.1-GT1-N137A gp120'
2 polymer 'BG505-SOSIP.v4.1-GT1-N137A gp41'
3 polymer '109L FAB light chain'
4 polymer '9H FAB heavy chain'
5 polymer '35022 FAB heavy chain'
6 polymer '35022 FAB light chain'
7 branched alpha-D-mannopyranose-(1-2)-alpha-D-mannopyranose-(1-2)-alpha-D-mannopyranose-(1-3)-[alpha-D-mannopyranose-(1-2)-alpha-D-mannopyranose-(1-6)-[alpha-D-mannopyranose-(1-3)]alpha-D-mannopyranose-(1-6)]beta-D-mannopyranose-(1-4)-2-acetamido-2-deoxy-beta-D-glucopyranose-(1-4)-2-acetamido-2-deoxy-beta-D-glucopyranose
8 branched alpha-D-mannopyranose-(1-3)-[alpha-D-mannopyranose-(1-6)]alpha-D-mannopyranose-(1-6)-[alpha-D-mannopyranose-(1-3)]beta-D-mannopyranose-(1-4)-2-acetamido-2-deoxy-beta-D-glucopyranose-(1-4)-2-acetamido-2-deoxy-beta-D-glucopyranose
9 branched alpha-D-mannopyranose-(1-2)-alpha-D-mannopyranose-(1-2)-alpha-D-mannopyranose-(1-3)-[alpha-D-mannopyranose-(1-6)-alpha-D-mannopyranose-(1-6)]beta-D-mannopyranose-(1-4)-2-acetamido-2-deoxy-beta-D-glucopyranose-(1-4)-2-acetamido-2-deoxy-beta-D-glucopyranose
10 branched alpha-D-mannopyranose-(1-3)-beta-D-mannopyranose-(1-4)-2-acetamido-2-deoxy-beta-D-glucopyranose-(1-4)-2-acetamido-2-deoxy-beta-D-glucopyranose
11 branched 2-acetamido-2-deoxy-beta-D-glucopyranose-(1-4)-2-acetamido-2-deoxy-beta-D-glucopyranose
12 branched beta-D-mannopyranose-(1-4)-2-acetamido-2-deoxy-beta-D-glucopyranose-(1-4)-2-acetamido-2-deoxy-beta-D-glucopyranose
13 non-polymer 2-acetamido-2-deoxy-beta-D-glucopyranose
#
loop_
_entity_poly.entity_id
_entity_poly.type
_entity_poly.pdbx_seq_one_letter_code
_entity_poly.pdbx_strand_id
1 'polypeptide(L)'
;AENLWVTVYYGVPVWKDAETTLFCASDAKAYETKKHNVWATHACVPTDPNPQEIHLENVTEEFNMWKNNMVEQMHTDIIS
LWDQSLKPCVKLTPLCVTLQCTNVTNAITDDMRGELKNCSFNMTTELRDKRQKVHALFYKLDIVPINENQNTSYRLINCN
TAAITQACPKVSFEPIPIHYCAPAGFAILKCKDKKFNGTGPCPSVSTVQCTHGIKPVVSTQLLLNGSLAEEEVMIRSEDI
RNNAKNILVQFNTPVQINCTRPNNNTRKSIRIGPGQWFYATGDIIGDIRQAHCNVSKATWNETLGKVVKQLRKHFGNNTI
IRFANSSGGDLEVTTHSFNCGGEFFYCDTSGLFNSTWISNTSVQGSNSTGSNDSITLPCRIKQIINMWQRIGQAMYAPPI
QGVIRCVSNITGLILTRDGGSTDSTTETFRPSGGDMRDNWRSELYKYKVVKIEPLGVAPTRCKRRVVGRRRRRR
;
G
2 'polypeptide(L)'
;AVGIGAVFLGFLGAAGSTMGAASMTLTVQARNLLSGIVQQQSNLLRAPEAQQHLLKLTVWGIKQLQARVLAVERYLRDQQ
LLGIWGCSGKLICCTNVPWNSSWSNRNLSEIWDNMTWLQWDKEISNYTQIIYGLLEESQNQQEKNEQDLLALD
;
B
3 'polypeptide(L)'
;GSVTSYVRPLSVALGETASISCGRQALGSRAVQWYQHRPGQAPILLIYNNQDRPSGIPERFSGTPDINFGTRATLTISGV
EAGDEADYYCHMWDSRSGFSWSFGGATRLTVLGQPKAAPSVTLFPPSSEELQANKATLVCLISDFYPGAVTVAWKADSSP
VKAGVETTTPSKQSNNKYAASSYLSLTPEQWKSHKSYSCQVTHEGSTVEKTVAPTECS
;
L
4 'polypeptide(L)'
;QVQLQESGPGLVKPSETLSLTCSVSGASISDHYWSWIRQSPGKGLEWIGYVYDSGDTNYNPSLKSRVNLSLDTSKNQVSL
SLTAVTAADSAIYYCARTQHGRRIYGIVAFREWFTYFYMDVWGQGTPVTVSSASTKGPSVFPLAPSSKSTSGGTAALGCL
VKDYFPEPVTVSWNSGALTSGVHTFPAVLQSSGLYSLSSVVTVPSSSLGTQTYICNVNHKPSNTKVDKKVEPKSCD
;
H
5 'polypeptide(L)'
;EGQLVQSGAELKKPGASVKISCKTSGYRFNFYHINWIRQTAGRGPEWMGWISPYSGDKNLAPAFQDRVIMTTDTEVPVTS
FTSTGAAYMEIRNLKFDDTGTYFCAKGLLRDGSSTWLPYLWGQGTLLTVSSASTKGPSVFPLAPSSKSTSGGTAALGCLV
KDYFPEPVTVSWNSGALTSGVHTFPAVLQSSGLYSLSSVVTVPSSSLGTQTYICNVNHKPSNTKVDKRVEPKSCDKGLEV
;
D
6 'polypeptide(L)'
;QSVLTQSASVSGSLGQSVTISCTGPNSVCCSHKSISWYQWPPGRAPTLIIYEDNERAPGISPRFSGYKSYWSAYLTISDL
RPEDETTYYCCSYTHNSGCVFGTGTKVSVLGQSKANPSVTLFPPSSEELQANKATLVCLISDFYPGAVTVAWKADSSPVK
AGVETTTPSKQSNNKYAASSYLSLTPEQWKSHRSYSCQVTHEGSTVEKTVAPTECS
;
E
#
loop_
_chem_comp.id
_chem_comp.type
_chem_comp.name
_chem_comp.formula
BMA D-saccharide, beta linking beta-D-mannopyranose 'C6 H12 O6'
MAN D-saccharide, alpha linking alpha-D-mannopyranose 'C6 H12 O6'
NAG D-saccharide, beta linking 2-acetamido-2-deoxy-beta-D-glucopyranose 'C8 H15 N O6'
#
# COMPACT_ATOMS: atom_id res chain seq x y z
N GLU A 2 49.83 29.25 29.00
CA GLU A 2 48.70 29.70 29.80
C GLU A 2 48.05 30.94 29.19
N ASN A 3 48.75 31.54 28.23
CA ASN A 3 48.22 32.68 27.48
C ASN A 3 47.53 32.16 26.22
N LEU A 4 46.22 32.35 26.14
CA LEU A 4 45.42 31.82 25.05
C LEU A 4 45.08 32.92 24.06
N TRP A 5 45.05 32.55 22.77
CA TRP A 5 44.77 33.49 21.70
C TRP A 5 43.83 32.85 20.70
N VAL A 6 42.97 33.66 20.09
CA VAL A 6 42.03 33.16 19.10
C VAL A 6 42.77 32.87 17.80
N THR A 7 42.41 31.77 17.15
CA THR A 7 42.98 31.40 15.86
C THR A 7 41.86 31.01 14.91
N VAL A 8 41.96 31.48 13.67
CA VAL A 8 40.92 31.28 12.66
C VAL A 8 41.18 29.97 11.94
N TYR A 9 40.14 29.14 11.85
CA TYR A 9 40.17 27.90 11.10
C TYR A 9 39.16 27.99 9.96
N TYR A 10 39.61 27.71 8.74
CA TYR A 10 38.77 27.82 7.54
C TYR A 10 38.54 26.43 6.99
N GLY A 11 37.35 25.89 7.24
CA GLY A 11 37.00 24.56 6.76
C GLY A 11 36.58 23.63 7.88
N VAL A 12 35.96 24.18 8.92
CA VAL A 12 35.54 23.39 10.07
C VAL A 12 34.20 22.74 9.76
N PRO A 13 34.05 21.44 10.01
CA PRO A 13 32.75 20.79 9.78
C PRO A 13 31.65 21.35 10.67
N VAL A 14 31.10 22.51 10.28
CA VAL A 14 30.02 23.15 11.02
C VAL A 14 28.92 23.51 10.04
N TRP A 15 27.68 23.19 10.41
CA TRP A 15 26.52 23.47 9.58
C TRP A 15 25.38 23.98 10.45
N LYS A 16 24.46 24.70 9.82
CA LYS A 16 23.26 25.20 10.48
C LYS A 16 22.05 24.94 9.59
N ASP A 17 20.90 24.73 10.21
CA ASP A 17 19.66 24.52 9.47
C ASP A 17 19.36 25.74 8.61
N ALA A 18 19.15 25.49 7.31
CA ALA A 18 18.87 26.58 6.39
C ALA A 18 18.02 26.04 5.24
N GLU A 19 17.29 26.95 4.60
CA GLU A 19 16.48 26.63 3.43
C GLU A 19 17.02 27.43 2.25
N THR A 20 17.38 26.72 1.19
CA THR A 20 17.93 27.34 -0.02
C THR A 20 17.18 26.83 -1.23
N THR A 21 17.53 27.39 -2.40
CA THR A 21 16.90 27.04 -3.66
C THR A 21 17.64 25.86 -4.28
N LEU A 22 17.03 24.68 -4.24
CA LEU A 22 17.60 23.50 -4.88
C LEU A 22 17.30 23.51 -6.37
N PHE A 23 18.02 22.66 -7.10
CA PHE A 23 17.84 22.55 -8.55
C PHE A 23 17.68 21.08 -8.93
N CYS A 24 17.51 20.85 -10.23
CA CYS A 24 17.17 19.54 -10.78
C CYS A 24 18.43 18.80 -11.23
N ALA A 25 18.35 17.48 -11.23
CA ALA A 25 19.44 16.64 -11.71
C ALA A 25 18.88 15.26 -12.04
N SER A 26 19.04 14.84 -13.28
CA SER A 26 18.55 13.53 -13.72
C SER A 26 19.54 12.84 -14.65
N ASP A 27 19.56 11.51 -14.59
CA ASP A 27 20.46 10.73 -15.43
C ASP A 27 20.35 11.14 -16.89
N ALA A 28 21.23 10.58 -17.73
CA ALA A 28 21.24 10.89 -19.15
C ALA A 28 20.37 9.91 -19.93
N LYS A 29 19.06 10.09 -19.83
CA LYS A 29 18.11 9.22 -20.53
C LYS A 29 17.86 9.82 -21.90
N ALA A 30 17.99 8.99 -22.94
CA ALA A 30 17.97 9.46 -24.33
C ALA A 30 16.75 8.94 -25.07
N TYR A 31 16.20 9.79 -25.93
CA TYR A 31 15.11 9.41 -26.84
C TYR A 31 15.07 10.45 -27.95
N LYS A 34 10.46 10.70 -29.47
CA LYS A 34 9.53 11.23 -28.48
C LYS A 34 10.25 11.66 -27.21
N LYS A 35 9.79 12.75 -26.62
CA LYS A 35 10.39 13.26 -25.39
C LYS A 35 9.69 14.54 -24.93
N HIS A 36 10.43 15.40 -24.23
CA HIS A 36 9.88 16.64 -23.72
C HIS A 36 9.01 16.41 -22.49
N ASN A 37 9.24 15.29 -21.82
CA ASN A 37 8.48 14.95 -20.63
C ASN A 37 8.60 16.10 -19.62
N VAL A 38 7.47 16.50 -19.04
CA VAL A 38 7.39 17.78 -18.34
C VAL A 38 8.51 17.91 -17.31
N TRP A 39 8.77 16.87 -16.55
CA TRP A 39 9.67 16.99 -15.40
C TRP A 39 11.14 17.06 -15.83
N ALA A 40 11.59 16.11 -16.66
CA ALA A 40 12.96 16.17 -17.14
C ALA A 40 13.21 17.45 -17.93
N THR A 41 12.18 18.00 -18.56
CA THR A 41 12.31 19.24 -19.31
C THR A 41 13.36 19.11 -20.40
N HIS A 42 13.61 20.18 -21.15
CA HIS A 42 14.65 20.15 -22.16
C HIS A 42 16.02 19.87 -21.56
N ALA A 43 16.25 20.32 -20.33
CA ALA A 43 17.59 20.20 -19.74
C ALA A 43 17.48 20.20 -18.22
N CYS A 44 17.77 19.06 -17.61
CA CYS A 44 18.11 18.97 -16.20
C CYS A 44 19.56 18.52 -16.08
N VAL A 45 20.30 19.14 -15.16
CA VAL A 45 21.72 18.83 -15.00
C VAL A 45 21.88 17.32 -14.88
N PRO A 46 22.61 16.68 -15.80
CA PRO A 46 22.74 15.22 -15.74
C PRO A 46 23.44 14.78 -14.45
N THR A 47 22.93 13.72 -13.85
CA THR A 47 23.52 13.20 -12.63
C THR A 47 24.97 12.82 -12.86
N ASP A 48 25.80 13.03 -11.84
CA ASP A 48 27.20 12.61 -11.94
C ASP A 48 27.26 11.11 -12.20
N PRO A 49 28.19 10.66 -13.05
CA PRO A 49 28.29 9.21 -13.30
C PRO A 49 28.43 8.39 -12.04
N ASN A 50 28.99 8.96 -10.97
CA ASN A 50 29.14 8.25 -9.71
C ASN A 50 28.84 9.19 -8.55
N PRO A 51 27.74 8.97 -7.83
CA PRO A 51 27.45 9.81 -6.66
C PRO A 51 28.30 9.41 -5.46
N GLN A 52 28.50 10.37 -4.56
CA GLN A 52 29.31 10.18 -3.37
C GLN A 52 28.42 10.34 -2.14
N GLU A 53 28.20 9.24 -1.42
CA GLU A 53 27.51 9.25 -0.14
C GLU A 53 28.54 9.05 0.96
N ILE A 54 28.71 10.06 1.80
CA ILE A 54 29.76 10.07 2.81
C ILE A 54 29.10 9.97 4.18
N HIS A 55 29.27 8.82 4.84
CA HIS A 55 28.71 8.62 6.16
C HIS A 55 29.43 9.50 7.18
N LEU A 56 28.66 10.11 8.07
CA LEU A 56 29.20 11.00 9.11
C LEU A 56 29.17 10.24 10.43
N GLU A 57 30.31 9.65 10.79
CA GLU A 57 30.41 8.94 12.06
C GLU A 57 30.16 9.88 13.23
N ASN A 58 29.57 9.33 14.29
CA ASN A 58 29.33 10.02 15.56
C ASN A 58 28.29 11.12 15.45
N VAL A 59 27.78 11.40 14.25
CA VAL A 59 26.85 12.52 14.07
C VAL A 59 25.44 12.07 14.43
N THR A 60 24.70 12.95 15.10
CA THR A 60 23.29 12.72 15.41
C THR A 60 22.55 14.04 15.19
N GLU A 61 21.67 14.05 14.19
CA GLU A 61 20.97 15.26 13.78
C GLU A 61 19.47 15.08 13.98
N GLU A 62 18.80 16.17 14.35
CA GLU A 62 17.36 16.17 14.52
C GLU A 62 16.67 16.38 13.17
N PHE A 63 15.69 15.53 12.87
CA PHE A 63 14.94 15.62 11.63
C PHE A 63 13.48 15.97 11.92
N ASN A 64 12.82 16.52 10.91
CA ASN A 64 11.40 16.85 11.03
C ASN A 64 10.82 16.89 9.60
N MET A 65 10.33 15.74 9.14
CA MET A 65 9.80 15.65 7.79
C MET A 65 8.58 16.54 7.58
N TRP A 66 7.93 16.98 8.65
CA TRP A 66 6.71 17.77 8.54
C TRP A 66 6.98 19.27 8.43
N LYS A 67 8.10 19.73 8.98
CA LYS A 67 8.54 21.11 8.80
C LYS A 67 9.65 21.22 7.75
N ASN A 68 9.83 20.19 6.94
CA ASN A 68 10.84 20.23 5.89
C ASN A 68 10.43 21.20 4.79
N ASN A 69 11.37 22.02 4.35
CA ASN A 69 11.12 22.97 3.27
C ASN A 69 11.36 22.37 1.89
N MET A 70 12.00 21.20 1.80
CA MET A 70 12.14 20.53 0.51
C MET A 70 10.77 20.16 -0.05
N VAL A 71 9.84 19.78 0.81
CA VAL A 71 8.49 19.44 0.36
C VAL A 71 7.82 20.66 -0.27
N GLU A 72 7.80 21.78 0.46
CA GLU A 72 7.16 22.99 -0.05
C GLU A 72 7.77 23.42 -1.38
N GLN A 73 9.08 23.26 -1.54
CA GLN A 73 9.73 23.63 -2.79
C GLN A 73 9.32 22.69 -3.93
N MET A 74 9.40 21.39 -3.69
CA MET A 74 9.01 20.43 -4.72
C MET A 74 7.57 20.65 -5.17
N HIS A 75 6.68 20.93 -4.21
CA HIS A 75 5.27 21.17 -4.56
C HIS A 75 5.15 22.30 -5.56
N THR A 76 5.76 23.45 -5.26
CA THR A 76 5.71 24.58 -6.18
C THR A 76 6.44 24.32 -7.49
N ASP A 77 7.36 23.36 -7.50
CA ASP A 77 8.07 23.03 -8.74
C ASP A 77 7.20 22.19 -9.67
N ILE A 78 6.45 21.24 -9.13
CA ILE A 78 5.54 20.44 -9.96
C ILE A 78 4.46 21.33 -10.54
N ILE A 79 3.86 22.19 -9.71
CA ILE A 79 2.82 23.10 -10.18
C ILE A 79 3.35 23.98 -11.29
N SER A 80 4.50 24.63 -11.06
CA SER A 80 5.07 25.52 -12.07
C SER A 80 5.47 24.77 -13.33
N LEU A 81 5.94 23.53 -13.19
CA LEU A 81 6.29 22.74 -14.37
C LEU A 81 5.05 22.43 -15.20
N TRP A 82 3.92 22.16 -14.56
CA TRP A 82 2.69 21.87 -15.28
C TRP A 82 2.28 23.05 -16.16
N ASP A 83 2.22 24.24 -15.57
CA ASP A 83 1.82 25.42 -16.33
C ASP A 83 2.77 25.70 -17.49
N GLN A 84 4.07 25.44 -17.29
CA GLN A 84 5.04 25.70 -18.35
C GLN A 84 4.79 24.81 -19.56
N SER A 85 4.18 23.64 -19.37
CA SER A 85 3.91 22.73 -20.47
C SER A 85 2.55 22.97 -21.12
N LEU A 86 1.63 23.63 -20.44
CA LEU A 86 0.31 23.92 -21.01
C LEU A 86 0.30 25.21 -21.82
N LYS A 87 1.18 26.16 -21.52
CA LYS A 87 1.17 27.45 -22.20
C LYS A 87 1.20 27.33 -23.71
N PRO A 88 2.10 26.56 -24.33
CA PRO A 88 2.17 26.53 -25.80
C PRO A 88 1.14 25.62 -26.45
N CYS A 89 0.46 24.77 -25.71
CA CYS A 89 -0.48 23.83 -26.30
C CYS A 89 -1.78 24.55 -26.69
N VAL A 90 -2.63 23.84 -27.41
CA VAL A 90 -3.85 24.42 -27.97
C VAL A 90 -4.87 24.59 -26.86
N LYS A 91 -5.45 25.79 -26.78
CA LYS A 91 -6.50 26.09 -25.82
C LYS A 91 -7.87 25.89 -26.47
N LEU A 92 -8.73 25.12 -25.80
CA LEU A 92 -10.02 24.74 -26.36
C LEU A 92 -11.14 25.69 -25.92
N THR A 93 -10.91 26.99 -26.09
CA THR A 93 -11.96 27.96 -25.80
C THR A 93 -13.18 27.77 -26.70
N PRO A 94 -13.05 27.48 -28.00
CA PRO A 94 -14.25 27.29 -28.83
C PRO A 94 -14.96 25.97 -28.59
N LEU A 95 -14.38 25.05 -27.82
CA LEU A 95 -15.01 23.75 -27.57
C LEU A 95 -16.12 23.82 -26.54
N CYS A 96 -16.51 25.03 -26.10
CA CYS A 96 -17.62 25.20 -25.19
C CYS A 96 -18.95 25.40 -25.91
N VAL A 97 -19.04 25.00 -27.18
CA VAL A 97 -20.30 25.04 -27.89
C VAL A 97 -21.28 24.07 -27.25
N THR A 98 -22.57 24.38 -27.37
CA THR A 98 -23.58 23.51 -26.80
C THR A 98 -23.52 22.13 -27.43
N LEU A 99 -23.45 21.10 -26.59
CA LEU A 99 -23.33 19.72 -27.04
C LEU A 99 -24.68 19.01 -26.91
N GLN A 100 -25.05 18.27 -27.95
CA GLN A 100 -26.24 17.41 -27.92
C GLN A 100 -25.74 15.97 -27.95
N CYS A 101 -25.89 15.28 -26.83
CA CYS A 101 -25.29 13.97 -26.62
C CYS A 101 -26.37 12.90 -26.53
N THR A 102 -26.09 11.74 -27.10
CA THR A 102 -26.94 10.56 -27.02
C THR A 102 -26.15 9.41 -26.43
N ASN A 103 -26.86 8.36 -26.03
CA ASN A 103 -26.24 7.15 -25.50
C ASN A 103 -25.44 6.47 -26.61
N VAL A 104 -24.49 5.69 -26.19
CA VAL A 104 -23.56 4.97 -27.05
C VAL A 104 -24.15 3.94 -27.99
N ALA A 107 -26.52 0.25 -28.79
CA ALA A 107 -27.67 0.42 -28.01
C ALA A 107 -27.49 -0.48 -26.85
N ILE A 108 -28.25 -0.21 -25.83
CA ILE A 108 -28.31 -1.08 -24.67
C ILE A 108 -29.49 -0.73 -23.78
N THR A 109 -29.99 -1.72 -23.05
CA THR A 109 -31.13 -1.52 -22.16
C THR A 109 -30.69 -1.75 -20.72
N ASP A 110 -31.21 -0.91 -19.81
CA ASP A 110 -30.90 -0.97 -18.39
C ASP A 110 -29.43 -1.28 -18.12
N GLY A 114 -24.65 3.90 -18.61
CA GLY A 114 -23.95 4.58 -19.67
C GLY A 114 -22.99 5.63 -19.15
N GLU A 115 -21.71 5.25 -19.00
CA GLU A 115 -20.71 6.17 -18.50
C GLU A 115 -20.27 7.16 -19.58
N LEU A 116 -20.05 6.68 -20.79
CA LEU A 116 -19.67 7.54 -21.91
C LEU A 116 -20.88 7.82 -22.79
N LYS A 117 -20.81 8.94 -23.50
CA LYS A 117 -21.92 9.40 -24.33
C LYS A 117 -21.43 9.89 -25.68
N ASN A 118 -22.24 9.66 -26.70
CA ASN A 118 -21.94 10.09 -28.06
C ASN A 118 -22.48 11.50 -28.27
N CYS A 119 -21.58 12.46 -28.49
CA CYS A 119 -21.93 13.87 -28.56
C CYS A 119 -21.66 14.41 -29.94
N SER A 120 -22.63 15.11 -30.50
CA SER A 120 -22.47 15.88 -31.73
C SER A 120 -22.59 17.36 -31.42
N PHE A 121 -21.85 18.16 -32.18
CA PHE A 121 -21.83 19.60 -31.95
C PHE A 121 -21.03 20.24 -33.06
N ASN A 122 -21.30 21.53 -33.28
CA ASN A 122 -20.64 22.29 -34.32
C ASN A 122 -19.39 22.97 -33.78
N MET A 123 -18.31 22.89 -34.55
CA MET A 123 -17.04 23.47 -34.17
C MET A 123 -16.46 24.27 -35.33
N THR A 124 -15.81 25.38 -35.01
CA THR A 124 -15.19 26.21 -36.03
C THR A 124 -14.20 25.38 -36.86
N THR A 125 -13.89 25.89 -38.04
CA THR A 125 -12.94 25.26 -38.94
C THR A 125 -11.71 26.14 -39.10
N GLU A 126 -10.87 25.81 -40.07
CA GLU A 126 -9.70 26.64 -40.36
C GLU A 126 -10.12 28.04 -40.79
N LEU A 127 -11.05 28.13 -41.73
CA LEU A 127 -11.55 29.42 -42.20
C LEU A 127 -12.57 29.98 -41.21
N ARG A 128 -12.48 31.29 -40.99
CA ARG A 128 -13.35 31.93 -40.00
C ARG A 128 -14.81 31.78 -40.36
N ASP A 129 -15.15 31.91 -41.65
CA ASP A 129 -16.55 31.87 -42.06
C ASP A 129 -17.13 30.46 -42.02
N LYS A 130 -16.32 29.45 -42.32
CA LYS A 130 -16.82 28.09 -42.38
C LYS A 130 -16.90 27.48 -40.98
N ARG A 131 -17.87 26.58 -40.81
CA ARG A 131 -18.04 25.80 -39.59
C ARG A 131 -18.18 24.33 -39.98
N GLN A 132 -18.05 23.46 -38.99
CA GLN A 132 -18.13 22.03 -39.23
C GLN A 132 -18.84 21.34 -38.07
N LYS A 133 -19.62 20.32 -38.39
CA LYS A 133 -20.27 19.47 -37.40
C LYS A 133 -19.46 18.18 -37.25
N VAL A 134 -19.06 17.88 -36.03
CA VAL A 134 -18.29 16.69 -35.72
C VAL A 134 -18.91 15.97 -34.54
N HIS A 135 -18.72 14.65 -34.49
CA HIS A 135 -19.21 13.83 -33.40
C HIS A 135 -18.03 13.20 -32.68
N ALA A 136 -18.06 13.25 -31.35
CA ALA A 136 -16.96 12.72 -30.55
C ALA A 136 -17.53 12.17 -29.24
N LEU A 137 -16.94 11.06 -28.78
CA LEU A 137 -17.35 10.45 -27.54
C LEU A 137 -16.77 11.20 -26.34
N PHE A 138 -17.54 11.21 -25.25
CA PHE A 138 -17.12 11.86 -24.02
C PHE A 138 -17.51 10.97 -22.84
N TYR A 139 -16.88 11.23 -21.71
CA TYR A 139 -17.22 10.56 -20.47
C TYR A 139 -18.25 11.36 -19.70
N LYS A 140 -19.06 10.66 -18.91
CA LYS A 140 -20.16 11.32 -18.20
C LYS A 140 -19.64 12.41 -17.26
N LEU A 141 -18.49 12.17 -16.62
CA LEU A 141 -17.99 13.12 -15.64
C LEU A 141 -17.58 14.45 -16.26
N ASP A 142 -17.11 14.43 -17.51
CA ASP A 142 -16.67 15.65 -18.17
C ASP A 142 -17.80 16.54 -18.65
N ILE A 143 -19.05 16.11 -18.49
CA ILE A 143 -20.19 16.81 -19.07
C ILE A 143 -21.31 16.92 -18.05
N VAL A 144 -22.08 18.00 -18.17
CA VAL A 144 -23.28 18.20 -17.36
C VAL A 144 -24.40 18.66 -18.26
N PRO A 145 -25.67 18.35 -17.96
CA PRO A 145 -26.76 18.79 -18.83
C PRO A 145 -27.06 20.27 -18.66
N ILE A 146 -27.28 20.92 -19.78
CA ILE A 146 -27.54 22.32 -19.80
C ILE A 146 -29.01 22.59 -19.58
N ASN A 147 -29.70 21.74 -18.87
CA ASN A 147 -31.11 22.04 -18.69
C ASN A 147 -31.70 21.77 -17.34
N GLU A 148 -31.51 20.53 -16.92
CA GLU A 148 -31.97 20.03 -15.64
C GLU A 148 -33.48 20.12 -15.58
N ASN A 149 -34.09 20.25 -16.75
CA ASN A 149 -35.54 20.29 -16.84
C ASN A 149 -36.32 19.31 -17.75
N GLN A 150 -35.66 18.45 -18.54
CA GLN A 150 -34.22 18.38 -18.70
C GLN A 150 -33.77 18.51 -20.14
N ASN A 151 -34.59 18.08 -21.10
CA ASN A 151 -34.20 18.18 -22.50
C ASN A 151 -32.96 17.34 -22.60
N THR A 152 -32.12 17.56 -23.58
CA THR A 152 -30.92 16.77 -23.47
C THR A 152 -29.83 17.37 -24.34
N SER A 153 -29.37 18.52 -23.88
CA SER A 153 -28.31 19.26 -24.52
C SER A 153 -27.29 19.30 -23.40
N TYR A 154 -26.07 18.93 -23.71
CA TYR A 154 -25.05 18.91 -22.68
C TYR A 154 -23.96 19.89 -22.95
N ARG A 155 -23.14 20.14 -21.95
CA ARG A 155 -22.02 21.05 -22.04
C ARG A 155 -20.85 20.47 -21.24
N LEU A 156 -19.66 21.02 -21.50
CA LEU A 156 -18.48 20.60 -20.75
C LEU A 156 -18.55 21.10 -19.32
N ILE A 157 -18.01 20.30 -18.41
CA ILE A 157 -18.13 20.60 -16.97
C ILE A 157 -17.36 21.85 -16.60
N ASN A 158 -16.31 22.20 -17.35
CA ASN A 158 -15.43 23.29 -16.98
C ASN A 158 -15.85 24.64 -17.55
N CYS A 159 -16.67 24.66 -18.60
CA CYS A 159 -16.98 25.91 -19.29
C CYS A 159 -17.53 26.96 -18.34
N ASN A 160 -18.19 26.54 -17.26
CA ASN A 160 -18.82 27.50 -16.36
C ASN A 160 -17.81 28.16 -15.42
N THR A 161 -16.76 27.43 -15.02
CA THR A 161 -15.81 27.94 -14.02
C THR A 161 -14.57 28.54 -14.67
N ALA A 162 -13.79 27.71 -15.38
CA ALA A 162 -12.50 28.14 -15.91
C ALA A 162 -12.36 27.69 -17.35
N ALA A 163 -11.43 28.35 -18.05
CA ALA A 163 -11.11 27.97 -19.42
C ALA A 163 -10.50 26.58 -19.44
N ILE A 164 -10.07 26.14 -20.62
CA ILE A 164 -9.53 24.80 -20.80
C ILE A 164 -8.45 24.85 -21.89
N THR A 165 -7.43 24.01 -21.70
CA THR A 165 -6.32 23.89 -22.63
C THR A 165 -6.02 22.42 -22.86
N GLN A 166 -5.69 22.06 -24.09
CA GLN A 166 -5.42 20.68 -24.46
C GLN A 166 -3.93 20.38 -24.26
N ALA A 167 -3.63 19.36 -23.46
CA ALA A 167 -2.26 18.94 -23.28
C ALA A 167 -1.65 18.51 -24.61
N CYS A 168 -0.47 19.04 -24.91
CA CYS A 168 0.20 18.67 -26.15
C CYS A 168 0.34 17.15 -26.22
N PRO A 169 0.23 16.55 -27.41
CA PRO A 169 0.29 15.09 -27.51
C PRO A 169 1.68 14.50 -27.39
N LYS A 170 2.73 15.31 -27.57
CA LYS A 170 4.09 14.78 -27.53
C LYS A 170 4.58 14.59 -26.09
N VAL A 171 4.31 15.57 -25.22
CA VAL A 171 4.77 15.46 -23.84
C VAL A 171 4.15 14.25 -23.18
N SER A 172 4.95 13.57 -22.35
CA SER A 172 4.51 12.39 -21.63
C SER A 172 4.39 12.68 -20.15
N PHE A 173 3.43 12.02 -19.50
CA PHE A 173 3.16 12.21 -18.08
C PHE A 173 3.81 11.16 -17.20
N GLU A 174 4.69 10.33 -17.76
CA GLU A 174 5.33 9.28 -16.98
C GLU A 174 6.40 9.86 -16.07
N PRO A 175 6.31 9.68 -14.76
CA PRO A 175 7.36 10.20 -13.87
C PRO A 175 8.68 9.47 -14.09
N ILE A 176 9.75 10.23 -14.16
CA ILE A 176 11.10 9.67 -14.27
C ILE A 176 11.87 10.08 -13.02
N PRO A 177 12.89 9.32 -12.65
CA PRO A 177 13.67 9.66 -11.45
C PRO A 177 14.26 11.05 -11.55
N ILE A 178 14.04 11.85 -10.51
CA ILE A 178 14.57 13.21 -10.42
C ILE A 178 15.36 13.35 -9.14
N HIS A 179 16.55 13.93 -9.23
CA HIS A 179 17.43 14.14 -8.08
C HIS A 179 17.44 15.62 -7.74
N TYR A 180 17.08 15.95 -6.51
CA TYR A 180 17.11 17.33 -6.03
C TYR A 180 18.49 17.62 -5.43
N CYS A 181 19.20 18.57 -6.02
CA CYS A 181 20.54 18.92 -5.60
C CYS A 181 20.55 20.28 -4.91
N ALA A 182 21.54 20.45 -4.02
CA ALA A 182 21.75 21.71 -3.33
C ALA A 182 23.00 22.41 -3.87
N PRO A 183 23.04 23.74 -3.83
CA PRO A 183 24.18 24.47 -4.39
C PRO A 183 25.42 24.30 -3.52
N ALA A 184 26.56 24.69 -4.09
CA ALA A 184 27.81 24.66 -3.35
C ALA A 184 27.70 25.53 -2.11
N GLY A 185 28.32 25.08 -1.03
CA GLY A 185 28.18 25.71 0.27
C GLY A 185 27.07 25.16 1.12
N PHE A 186 26.14 24.41 0.54
CA PHE A 186 25.08 23.72 1.25
C PHE A 186 25.25 22.21 1.08
N ALA A 187 24.51 21.45 1.88
CA ALA A 187 24.60 19.99 1.81
C ALA A 187 23.27 19.40 2.26
N ILE A 188 23.07 18.13 1.90
CA ILE A 188 21.85 17.38 2.22
C ILE A 188 22.24 16.23 3.14
N LEU A 189 21.54 16.12 4.25
CA LEU A 189 21.80 15.08 5.25
C LEU A 189 20.73 14.00 5.13
N LYS A 190 21.15 12.77 4.85
CA LYS A 190 20.25 11.64 4.67
C LYS A 190 20.26 10.78 5.93
N CYS A 191 19.08 10.56 6.50
CA CYS A 191 18.94 9.71 7.68
C CYS A 191 18.85 8.26 7.23
N LYS A 192 19.87 7.46 7.57
CA LYS A 192 19.94 6.05 7.19
C LYS A 192 19.51 5.13 8.32
N ASP A 193 18.64 5.61 9.22
CA ASP A 193 18.11 4.78 10.29
C ASP A 193 16.91 4.01 9.75
N LYS A 194 17.03 2.68 9.69
CA LYS A 194 15.96 1.86 9.15
C LYS A 194 14.64 2.13 9.86
N LYS A 195 14.64 2.05 11.20
CA LYS A 195 13.43 2.23 12.00
C LYS A 195 13.08 3.69 12.23
N PHE A 196 13.65 4.62 11.46
CA PHE A 196 13.41 6.04 11.68
C PHE A 196 11.93 6.37 11.47
N ASN A 197 11.31 6.95 12.49
CA ASN A 197 9.91 7.35 12.42
C ASN A 197 9.82 8.73 11.77
N GLY A 198 8.74 9.45 12.02
CA GLY A 198 8.56 10.77 11.44
C GLY A 198 9.69 11.72 11.74
N THR A 199 9.79 12.17 13.00
CA THR A 199 10.79 13.14 13.42
C THR A 199 11.58 12.58 14.59
N GLY A 200 12.62 13.31 14.99
CA GLY A 200 13.44 12.92 16.09
C GLY A 200 14.92 12.85 15.73
N PRO A 201 15.75 12.47 16.71
CA PRO A 201 17.20 12.36 16.45
C PRO A 201 17.52 11.10 15.66
N CYS A 202 18.27 11.29 14.57
CA CYS A 202 18.66 10.17 13.71
C CYS A 202 20.07 9.75 14.05
N PRO A 203 20.27 8.58 14.67
CA PRO A 203 21.65 8.20 15.08
C PRO A 203 22.61 8.05 13.92
N SER A 204 22.18 7.45 12.81
CA SER A 204 23.03 7.22 11.65
C SER A 204 22.72 8.26 10.59
N VAL A 205 23.68 9.15 10.31
CA VAL A 205 23.51 10.22 9.36
C VAL A 205 24.65 10.20 8.36
N SER A 206 24.34 10.47 7.10
CA SER A 206 25.33 10.64 6.05
C SER A 206 24.98 11.88 5.24
N THR A 207 25.93 12.35 4.45
CA THR A 207 25.77 13.57 3.67
C THR A 207 25.91 13.27 2.19
N VAL A 208 25.05 13.90 1.38
CA VAL A 208 25.05 13.73 -0.07
C VAL A 208 24.71 15.08 -0.70
N GLN A 209 25.18 15.26 -1.93
CA GLN A 209 24.91 16.50 -2.65
C GLN A 209 23.55 16.47 -3.35
N CYS A 210 23.06 15.29 -3.70
CA CYS A 210 21.77 15.15 -4.35
C CYS A 210 21.05 13.92 -3.81
N THR A 211 19.73 13.97 -3.83
CA THR A 211 18.90 12.88 -3.33
C THR A 211 18.87 11.74 -4.35
N HIS A 212 18.25 10.62 -3.95
CA HIS A 212 18.11 9.48 -4.83
C HIS A 212 17.09 9.77 -5.93
N GLY A 213 16.95 8.85 -6.86
CA GLY A 213 15.99 9.00 -7.93
C GLY A 213 14.56 8.99 -7.43
N ILE A 214 13.98 10.17 -7.26
CA ILE A 214 12.62 10.31 -6.75
C ILE A 214 11.68 10.54 -7.93
N LYS A 215 10.77 9.59 -8.15
CA LYS A 215 9.79 9.72 -9.20
C LYS A 215 8.61 10.55 -8.70
N PRO A 216 8.22 11.69 -9.42
CA PRO A 216 7.09 12.52 -8.97
C PRO A 216 5.75 11.90 -9.34
N VAL A 217 5.43 10.78 -8.70
CA VAL A 217 4.19 10.06 -8.96
C VAL A 217 3.06 10.78 -8.25
N VAL A 218 2.15 11.38 -9.01
CA VAL A 218 0.97 12.05 -8.45
C VAL A 218 -0.11 11.00 -8.26
N SER A 219 -0.50 10.78 -7.00
CA SER A 219 -1.49 9.76 -6.67
C SER A 219 -2.37 10.28 -5.54
N THR A 220 -3.27 9.41 -5.13
CA THR A 220 -4.13 9.74 -4.05
C THR A 220 -4.47 8.50 -3.36
N GLN A 221 -4.69 8.60 -2.08
CA GLN A 221 -5.07 7.45 -1.32
C GLN A 221 -4.00 6.47 -1.27
N LEU A 222 -3.56 6.02 -2.43
CA LEU A 222 -2.53 5.02 -2.46
C LEU A 222 -1.25 5.51 -3.00
N LEU A 223 -0.18 5.11 -2.36
CA LEU A 223 1.09 5.60 -2.86
C LEU A 223 1.68 4.58 -3.82
N LEU A 224 2.13 5.05 -4.98
CA LEU A 224 2.57 4.19 -6.07
C LEU A 224 4.01 4.50 -6.46
N ASN A 225 4.76 3.45 -6.78
CA ASN A 225 6.11 3.56 -7.30
C ASN A 225 7.10 4.17 -6.31
N GLY A 226 6.68 4.39 -5.06
CA GLY A 226 7.54 4.97 -4.07
C GLY A 226 8.65 4.01 -3.64
N SER A 227 9.37 4.43 -2.61
CA SER A 227 10.47 3.65 -2.04
C SER A 227 9.98 2.87 -0.83
N LEU A 228 10.40 1.62 -0.73
CA LEU A 228 9.93 0.73 0.33
C LEU A 228 10.75 0.93 1.60
N ALA A 229 10.06 1.04 2.73
CA ALA A 229 10.74 1.12 4.01
C ALA A 229 11.48 -0.18 4.28
N GLU A 230 12.68 -0.06 4.83
CA GLU A 230 13.51 -1.21 5.16
C GLU A 230 13.18 -1.72 6.55
N GLU A 231 13.40 -3.02 6.75
CA GLU A 231 13.12 -3.69 8.01
C GLU A 231 11.60 -3.74 8.18
N GLU A 232 11.04 -3.22 9.26
CA GLU A 232 9.59 -3.16 9.48
C GLU A 232 8.92 -2.08 8.63
N VAL A 233 7.61 -2.20 8.47
CA VAL A 233 6.83 -1.15 7.85
C VAL A 233 6.76 0.04 8.80
N MET A 234 6.73 1.24 8.23
CA MET A 234 6.81 2.46 9.02
C MET A 234 5.45 3.16 9.04
N ILE A 235 5.08 3.70 10.20
CA ILE A 235 3.87 4.48 10.38
C ILE A 235 4.30 5.88 10.78
N ARG A 236 4.15 6.84 9.87
CA ARG A 236 4.63 8.20 10.08
C ARG A 236 3.46 9.16 10.09
N SER A 237 3.42 10.04 11.08
CA SER A 237 2.40 11.07 11.18
C SER A 237 2.97 12.27 11.89
N GLU A 238 2.26 13.40 11.81
CA GLU A 238 2.69 14.59 12.54
C GLU A 238 2.15 14.59 13.96
N ASP A 239 1.01 13.95 14.19
CA ASP A 239 0.43 13.87 15.53
C ASP A 239 -0.56 12.69 15.53
N ILE A 240 -0.07 11.53 15.98
CA ILE A 240 -0.92 10.34 16.00
C ILE A 240 -2.13 10.57 16.90
N ARG A 241 -1.96 11.32 17.99
CA ARG A 241 -3.08 11.59 18.87
C ARG A 241 -4.14 12.45 18.19
N ASN A 242 -3.75 13.28 17.24
CA ASN A 242 -4.68 14.15 16.54
C ASN A 242 -5.19 13.45 15.28
N ASN A 243 -6.51 13.26 15.21
CA ASN A 243 -7.10 12.59 14.06
C ASN A 243 -7.02 13.45 12.80
N ALA A 244 -7.02 14.77 12.95
CA ALA A 244 -7.06 15.66 11.80
C ALA A 244 -5.87 15.46 10.88
N LYS A 245 -4.70 15.15 11.43
CA LYS A 245 -3.50 14.99 10.62
C LYS A 245 -3.48 13.61 9.98
N ASN A 246 -3.14 13.56 8.69
CA ASN A 246 -3.12 12.31 7.95
C ASN A 246 -2.04 11.38 8.52
N ILE A 247 -2.03 10.16 8.00
CA ILE A 247 -1.10 9.11 8.44
C ILE A 247 -0.41 8.55 7.22
N LEU A 248 0.92 8.71 7.16
CA LEU A 248 1.72 8.14 6.09
C LEU A 248 2.15 6.73 6.47
N VAL A 249 1.94 5.79 5.55
CA VAL A 249 2.33 4.40 5.73
C VAL A 249 3.28 4.01 4.61
N GLN A 250 4.32 3.26 4.94
CA GLN A 250 5.31 2.82 3.97
C GLN A 250 5.49 1.31 4.12
N PHE A 251 5.29 0.59 3.03
CA PHE A 251 5.39 -0.86 3.04
C PHE A 251 6.84 -1.31 2.94
N ASN A 252 7.14 -2.43 3.60
CA ASN A 252 8.43 -3.10 3.41
C ASN A 252 8.39 -4.06 2.24
N THR A 253 7.23 -4.63 1.94
CA THR A 253 7.02 -5.48 0.79
C THR A 253 6.03 -4.81 -0.16
N PRO A 254 6.37 -4.63 -1.43
CA PRO A 254 5.46 -3.95 -2.35
C PRO A 254 4.35 -4.87 -2.81
N VAL A 255 3.15 -4.33 -2.86
CA VAL A 255 2.00 -5.03 -3.44
C VAL A 255 1.88 -4.60 -4.89
N GLN A 256 1.37 -5.49 -5.73
CA GLN A 256 1.27 -5.23 -7.15
C GLN A 256 -0.18 -4.91 -7.52
N ILE A 257 -0.36 -3.92 -8.38
CA ILE A 257 -1.67 -3.46 -8.81
C ILE A 257 -1.65 -3.29 -10.32
N ASN A 258 -2.66 -3.86 -10.99
CA ASN A 258 -2.78 -3.81 -12.45
C ASN A 258 -4.01 -3.01 -12.82
N CYS A 259 -3.81 -1.89 -13.51
CA CYS A 259 -4.89 -1.06 -14.01
C CYS A 259 -4.91 -1.12 -15.53
N THR A 260 -6.10 -1.31 -16.10
CA THR A 260 -6.25 -1.41 -17.55
C THR A 260 -7.50 -0.68 -17.98
N ARG A 261 -7.49 -0.19 -19.23
CA ARG A 261 -8.65 0.38 -19.89
C ARG A 261 -8.93 -0.48 -21.11
N PRO A 262 -9.77 -1.51 -20.97
CA PRO A 262 -9.91 -2.49 -22.07
C PRO A 262 -10.43 -1.90 -23.36
N ASN A 263 -11.09 -0.73 -23.33
CA ASN A 263 -11.67 -0.18 -24.54
C ASN A 263 -10.59 0.19 -25.55
N ASN A 264 -10.82 -0.19 -26.80
CA ASN A 264 -9.88 0.08 -27.90
C ASN A 264 -10.23 1.42 -28.55
N ASN A 265 -10.08 2.47 -27.76
CA ASN A 265 -10.43 3.81 -28.20
C ASN A 265 -9.69 4.17 -29.49
N THR A 266 -10.06 5.32 -30.05
CA THR A 266 -9.45 5.83 -31.28
C THR A 266 -9.34 7.34 -31.18
N ARG A 267 -8.32 7.89 -31.85
CA ARG A 267 -8.05 9.32 -31.82
C ARG A 267 -8.58 9.96 -33.11
N LYS A 268 -9.44 10.96 -32.95
CA LYS A 268 -10.02 11.69 -34.07
C LYS A 268 -9.41 13.09 -34.07
N SER A 269 -8.58 13.38 -35.07
CA SER A 269 -7.89 14.66 -35.17
C SER A 269 -8.74 15.60 -36.02
N ILE A 270 -9.39 16.57 -35.37
CA ILE A 270 -10.28 17.51 -36.04
C ILE A 270 -9.69 18.91 -35.90
N ARG A 271 -9.34 19.50 -37.04
CA ARG A 271 -8.75 20.83 -37.04
C ARG A 271 -9.80 21.89 -36.71
N ILE A 272 -9.49 22.75 -35.74
CA ILE A 272 -10.40 23.77 -35.26
C ILE A 272 -9.87 25.18 -35.51
N GLY A 273 -8.85 25.32 -36.36
CA GLY A 273 -8.29 26.61 -36.67
C GLY A 273 -6.99 26.51 -37.43
N PRO A 274 -6.46 27.66 -37.86
CA PRO A 274 -5.17 27.63 -38.57
C PRO A 274 -4.04 27.16 -37.68
N GLY A 275 -3.60 25.92 -37.88
CA GLY A 275 -2.59 25.31 -37.04
C GLY A 275 -3.14 24.58 -35.82
N GLN A 276 -4.22 25.10 -35.24
CA GLN A 276 -4.82 24.46 -34.07
C GLN A 276 -5.40 23.10 -34.47
N TRP A 277 -5.15 22.10 -33.63
CA TRP A 277 -5.67 20.75 -33.82
C TRP A 277 -6.26 20.25 -32.52
N PHE A 278 -7.49 19.75 -32.58
CA PHE A 278 -8.17 19.16 -31.44
C PHE A 278 -8.29 17.65 -31.67
N TYR A 279 -7.96 16.87 -30.64
CA TYR A 279 -7.96 15.42 -30.72
C TYR A 279 -9.13 14.89 -29.90
N ALA A 280 -10.18 14.46 -30.60
CA ALA A 280 -11.38 13.94 -29.96
C ALA A 280 -11.36 12.43 -29.94
N THR A 281 -12.18 11.85 -29.06
CA THR A 281 -12.28 10.41 -28.97
C THR A 281 -13.02 9.88 -30.19
N GLY A 282 -12.56 8.77 -30.76
CA GLY A 282 -13.20 8.18 -31.92
C GLY A 282 -14.04 7.02 -31.43
N ASP A 283 -15.18 6.76 -32.07
CA ASP A 283 -16.00 5.66 -31.60
C ASP A 283 -15.12 4.49 -31.17
N ILE A 284 -15.53 3.84 -30.08
CA ILE A 284 -14.77 2.70 -29.55
C ILE A 284 -14.89 1.52 -30.51
N ILE A 285 -13.80 0.78 -30.65
CA ILE A 285 -13.75 -0.42 -31.49
C ILE A 285 -13.73 -1.64 -30.57
N GLY A 286 -14.78 -2.44 -30.64
CA GLY A 286 -14.89 -3.63 -29.81
C GLY A 286 -15.85 -3.43 -28.66
N ASP A 287 -15.81 -4.41 -27.75
CA ASP A 287 -16.70 -4.41 -26.59
C ASP A 287 -16.56 -3.10 -25.81
N ILE A 288 -17.52 -2.87 -24.92
CA ILE A 288 -17.53 -1.69 -24.06
C ILE A 288 -17.32 -2.19 -22.64
N ARG A 289 -16.09 -2.09 -22.16
CA ARG A 289 -15.73 -2.47 -20.81
C ARG A 289 -15.15 -1.26 -20.08
N GLN A 290 -15.34 -1.21 -18.76
CA GLN A 290 -14.85 -0.11 -17.96
C GLN A 290 -13.50 -0.45 -17.35
N ALA A 291 -12.70 0.59 -17.11
CA ALA A 291 -11.37 0.40 -16.56
C ALA A 291 -11.45 -0.10 -15.13
N HIS A 292 -10.42 -0.84 -14.72
CA HIS A 292 -10.39 -1.45 -13.40
C HIS A 292 -8.97 -1.90 -13.10
N CYS A 293 -8.65 -1.93 -11.80
CA CYS A 293 -7.36 -2.42 -11.32
C CYS A 293 -7.55 -3.70 -10.52
N ASN A 294 -6.53 -4.55 -10.52
CA ASN A 294 -6.55 -5.78 -9.76
C ASN A 294 -5.43 -5.78 -8.72
N VAL A 295 -5.73 -6.39 -7.58
CA VAL A 295 -4.77 -6.55 -6.49
C VAL A 295 -4.95 -7.95 -5.92
N SER A 296 -3.82 -8.62 -5.65
CA SER A 296 -3.88 -9.95 -5.08
C SER A 296 -4.42 -9.89 -3.66
N LYS A 297 -5.51 -10.63 -3.40
CA LYS A 297 -6.10 -10.61 -2.07
C LYS A 297 -5.19 -11.24 -1.03
N ALA A 298 -4.40 -12.24 -1.42
CA ALA A 298 -3.48 -12.86 -0.47
C ALA A 298 -2.43 -11.86 -0.01
N THR A 299 -1.77 -11.19 -0.94
CA THR A 299 -0.73 -10.23 -0.58
C THR A 299 -1.31 -9.04 0.16
N TRP A 300 -2.46 -8.51 -0.30
CA TRP A 300 -3.04 -7.35 0.35
C TRP A 300 -3.53 -7.68 1.75
N ASN A 301 -4.14 -8.86 1.93
CA ASN A 301 -4.54 -9.26 3.27
C ASN A 301 -3.32 -9.47 4.16
N GLU A 302 -2.24 -10.01 3.60
CA GLU A 302 -1.00 -10.15 4.33
C GLU A 302 -0.39 -8.77 4.63
N THR A 303 -0.32 -7.91 3.61
CA THR A 303 0.25 -6.58 3.82
C THR A 303 -0.60 -5.76 4.78
N LEU A 304 -1.93 -5.92 4.71
CA LEU A 304 -2.80 -5.19 5.62
C LEU A 304 -2.68 -5.69 7.05
N GLY A 305 -2.40 -6.99 7.22
CA GLY A 305 -2.17 -7.50 8.57
C GLY A 305 -0.88 -6.97 9.18
N LYS A 306 0.18 -6.87 8.38
CA LYS A 306 1.41 -6.28 8.87
C LYS A 306 1.23 -4.83 9.27
N VAL A 307 0.26 -4.14 8.66
CA VAL A 307 0.00 -2.75 9.02
C VAL A 307 -0.67 -2.66 10.38
N VAL A 308 -1.63 -3.56 10.64
CA VAL A 308 -2.36 -3.49 11.91
C VAL A 308 -1.45 -3.82 13.08
N LYS A 309 -0.40 -4.62 12.86
CA LYS A 309 0.54 -4.91 13.94
C LYS A 309 1.28 -3.66 14.37
N GLN A 310 1.78 -2.89 13.40
CA GLN A 310 2.41 -1.61 13.71
C GLN A 310 1.40 -0.57 14.18
N LEU A 311 0.13 -0.72 13.80
CA LEU A 311 -0.89 0.22 14.25
C LEU A 311 -1.19 0.04 15.74
N ARG A 312 -1.24 -1.22 16.20
CA ARG A 312 -1.50 -1.47 17.61
C ARG A 312 -0.37 -0.97 18.51
N LYS A 313 0.84 -0.83 17.96
CA LYS A 313 1.95 -0.31 18.75
C LYS A 313 1.71 1.14 19.19
N HIS A 314 0.73 1.82 18.60
CA HIS A 314 0.41 3.19 18.96
C HIS A 314 -1.02 3.35 19.48
N PHE A 315 -1.83 2.30 19.44
CA PHE A 315 -3.21 2.36 19.91
C PHE A 315 -3.51 1.23 20.89
N GLY A 316 -2.49 0.77 21.62
CA GLY A 316 -2.67 -0.34 22.54
C GLY A 316 -2.37 -1.68 21.90
N ASN A 317 -1.67 -2.55 22.65
CA ASN A 317 -1.28 -3.84 22.10
C ASN A 317 -2.48 -4.67 21.66
N ASN A 318 -3.68 -4.35 22.13
CA ASN A 318 -4.91 -5.02 21.71
C ASN A 318 -6.02 -3.98 21.62
N THR A 319 -6.63 -3.88 20.44
CA THR A 319 -7.72 -2.94 20.23
C THR A 319 -8.42 -3.27 18.92
N ILE A 320 -9.62 -2.71 18.75
CA ILE A 320 -10.43 -2.96 17.57
C ILE A 320 -9.97 -2.02 16.46
N ILE A 321 -9.52 -2.60 15.34
CA ILE A 321 -9.04 -1.84 14.20
C ILE A 321 -9.87 -2.24 12.98
N ARG A 322 -10.76 -1.35 12.55
CA ARG A 322 -11.60 -1.58 11.38
C ARG A 322 -11.14 -0.68 10.24
N PHE A 323 -11.66 -0.97 9.05
CA PHE A 323 -11.34 -0.21 7.85
C PHE A 323 -12.62 0.06 7.07
N ALA A 324 -12.83 1.31 6.67
CA ALA A 324 -14.00 1.73 5.92
C ALA A 324 -13.56 2.55 4.71
N ASN A 325 -14.52 2.85 3.84
CA ASN A 325 -14.20 3.64 2.66
C ASN A 325 -14.25 5.13 2.97
N SER A 326 -13.66 5.91 2.08
CA SER A 326 -13.65 7.36 2.25
C SER A 326 -15.07 7.90 2.30
N SER A 327 -15.37 8.69 3.33
CA SER A 327 -16.69 9.27 3.53
C SER A 327 -16.67 10.79 3.45
N GLY A 328 -15.54 11.39 3.09
CA GLY A 328 -15.45 12.83 3.01
C GLY A 328 -14.97 13.28 1.64
N GLY A 329 -15.34 14.51 1.29
CA GLY A 329 -14.97 15.07 0.01
C GLY A 329 -15.60 14.34 -1.15
N ASP A 330 -15.26 14.79 -2.35
CA ASP A 330 -15.78 14.21 -3.59
C ASP A 330 -14.69 14.21 -4.65
N LEU A 331 -14.95 13.50 -5.74
CA LEU A 331 -14.10 13.53 -6.91
C LEU A 331 -12.71 13.00 -6.63
N GLU A 332 -11.74 13.91 -6.43
CA GLU A 332 -10.35 13.49 -6.32
C GLU A 332 -10.07 12.79 -5.00
N VAL A 333 -10.59 13.32 -3.89
CA VAL A 333 -10.23 12.79 -2.58
C VAL A 333 -10.91 11.46 -2.28
N THR A 334 -12.01 11.14 -2.97
CA THR A 334 -12.74 9.92 -2.68
C THR A 334 -12.29 8.73 -3.52
N THR A 335 -11.51 8.96 -4.57
CA THR A 335 -11.08 7.89 -5.46
C THR A 335 -9.55 7.88 -5.59
N HIS A 336 -8.99 6.69 -5.73
CA HIS A 336 -7.57 6.51 -5.95
C HIS A 336 -7.22 7.06 -7.33
N SER A 337 -7.09 8.38 -7.41
CA SER A 337 -6.77 9.04 -8.66
C SER A 337 -5.29 8.91 -8.98
N PHE A 338 -4.98 8.83 -10.26
CA PHE A 338 -3.60 8.74 -10.73
C PHE A 338 -3.63 8.80 -12.26
N ASN A 339 -2.43 8.75 -12.85
CA ASN A 339 -2.27 8.76 -14.30
C ASN A 339 -1.62 7.46 -14.75
N CYS A 340 -1.94 7.04 -15.98
CA CYS A 340 -1.48 5.75 -16.49
C CYS A 340 -1.50 5.81 -18.01
N GLY A 341 -0.33 5.99 -18.62
CA GLY A 341 -0.21 6.07 -20.06
C GLY A 341 -0.78 7.31 -20.70
N GLY A 342 -1.28 8.26 -19.91
CA GLY A 342 -1.90 9.46 -20.44
C GLY A 342 -3.36 9.62 -20.10
N GLU A 343 -4.02 8.56 -19.61
CA GLU A 343 -5.41 8.63 -19.17
C GLU A 343 -5.45 8.71 -17.65
N PHE A 344 -6.37 9.51 -17.13
CA PHE A 344 -6.47 9.78 -15.69
C PHE A 344 -7.56 8.88 -15.10
N PHE A 345 -7.14 7.94 -14.26
CA PHE A 345 -8.05 6.97 -13.66
C PHE A 345 -8.56 7.48 -12.31
N TYR A 346 -9.76 7.02 -11.95
CA TYR A 346 -10.38 7.34 -10.67
C TYR A 346 -11.07 6.08 -10.19
N CYS A 347 -10.47 5.40 -9.22
CA CYS A 347 -10.92 4.09 -8.79
C CYS A 347 -11.59 4.15 -7.42
N ASP A 348 -12.57 3.27 -7.22
CA ASP A 348 -13.25 3.13 -5.93
C ASP A 348 -12.48 2.11 -5.10
N THR A 349 -12.01 2.53 -3.92
CA THR A 349 -11.18 1.71 -3.07
C THR A 349 -11.97 1.05 -1.93
N SER A 350 -13.30 1.04 -2.02
CA SER A 350 -14.10 0.43 -0.96
C SER A 350 -13.77 -1.03 -0.78
N GLY A 351 -13.32 -1.71 -1.83
CA GLY A 351 -12.99 -3.12 -1.75
C GLY A 351 -11.72 -3.41 -0.98
N LEU A 352 -10.83 -2.43 -0.86
CA LEU A 352 -9.55 -2.64 -0.16
C LEU A 352 -9.63 -2.30 1.32
N PHE A 353 -10.41 -1.27 1.67
CA PHE A 353 -10.53 -0.82 3.05
C PHE A 353 -11.91 -1.21 3.59
N ASN A 354 -12.12 -2.51 3.74
CA ASN A 354 -13.42 -3.06 4.08
C ASN A 354 -13.20 -4.31 4.93
N SER A 355 -12.64 -4.11 6.12
CA SER A 355 -12.31 -5.22 7.00
C SER A 355 -12.49 -4.78 8.45
N THR A 356 -12.15 -5.69 9.37
CA THR A 356 -12.18 -5.41 10.80
C THR A 356 -11.23 -6.38 11.49
N TRP A 357 -10.32 -5.84 12.29
CA TRP A 357 -9.23 -6.63 12.87
C TRP A 357 -9.32 -6.62 14.39
N ILE A 358 -9.10 -7.79 14.99
CA ILE A 358 -9.10 -7.96 16.43
C ILE A 358 -8.18 -9.11 16.78
N SER A 359 -7.74 -9.14 18.04
CA SER A 359 -6.83 -10.19 18.51
C SER A 359 -5.56 -10.23 17.67
N ASN A 372 -5.36 -15.37 -8.84
CA ASN A 372 -5.60 -16.14 -7.63
C ASN A 372 -6.47 -15.35 -6.66
N ASP A 373 -7.79 -15.34 -6.91
CA ASP A 373 -8.74 -14.65 -6.05
C ASP A 373 -8.36 -13.18 -5.89
N SER A 374 -8.03 -12.54 -7.01
CA SER A 374 -7.55 -11.17 -6.99
C SER A 374 -8.72 -10.20 -6.84
N ILE A 375 -8.55 -9.22 -5.95
CA ILE A 375 -9.57 -8.20 -5.77
C ILE A 375 -9.61 -7.30 -6.99
N THR A 376 -10.82 -6.85 -7.34
CA THR A 376 -11.02 -5.97 -8.49
C THR A 376 -11.62 -4.65 -8.02
N LEU A 377 -11.20 -3.56 -8.66
CA LEU A 377 -11.63 -2.22 -8.27
C LEU A 377 -12.22 -1.51 -9.48
N PRO A 378 -13.40 -0.90 -9.34
CA PRO A 378 -13.98 -0.14 -10.46
C PRO A 378 -13.26 1.19 -10.63
N CYS A 379 -12.90 1.52 -11.86
CA CYS A 379 -12.18 2.75 -12.17
C CYS A 379 -12.90 3.50 -13.28
N ARG A 380 -13.22 4.76 -13.03
CA ARG A 380 -13.80 5.65 -14.02
C ARG A 380 -12.73 6.62 -14.51
N ILE A 381 -12.92 7.12 -15.73
CA ILE A 381 -11.92 7.96 -16.37
C ILE A 381 -12.51 9.33 -16.66
N LYS A 382 -11.64 10.34 -16.65
CA LYS A 382 -11.98 11.71 -17.03
C LYS A 382 -10.92 12.23 -17.97
N GLN A 383 -11.29 13.22 -18.78
CA GLN A 383 -10.35 13.94 -19.63
C GLN A 383 -10.22 15.41 -19.27
N ILE A 384 -11.10 15.94 -18.42
CA ILE A 384 -11.02 17.31 -17.92
C ILE A 384 -10.71 17.22 -16.44
N ILE A 385 -9.59 17.81 -16.03
CA ILE A 385 -9.08 17.65 -14.67
C ILE A 385 -8.57 18.98 -14.14
N ASN A 386 -8.61 19.13 -12.81
CA ASN A 386 -8.12 20.32 -12.11
C ASN A 386 -7.32 19.82 -10.91
N MET A 387 -6.04 19.51 -11.16
CA MET A 387 -5.21 18.90 -10.12
C MET A 387 -4.53 19.96 -9.26
N TRP A 388 -4.16 19.54 -8.06
CA TRP A 388 -3.49 20.41 -7.08
C TRP A 388 -4.36 21.61 -6.71
N GLN A 389 -5.67 21.40 -6.65
CA GLN A 389 -6.60 22.45 -6.21
C GLN A 389 -6.51 23.67 -7.12
N ARG A 390 -6.11 23.45 -8.37
CA ARG A 390 -5.93 24.55 -9.31
C ARG A 390 -7.27 25.17 -9.66
N ILE A 391 -7.40 26.48 -9.44
CA ILE A 391 -8.61 27.23 -9.73
C ILE A 391 -8.31 28.21 -10.85
N GLY A 392 -8.92 27.99 -12.01
CA GLY A 392 -8.77 28.92 -13.12
C GLY A 392 -8.34 28.27 -14.42
N GLN A 393 -7.65 27.13 -14.34
CA GLN A 393 -7.14 26.44 -15.51
C GLN A 393 -7.46 24.95 -15.40
N ALA A 394 -8.20 24.43 -16.38
CA ALA A 394 -8.42 23.00 -16.52
C ALA A 394 -7.67 22.49 -17.73
N MET A 395 -7.38 21.18 -17.74
CA MET A 395 -6.65 20.55 -18.82
C MET A 395 -7.46 19.42 -19.42
N TYR A 396 -7.39 19.28 -20.74
CA TYR A 396 -8.06 18.21 -21.47
C TYR A 396 -7.01 17.20 -21.89
N ALA A 397 -7.08 16.00 -21.33
CA ALA A 397 -6.16 14.93 -21.66
C ALA A 397 -6.57 14.30 -22.99
N PRO A 398 -5.77 14.48 -24.04
CA PRO A 398 -6.14 13.91 -25.33
C PRO A 398 -6.31 12.41 -25.22
N PRO A 399 -7.21 11.82 -26.01
CA PRO A 399 -7.42 10.38 -25.93
C PRO A 399 -6.17 9.61 -26.33
N ILE A 400 -5.98 8.46 -25.71
CA ILE A 400 -4.84 7.59 -25.97
C ILE A 400 -5.32 6.44 -26.86
N GLN A 401 -4.66 6.27 -28.00
CA GLN A 401 -5.06 5.26 -28.97
C GLN A 401 -4.65 3.87 -28.50
N GLY A 402 -5.54 2.90 -28.69
CA GLY A 402 -5.26 1.53 -28.30
C GLY A 402 -5.68 1.23 -26.88
N VAL A 403 -5.31 0.03 -26.44
CA VAL A 403 -5.61 -0.43 -25.09
C VAL A 403 -4.50 0.03 -24.15
N ILE A 404 -4.87 0.42 -22.94
CA ILE A 404 -3.94 0.96 -21.95
C ILE A 404 -3.84 -0.02 -20.80
N ARG A 405 -2.61 -0.32 -20.39
CA ARG A 405 -2.36 -1.22 -19.27
C ARG A 405 -1.01 -0.87 -18.65
N CYS A 406 -1.02 -0.63 -17.34
CA CYS A 406 0.19 -0.24 -16.62
C CYS A 406 0.24 -1.01 -15.30
N VAL A 407 1.37 -1.65 -15.03
CA VAL A 407 1.59 -2.36 -13.77
C VAL A 407 2.41 -1.47 -12.86
N SER A 408 1.88 -1.17 -11.67
CA SER A 408 2.51 -0.23 -10.77
C SER A 408 2.70 -0.85 -9.40
N ASN A 409 3.63 -0.26 -8.64
CA ASN A 409 3.94 -0.66 -7.28
C ASN A 409 3.16 0.20 -6.29
N ILE A 410 2.42 -0.45 -5.41
CA ILE A 410 1.73 0.23 -4.31
C ILE A 410 2.61 0.07 -3.08
N THR A 411 3.41 1.10 -2.78
CA THR A 411 4.38 1.05 -1.70
C THR A 411 3.88 1.68 -0.41
N GLY A 412 3.00 2.67 -0.49
CA GLY A 412 2.56 3.39 0.70
C GLY A 412 1.06 3.63 0.68
N LEU A 413 0.59 4.24 1.78
CA LEU A 413 -0.82 4.57 1.94
C LEU A 413 -0.93 5.95 2.58
N ILE A 414 -2.16 6.45 2.64
CA ILE A 414 -2.48 7.71 3.30
C ILE A 414 -3.83 7.52 3.98
N LEU A 415 -3.82 7.40 5.30
CA LEU A 415 -5.01 7.07 6.07
C LEU A 415 -5.46 8.29 6.87
N THR A 416 -6.52 8.08 7.65
CA THR A 416 -7.09 9.13 8.50
C THR A 416 -8.10 8.49 9.44
N ARG A 417 -8.09 8.92 10.69
CA ARG A 417 -9.07 8.43 11.65
C ARG A 417 -10.40 9.14 11.46
N ASP A 418 -11.46 8.50 11.95
CA ASP A 418 -12.79 9.08 11.89
C ASP A 418 -13.06 10.06 13.02
N GLY A 419 -12.34 9.94 14.12
CA GLY A 419 -12.60 10.81 15.27
C GLY A 419 -13.90 10.46 15.97
N GLY A 420 -14.27 11.33 16.89
CA GLY A 420 -15.47 11.15 17.68
C GLY A 420 -15.16 10.91 19.15
N SER A 421 -16.21 10.63 19.91
CA SER A 421 -16.10 10.41 21.35
C SER A 421 -16.09 8.94 21.72
N THR A 422 -15.69 8.07 20.81
CA THR A 422 -15.60 6.65 21.12
C THR A 422 -14.58 6.41 22.22
N ASP A 423 -14.98 5.67 23.25
CA ASP A 423 -14.16 5.46 24.43
C ASP A 423 -12.98 4.53 24.12
N SER A 424 -12.26 4.82 23.04
CA SER A 424 -11.07 4.08 22.66
C SER A 424 -11.34 2.58 22.51
N THR A 425 -12.61 2.19 22.55
CA THR A 425 -12.94 0.77 22.42
C THR A 425 -12.68 0.27 21.01
N THR A 426 -12.94 1.10 20.01
CA THR A 426 -12.73 0.74 18.61
C THR A 426 -12.10 1.91 17.87
N GLU A 427 -11.27 1.60 16.89
CA GLU A 427 -10.58 2.60 16.08
C GLU A 427 -10.83 2.31 14.61
N THR A 428 -11.24 3.33 13.86
CA THR A 428 -11.58 3.20 12.45
C THR A 428 -10.61 4.02 11.60
N PHE A 429 -10.22 3.46 10.46
CA PHE A 429 -9.24 4.08 9.57
C PHE A 429 -9.81 4.14 8.16
N ARG A 430 -9.86 5.35 7.61
CA ARG A 430 -10.32 5.58 6.24
C ARG A 430 -9.21 6.23 5.43
N PRO A 431 -9.15 5.95 4.13
CA PRO A 431 -8.17 6.63 3.27
C PRO A 431 -8.60 8.07 3.00
N SER A 432 -7.66 8.85 2.47
CA SER A 432 -7.93 10.23 2.13
C SER A 432 -6.78 10.75 1.28
N GLY A 433 -6.99 11.93 0.70
CA GLY A 433 -5.97 12.61 -0.08
C GLY A 433 -6.05 14.10 0.11
N GLY A 434 -6.03 14.53 1.39
CA GLY A 434 -6.24 15.94 1.69
C GLY A 434 -5.30 16.87 0.95
N ASP A 435 -4.02 16.52 0.88
CA ASP A 435 -3.03 17.39 0.26
C ASP A 435 -2.10 16.56 -0.61
N MET A 436 -1.60 17.19 -1.67
CA MET A 436 -0.66 16.55 -2.58
C MET A 436 0.76 16.52 -2.02
N ARG A 437 1.06 17.38 -1.04
CA ARG A 437 2.41 17.42 -0.49
C ARG A 437 2.77 16.14 0.25
N ASP A 438 1.78 15.47 0.84
CA ASP A 438 2.04 14.23 1.57
C ASP A 438 2.71 13.19 0.68
N ASN A 439 2.48 13.27 -0.63
CA ASN A 439 3.16 12.35 -1.54
C ASN A 439 4.66 12.63 -1.59
N TRP A 440 5.05 13.91 -1.55
CA TRP A 440 6.46 14.25 -1.58
C TRP A 440 7.13 13.91 -0.25
N ARG A 441 6.43 14.12 0.86
CA ARG A 441 6.97 13.75 2.16
C ARG A 441 7.24 12.26 2.28
N SER A 442 6.55 11.44 1.49
CA SER A 442 6.79 10.00 1.52
C SER A 442 8.17 9.63 1.01
N GLU A 443 8.83 10.54 0.29
CA GLU A 443 10.16 10.29 -0.23
C GLU A 443 11.21 11.29 0.25
N LEU A 444 10.79 12.35 0.94
CA LEU A 444 11.72 13.35 1.48
C LEU A 444 11.80 13.29 3.01
N TYR A 445 11.35 12.20 3.62
CA TYR A 445 11.40 12.10 5.07
C TYR A 445 12.84 11.97 5.58
N LYS A 446 13.74 11.45 4.76
CA LYS A 446 15.11 11.18 5.16
C LYS A 446 16.08 12.31 4.86
N TYR A 447 15.68 13.29 4.06
CA TYR A 447 16.59 14.34 3.63
C TYR A 447 16.35 15.63 4.42
N LYS A 448 17.36 16.50 4.39
CA LYS A 448 17.32 17.78 5.09
C LYS A 448 18.43 18.66 4.52
N VAL A 449 18.16 19.96 4.46
CA VAL A 449 19.07 20.92 3.86
C VAL A 449 19.72 21.74 4.97
N VAL A 450 21.04 21.90 4.89
CA VAL A 450 21.81 22.70 5.84
C VAL A 450 22.90 23.43 5.07
N LYS A 451 23.34 24.56 5.62
CA LYS A 451 24.39 25.36 5.02
C LYS A 451 25.68 25.18 5.81
N ILE A 452 26.80 25.13 5.09
CA ILE A 452 28.10 24.91 5.70
C ILE A 452 28.67 26.26 6.11
N GLU A 453 29.00 26.40 7.40
CA GLU A 453 29.65 27.58 7.95
C GLU A 453 31.09 27.22 8.30
N PRO A 454 32.03 27.41 7.38
CA PRO A 454 33.40 26.90 7.57
C PRO A 454 34.33 27.81 8.37
N LEU A 455 33.84 28.89 8.98
CA LEU A 455 34.67 29.80 9.74
C LEU A 455 34.51 29.47 11.22
N GLY A 456 35.57 28.95 11.82
CA GLY A 456 35.59 28.64 13.25
C GLY A 456 36.74 29.35 13.93
N VAL A 457 36.47 29.92 15.10
CA VAL A 457 37.46 30.60 15.91
C VAL A 457 37.58 29.87 17.24
N ALA A 458 38.80 29.48 17.58
CA ALA A 458 39.08 28.72 18.80
C ALA A 458 40.35 29.25 19.44
N PRO A 459 40.49 29.07 20.76
CA PRO A 459 41.70 29.55 21.43
C PRO A 459 42.81 28.50 21.43
N THR A 460 44.03 28.92 21.12
CA THR A 460 45.20 28.06 21.20
C THR A 460 46.35 28.88 21.78
N ARG A 461 47.39 28.17 22.22
CA ARG A 461 48.60 28.82 22.74
C ARG A 461 49.51 29.32 21.62
N CYS A 462 48.93 29.87 20.56
CA CYS A 462 49.67 30.44 19.44
C CYS A 462 49.43 31.94 19.39
N LYS A 463 50.46 32.68 18.99
CA LYS A 463 50.36 34.11 18.80
C LYS A 463 51.03 34.50 17.49
N ARG A 464 50.50 35.54 16.86
CA ARG A 464 51.08 36.04 15.62
C ARG A 464 52.41 36.70 15.90
N ARG A 465 53.36 36.55 14.97
CA ARG A 465 54.68 37.14 15.12
C ARG A 465 54.63 38.62 14.79
N VAL A 466 55.04 39.46 15.74
CA VAL A 466 55.03 40.90 15.51
C VAL A 466 55.98 41.28 14.38
N VAL A 467 57.07 40.53 14.23
CA VAL A 467 58.07 40.77 13.19
C VAL A 467 58.34 42.26 12.98
N VAL B 7 44.49 9.43 5.60
CA VAL B 7 43.17 8.91 5.92
C VAL B 7 42.08 9.93 5.62
N PHE B 8 41.30 9.67 4.58
CA PHE B 8 40.21 10.57 4.18
C PHE B 8 38.86 9.88 4.30
N LEU B 9 37.91 10.55 4.95
CA LEU B 9 36.57 10.01 5.14
C LEU B 9 35.59 10.64 4.16
N GLY B 10 35.88 11.86 3.73
CA GLY B 10 35.03 12.56 2.79
C GLY B 10 34.55 13.88 3.38
N PHE B 11 33.77 14.58 2.57
CA PHE B 11 33.22 15.87 2.94
C PHE B 11 32.47 15.80 4.27
N LEU B 12 32.87 16.66 5.21
CA LEU B 12 32.27 16.70 6.54
C LEU B 12 32.42 15.39 7.31
N GLY B 13 33.40 14.57 6.96
CA GLY B 13 33.55 13.28 7.62
C GLY B 13 33.83 13.40 9.12
N ALA B 14 34.62 14.39 9.51
CA ALA B 14 35.00 14.56 10.92
C ALA B 14 34.05 15.50 11.68
N ALA B 15 32.80 15.60 11.25
CA ALA B 15 31.85 16.49 11.91
C ALA B 15 31.52 16.04 13.33
N GLY B 16 31.61 14.75 13.60
CA GLY B 16 31.45 14.21 14.94
C GLY B 16 32.72 13.92 15.68
N SER B 17 33.88 14.24 15.12
CA SER B 17 35.15 14.01 15.79
C SER B 17 35.51 15.20 16.67
N THR B 18 36.54 15.01 17.49
CA THR B 18 37.04 16.10 18.32
C THR B 18 37.60 17.21 17.45
N MET B 19 37.58 18.44 17.99
CA MET B 19 38.03 19.59 17.23
C MET B 19 39.46 19.42 16.74
N GLY B 20 40.31 18.76 17.54
CA GLY B 20 41.68 18.56 17.10
C GLY B 20 41.76 17.64 15.90
N ALA B 21 40.96 16.56 15.91
CA ALA B 21 40.97 15.65 14.77
C ALA B 21 40.37 16.30 13.53
N ALA B 22 39.30 17.08 13.70
CA ALA B 22 38.67 17.72 12.56
C ALA B 22 39.58 18.79 11.96
N SER B 23 40.37 19.47 12.78
CA SER B 23 41.25 20.54 12.32
C SER B 23 42.31 20.05 11.35
N MET B 24 42.52 18.73 11.26
CA MET B 24 43.52 18.16 10.38
C MET B 24 43.03 18.05 8.93
N THR B 25 41.72 17.88 8.74
CA THR B 25 41.18 17.75 7.39
C THR B 25 40.33 18.95 7.01
N LEU B 26 40.89 20.16 7.14
CA LEU B 26 40.17 21.34 6.68
C LEU B 26 40.24 21.50 5.17
N THR B 27 41.24 20.91 4.52
CA THR B 27 41.30 20.93 3.06
C THR B 27 40.07 20.27 2.42
N VAL B 28 39.53 19.25 3.09
CA VAL B 28 38.39 18.51 2.53
C VAL B 28 37.18 19.43 2.38
N GLN B 29 36.88 20.20 3.43
CA GLN B 29 35.78 21.14 3.35
C GLN B 29 36.10 22.33 2.45
N ALA B 30 37.38 22.64 2.27
CA ALA B 30 37.74 23.81 1.46
C ALA B 30 37.54 23.53 -0.03
N ARG B 31 37.80 22.30 -0.47
CA ARG B 31 37.64 21.96 -1.88
C ARG B 31 36.18 22.06 -2.29
N ASN B 32 35.34 21.22 -1.67
CA ASN B 32 33.95 21.09 -2.08
C ASN B 32 33.11 22.25 -1.57
N LEU B 33 33.75 23.35 -1.21
CA LEU B 33 33.03 24.51 -0.71
C LEU B 33 32.63 25.48 -1.80
N LEU B 34 33.22 25.39 -2.98
CA LEU B 34 32.93 26.30 -4.08
C LEU B 34 32.53 25.60 -5.36
N SER B 35 33.15 24.47 -5.68
CA SER B 35 32.84 23.75 -6.92
C SER B 35 31.77 22.70 -6.69
N LEU B 54 14.84 26.84 -27.17
CA LEU B 54 15.32 28.13 -27.64
C LEU B 54 15.51 29.09 -26.48
N LEU B 55 14.66 28.95 -25.46
CA LEU B 55 14.66 29.82 -24.30
C LEU B 55 15.22 29.08 -23.10
N LYS B 56 16.24 29.65 -22.46
CA LYS B 56 16.79 29.12 -21.23
C LYS B 56 16.05 29.63 -19.99
N LEU B 57 14.80 30.06 -20.15
CA LEU B 57 14.01 30.60 -19.05
C LEU B 57 13.28 29.52 -18.26
N THR B 58 13.65 28.25 -18.44
CA THR B 58 12.99 27.18 -17.73
C THR B 58 13.08 27.40 -16.22
N VAL B 59 12.11 26.83 -15.50
CA VAL B 59 12.12 26.92 -14.04
C VAL B 59 13.44 26.39 -13.48
N TRP B 60 14.02 25.38 -14.11
CA TRP B 60 15.32 24.88 -13.67
C TRP B 60 16.42 25.89 -13.97
N GLY B 61 16.39 26.50 -15.14
CA GLY B 61 17.43 27.46 -15.49
C GLY B 61 17.48 28.64 -14.53
N ILE B 62 16.32 29.16 -14.14
CA ILE B 62 16.29 30.26 -13.19
C ILE B 62 16.77 29.81 -11.82
N LYS B 63 16.40 28.59 -11.41
CA LYS B 63 16.87 28.07 -10.13
C LYS B 63 18.38 27.84 -10.17
N GLN B 64 18.87 27.18 -11.22
CA GLN B 64 20.30 26.89 -11.31
C GLN B 64 21.11 28.17 -11.26
N LEU B 65 20.85 29.11 -12.18
CA LEU B 65 21.62 30.33 -12.24
C LEU B 65 21.58 31.07 -10.90
N GLN B 66 20.41 31.12 -10.27
CA GLN B 66 20.31 31.76 -8.96
C GLN B 66 21.05 30.97 -7.88
N ALA B 67 21.08 29.65 -8.02
CA ALA B 67 21.84 28.83 -7.08
C ALA B 67 23.34 29.05 -7.25
N ARG B 68 23.82 29.14 -8.50
CA ARG B 68 25.23 29.35 -8.73
C ARG B 68 25.68 30.69 -8.17
N VAL B 69 24.88 31.73 -8.35
CA VAL B 69 25.23 33.04 -7.81
C VAL B 69 25.23 33.02 -6.28
N LEU B 70 24.37 32.19 -5.68
CA LEU B 70 24.34 32.11 -4.22
C LEU B 70 25.59 31.42 -3.67
N ALA B 71 26.13 30.45 -4.41
CA ALA B 71 27.29 29.71 -3.93
C ALA B 71 28.53 30.60 -3.91
N VAL B 72 28.80 31.29 -5.02
CA VAL B 72 29.94 32.19 -5.08
C VAL B 72 29.77 33.38 -4.14
N GLU B 73 28.54 33.74 -3.81
CA GLU B 73 28.33 34.87 -2.90
C GLU B 73 28.72 34.49 -1.47
N ARG B 74 28.37 33.28 -1.05
CA ARG B 74 28.78 32.84 0.29
C ARG B 74 30.28 32.59 0.37
N TYR B 75 30.86 32.00 -0.67
CA TYR B 75 32.31 31.75 -0.66
C TYR B 75 33.10 33.04 -0.57
N LEU B 76 32.70 34.06 -1.34
CA LEU B 76 33.44 35.32 -1.36
C LEU B 76 33.30 36.06 -0.04
N ARG B 77 32.20 35.84 0.68
CA ARG B 77 32.03 36.48 1.98
C ARG B 77 33.00 35.91 3.01
N ASP B 78 33.18 34.59 3.04
CA ASP B 78 34.13 34.00 3.98
C ASP B 78 35.56 34.37 3.61
N GLN B 79 35.89 34.33 2.31
CA GLN B 79 37.20 34.79 1.85
C GLN B 79 37.40 36.27 2.11
N GLN B 80 36.32 37.06 2.11
CA GLN B 80 36.43 38.46 2.49
C GLN B 80 36.84 38.61 3.94
N LEU B 81 36.25 37.81 4.84
CA LEU B 81 36.61 37.89 6.25
C LEU B 81 38.06 37.47 6.45
N LEU B 82 38.49 36.41 5.79
CA LEU B 82 39.90 36.02 5.87
C LEU B 82 40.81 37.12 5.36
N GLY B 83 40.34 37.89 4.37
CA GLY B 83 41.16 38.96 3.84
C GLY B 83 41.36 40.08 4.84
N ILE B 84 40.26 40.55 5.44
CA ILE B 84 40.35 41.64 6.41
C ILE B 84 40.94 41.19 7.73
N TRP B 85 41.15 39.89 7.94
CA TRP B 85 41.88 39.38 9.10
C TRP B 85 43.32 39.03 8.76
N GLY B 86 43.76 39.33 7.54
CA GLY B 86 45.12 39.01 7.13
C GLY B 86 45.43 37.54 7.12
N CYS B 87 44.44 36.70 6.82
CA CYS B 87 44.61 35.26 6.84
C CYS B 87 44.17 34.65 5.51
N SER B 88 44.33 35.40 4.42
CA SER B 88 43.73 35.03 3.15
C SER B 88 44.25 33.69 2.66
N GLY B 89 45.56 33.51 2.65
CA GLY B 89 46.19 32.36 2.04
C GLY B 89 46.13 31.07 2.85
N LYS B 90 45.80 31.15 4.14
CA LYS B 90 45.98 30.03 5.04
C LYS B 90 44.64 29.51 5.55
N LEU B 91 44.61 28.21 5.84
CA LEU B 91 43.48 27.57 6.53
C LEU B 91 43.57 27.66 8.04
N ILE B 92 44.80 27.74 8.58
CA ILE B 92 45.05 27.94 10.00
C ILE B 92 45.88 29.21 10.11
N CYS B 93 45.34 30.19 10.82
CA CYS B 93 46.05 31.43 11.06
C CYS B 93 45.96 31.79 12.53
N CYS B 94 47.06 32.32 13.07
CA CYS B 94 47.12 32.80 14.43
C CYS B 94 46.98 34.32 14.45
N THR B 95 46.43 34.84 15.53
CA THR B 95 46.12 36.26 15.60
C THR B 95 46.78 36.87 16.83
N ASN B 96 46.47 38.14 17.10
CA ASN B 96 46.95 38.84 18.28
C ASN B 96 45.89 38.96 19.35
N VAL B 97 44.64 38.61 19.05
CA VAL B 97 43.53 38.77 19.98
C VAL B 97 43.66 37.75 21.09
N PRO B 98 43.74 38.17 22.34
CA PRO B 98 43.76 37.22 23.46
C PRO B 98 42.37 36.66 23.70
N TRP B 99 42.34 35.45 24.27
CA TRP B 99 41.08 34.75 24.47
C TRP B 99 40.47 35.24 25.78
N ASN B 100 39.44 36.08 25.66
CA ASN B 100 38.72 36.54 26.85
C ASN B 100 37.94 35.38 27.45
N SER B 101 38.11 35.18 28.75
CA SER B 101 37.58 33.99 29.41
C SER B 101 36.07 33.99 29.48
N SER B 102 35.44 35.15 29.36
CA SER B 102 33.97 35.18 29.41
C SER B 102 33.36 34.40 28.26
N TRP B 103 34.08 34.25 27.14
CA TRP B 103 33.54 33.51 26.01
C TRP B 103 33.43 32.03 26.35
N SER B 104 34.54 31.41 26.74
CA SER B 104 34.54 30.03 27.23
C SER B 104 35.63 29.88 28.26
N ASN B 105 35.35 29.12 29.32
CA ASN B 105 36.32 28.89 30.39
C ASN B 105 37.05 27.57 30.24
N ARG B 106 36.82 26.83 29.15
CA ARG B 106 37.37 25.48 29.00
C ARG B 106 38.86 25.51 28.67
N ASN B 107 39.58 24.55 29.22
CA ASN B 107 41.01 24.39 28.96
C ASN B 107 41.23 23.77 27.58
N LEU B 108 42.50 23.73 27.16
CA LEU B 108 42.79 23.28 25.81
C LEU B 108 42.42 21.82 25.61
N SER B 109 42.76 20.96 26.57
CA SER B 109 42.44 19.55 26.43
C SER B 109 40.93 19.35 26.39
N GLU B 110 40.19 20.11 27.19
CA GLU B 110 38.74 19.95 27.20
C GLU B 110 38.11 20.45 25.91
N ILE B 111 38.70 21.47 25.29
CA ILE B 111 38.14 22.03 24.06
C ILE B 111 38.44 21.15 22.87
N TRP B 112 39.72 20.78 22.69
CA TRP B 112 40.20 20.12 21.49
C TRP B 112 40.12 18.60 21.55
N ASP B 113 39.90 18.02 22.74
CA ASP B 113 39.87 16.57 22.90
C ASP B 113 38.59 16.10 23.60
N ASN B 114 37.56 16.94 23.64
CA ASN B 114 36.33 16.57 24.32
C ASN B 114 35.12 17.20 23.64
N MET B 115 35.35 18.14 22.73
CA MET B 115 34.26 18.82 22.05
C MET B 115 34.42 18.71 20.55
N THR B 116 33.28 18.73 19.85
CA THR B 116 33.22 18.79 18.40
C THR B 116 32.98 20.24 17.96
N TRP B 117 33.37 20.53 16.73
CA TRP B 117 33.19 21.89 16.21
C TRP B 117 31.73 22.33 16.24
N LEU B 118 30.80 21.38 16.14
CA LEU B 118 29.39 21.73 16.19
C LEU B 118 29.01 22.30 17.54
N GLN B 119 29.17 21.51 18.61
CA GLN B 119 28.85 21.98 19.94
C GLN B 119 29.76 23.13 20.39
N TRP B 120 30.95 23.25 19.80
CA TRP B 120 31.77 24.43 20.07
C TRP B 120 31.14 25.67 19.44
N ASP B 121 30.77 25.59 18.17
CA ASP B 121 30.13 26.72 17.50
C ASP B 121 28.85 27.12 18.20
N LYS B 122 28.16 26.17 18.83
CA LYS B 122 26.95 26.50 19.58
C LYS B 122 27.30 27.22 20.88
N GLU B 123 28.40 26.84 21.53
CA GLU B 123 28.76 27.51 22.78
C GLU B 123 29.30 28.91 22.54
N ILE B 124 29.93 29.15 21.38
CA ILE B 124 30.55 30.45 21.11
C ILE B 124 29.79 31.25 20.07
N SER B 125 28.75 30.70 19.44
CA SER B 125 27.94 31.46 18.50
C SER B 125 27.41 32.75 19.10
N ASN B 126 27.38 32.84 20.43
CA ASN B 126 26.84 34.00 21.11
C ASN B 126 27.77 35.21 20.98
N TYR B 127 29.09 34.99 21.01
CA TYR B 127 30.07 36.07 21.05
C TYR B 127 30.86 36.13 19.75
N THR B 128 30.44 35.37 18.73
CA THR B 128 31.11 35.34 17.45
C THR B 128 31.21 36.72 16.81
N GLN B 129 30.11 37.47 16.80
CA GLN B 129 30.13 38.79 16.18
C GLN B 129 31.11 39.73 16.87
N ILE B 130 31.16 39.70 18.21
CA ILE B 130 32.13 40.52 18.92
C ILE B 130 33.55 40.07 18.57
N ILE B 131 33.78 38.76 18.56
CA ILE B 131 35.11 38.24 18.24
C ILE B 131 35.54 38.61 16.83
N TYR B 132 34.61 38.55 15.87
CA TYR B 132 34.96 38.92 14.50
C TYR B 132 35.36 40.39 14.42
N GLY B 133 34.70 41.26 15.17
CA GLY B 133 35.05 42.67 15.16
C GLY B 133 36.43 42.93 15.72
N LEU B 134 36.75 42.32 16.87
CA LEU B 134 38.10 42.41 17.40
C LEU B 134 39.14 41.80 16.47
N LEU B 135 38.74 40.81 15.65
CA LEU B 135 39.71 40.11 14.82
C LEU B 135 40.17 40.95 13.63
N GLU B 136 39.30 41.80 13.10
CA GLU B 136 39.62 42.67 11.98
C GLU B 136 40.27 43.98 12.42
N GLU B 137 39.95 44.45 13.61
CA GLU B 137 40.43 45.74 14.13
C GLU B 137 41.75 45.58 14.87
N SER B 138 41.80 44.67 15.83
CA SER B 138 42.90 44.63 16.79
C SER B 138 44.24 44.43 16.09
N GLN B 139 44.30 43.52 15.11
CA GLN B 139 45.57 43.27 14.43
C GLN B 139 45.70 43.94 13.07
N ASN B 140 44.93 43.52 12.07
CA ASN B 140 45.28 43.87 10.70
C ASN B 140 45.07 45.35 10.40
N GLN B 141 44.18 46.03 11.12
CA GLN B 141 44.11 47.47 10.95
C GLN B 141 45.20 48.21 11.72
N GLN B 142 45.68 47.63 12.83
CA GLN B 142 46.84 48.17 13.52
C GLN B 142 48.14 47.69 12.89
N GLU B 143 48.17 46.42 12.48
CA GLU B 143 49.37 45.81 11.91
C GLU B 143 49.85 46.50 10.63
N LYS B 144 48.92 46.96 9.79
CA LYS B 144 49.33 47.51 8.50
C LYS B 144 49.96 48.90 8.64
N ASN B 145 49.40 49.75 9.50
CA ASN B 145 50.04 51.05 9.73
C ASN B 145 51.39 50.91 10.40
N GLU B 146 51.50 50.04 11.41
CA GLU B 146 52.81 49.80 12.03
C GLU B 146 53.79 49.15 11.07
N GLN B 147 53.29 48.37 10.10
CA GLN B 147 54.18 47.78 9.09
C GLN B 147 54.76 48.84 8.17
N ASP B 148 53.98 49.88 7.86
CA ASP B 148 54.49 50.96 7.04
C ASP B 148 55.50 51.81 7.81
N LEU B 149 55.21 52.10 9.08
CA LEU B 149 56.15 52.89 9.87
C LEU B 149 57.40 52.10 10.21
N LEU B 150 57.37 50.77 10.14
CA LEU B 150 58.56 49.98 10.45
C LEU B 150 59.46 49.85 9.24
N ALA B 151 58.91 49.46 8.10
CA ALA B 151 59.62 49.44 6.83
C ALA B 151 59.78 50.83 6.24
N LEU B 152 59.47 51.87 7.01
CA LEU B 152 59.64 53.26 6.57
C LEU B 152 61.10 53.66 6.47
N ASP B 153 62.01 52.90 7.09
CA ASP B 153 63.42 53.28 7.11
C ASP B 153 64.29 52.13 6.59
N SER C 5 -34.54 -7.65 -45.74
CA SER C 5 -35.69 -7.50 -46.63
C SER C 5 -35.88 -8.76 -47.47
N TYR C 6 -35.14 -8.86 -48.58
CA TYR C 6 -35.21 -9.99 -49.48
C TYR C 6 -33.84 -10.67 -49.55
N VAL C 7 -33.79 -11.78 -50.29
CA VAL C 7 -32.63 -12.66 -50.25
C VAL C 7 -31.50 -12.09 -51.10
N ARG C 8 -30.27 -12.41 -50.72
CA ARG C 8 -29.07 -12.10 -51.48
C ARG C 8 -28.53 -13.38 -52.11
N PRO C 9 -28.15 -13.36 -53.39
CA PRO C 9 -27.76 -14.60 -54.06
C PRO C 9 -26.27 -14.90 -54.03
N LEU C 10 -25.97 -16.20 -53.92
CA LEU C 10 -24.61 -16.72 -53.93
C LEU C 10 -24.54 -17.95 -54.83
N SER C 11 -23.47 -18.05 -55.61
CA SER C 11 -23.30 -19.13 -56.57
C SER C 11 -21.93 -19.78 -56.38
N VAL C 12 -21.91 -21.12 -56.37
CA VAL C 12 -20.70 -21.89 -56.11
C VAL C 12 -20.63 -23.04 -57.10
N ALA C 13 -19.42 -23.33 -57.58
CA ALA C 13 -19.18 -24.52 -58.38
C ALA C 13 -19.33 -25.79 -57.54
N LEU C 14 -19.83 -26.84 -58.17
CA LEU C 14 -20.03 -28.11 -57.49
C LEU C 14 -18.71 -28.72 -57.05
N GLY C 15 -18.65 -29.16 -55.80
CA GLY C 15 -17.48 -29.80 -55.25
C GLY C 15 -16.39 -28.86 -54.77
N GLU C 16 -16.60 -27.55 -54.89
CA GLU C 16 -15.62 -26.55 -54.45
C GLU C 16 -16.17 -25.83 -53.23
N THR C 17 -15.28 -25.55 -52.27
CA THR C 17 -15.73 -24.95 -51.03
C THR C 17 -16.23 -23.53 -51.28
N ALA C 18 -17.03 -23.03 -50.34
CA ALA C 18 -17.66 -21.73 -50.49
C ALA C 18 -17.76 -21.07 -49.13
N SER C 19 -17.64 -19.75 -49.13
CA SER C 19 -17.75 -18.94 -47.92
C SER C 19 -18.98 -18.05 -48.03
N ILE C 20 -19.76 -18.01 -46.96
CA ILE C 20 -20.99 -17.21 -46.91
C ILE C 20 -20.77 -16.09 -45.90
N SER C 21 -20.67 -14.86 -46.39
CA SER C 21 -20.52 -13.71 -45.52
C SER C 21 -21.81 -13.47 -44.74
N CYS C 22 -21.67 -12.80 -43.60
CA CYS C 22 -22.79 -12.52 -42.71
C CYS C 22 -23.07 -11.03 -42.72
N GLY C 23 -24.30 -10.65 -43.08
CA GLY C 23 -24.73 -9.27 -42.99
C GLY C 23 -24.76 -8.77 -41.55
N ARG C 24 -25.05 -7.49 -41.37
CA ARG C 24 -25.03 -6.84 -40.06
C ARG C 24 -23.88 -7.37 -39.21
N GLN C 25 -22.65 -7.05 -39.60
CA GLN C 25 -21.49 -7.55 -38.88
C GLN C 25 -21.46 -7.02 -37.45
N ALA C 26 -20.81 -7.77 -36.57
CA ALA C 26 -20.89 -7.49 -35.14
C ALA C 26 -20.03 -6.29 -34.78
N LEU C 27 -20.41 -5.61 -33.70
CA LEU C 27 -19.67 -4.47 -33.18
C LEU C 27 -18.69 -4.86 -32.08
N GLY C 28 -19.02 -5.87 -31.28
CA GLY C 28 -18.17 -6.37 -30.22
C GLY C 28 -17.98 -7.87 -30.33
N SER C 29 -17.73 -8.50 -29.19
CA SER C 29 -17.65 -9.95 -29.13
C SER C 29 -19.01 -10.56 -29.45
N ARG C 30 -18.99 -11.65 -30.23
CA ARG C 30 -20.22 -12.16 -30.81
C ARG C 30 -20.30 -13.68 -30.72
N ALA C 31 -21.53 -14.17 -30.64
CA ALA C 31 -21.87 -15.57 -30.80
C ALA C 31 -22.88 -15.68 -31.93
N VAL C 32 -22.52 -16.38 -33.01
CA VAL C 32 -23.36 -16.44 -34.20
C VAL C 32 -23.93 -17.85 -34.34
N GLN C 33 -25.16 -17.92 -34.84
CA GLN C 33 -25.82 -19.18 -35.17
C GLN C 33 -26.08 -19.18 -36.67
N TRP C 34 -25.74 -20.28 -37.33
CA TRP C 34 -25.94 -20.43 -38.78
C TRP C 34 -27.04 -21.46 -39.02
N TYR C 35 -28.15 -21.02 -39.61
CA TYR C 35 -29.30 -21.88 -39.87
C TYR C 35 -29.37 -22.20 -41.37
N GLN C 36 -29.67 -23.47 -41.66
CA GLN C 36 -29.94 -23.94 -43.01
C GLN C 36 -31.44 -24.15 -43.18
N HIS C 37 -32.03 -23.47 -44.16
CA HIS C 37 -33.47 -23.52 -44.39
C HIS C 37 -33.75 -23.86 -45.85
N ARG C 38 -34.57 -24.90 -46.06
CA ARG C 38 -35.11 -25.34 -47.33
C ARG C 38 -36.58 -24.95 -47.43
N PRO C 39 -37.03 -24.48 -48.59
CA PRO C 39 -38.43 -24.04 -48.70
C PRO C 39 -39.40 -25.16 -48.36
N GLY C 40 -40.30 -24.90 -47.42
CA GLY C 40 -41.29 -25.85 -47.00
C GLY C 40 -40.87 -26.80 -45.90
N GLN C 41 -39.59 -26.87 -45.57
CA GLN C 41 -39.10 -27.79 -44.55
C GLN C 41 -38.66 -27.01 -43.30
N ALA C 42 -38.36 -27.77 -42.25
CA ALA C 42 -37.95 -27.18 -40.99
C ALA C 42 -36.49 -26.73 -41.06
N PRO C 43 -36.19 -25.53 -40.55
CA PRO C 43 -34.78 -25.09 -40.55
C PRO C 43 -33.93 -25.95 -39.63
N ILE C 44 -32.72 -26.24 -40.08
CA ILE C 44 -31.74 -27.00 -39.31
C ILE C 44 -30.55 -26.08 -39.06
N LEU C 45 -30.22 -25.86 -37.79
CA LEU C 45 -29.05 -25.08 -37.45
C LEU C 45 -27.80 -25.93 -37.57
N LEU C 46 -26.79 -25.39 -38.24
CA LEU C 46 -25.50 -26.05 -38.43
C LEU C 46 -24.51 -25.71 -37.33
N ILE C 47 -24.54 -24.47 -36.84
CA ILE C 47 -23.56 -23.96 -35.89
C ILE C 47 -24.29 -23.11 -34.85
N TYR C 48 -24.31 -23.59 -33.61
CA TYR C 48 -24.96 -22.87 -32.51
C TYR C 48 -24.03 -21.89 -31.83
N ASN C 49 -22.74 -22.17 -31.73
CA ASN C 49 -21.84 -21.19 -31.13
C ASN C 49 -20.58 -20.95 -31.91
N ASN C 50 -20.71 -20.40 -33.08
CA ASN C 50 -19.56 -20.10 -33.89
C ASN C 50 -18.85 -21.29 -34.43
N GLN C 51 -18.36 -22.15 -33.56
CA GLN C 51 -17.68 -23.33 -34.03
C GLN C 51 -18.25 -24.58 -33.47
N ASP C 52 -19.44 -24.52 -32.92
CA ASP C 52 -19.99 -25.70 -32.35
C ASP C 52 -21.08 -26.19 -33.19
N ARG C 53 -20.89 -27.44 -33.59
CA ARG C 53 -21.79 -28.16 -34.43
C ARG C 53 -22.43 -29.24 -33.66
N PRO C 54 -23.73 -29.19 -33.58
CA PRO C 54 -24.47 -30.24 -32.88
C PRO C 54 -24.18 -31.59 -33.51
N SER C 55 -24.60 -32.64 -32.81
CA SER C 55 -24.36 -33.99 -33.29
C SER C 55 -25.15 -34.24 -34.57
N GLY C 56 -24.57 -35.01 -35.48
CA GLY C 56 -25.19 -35.31 -36.75
C GLY C 56 -24.79 -34.38 -37.90
N ILE C 57 -24.37 -33.16 -37.59
CA ILE C 57 -23.97 -32.25 -38.67
C ILE C 57 -22.66 -32.74 -39.26
N PRO C 58 -22.51 -32.78 -40.59
CA PRO C 58 -21.22 -33.17 -41.16
C PRO C 58 -20.12 -32.18 -40.83
N GLU C 59 -18.88 -32.68 -40.83
CA GLU C 59 -17.73 -31.85 -40.50
C GLU C 59 -17.40 -30.84 -41.59
N ARG C 60 -18.08 -30.89 -42.73
CA ARG C 60 -17.70 -30.02 -43.85
C ARG C 60 -18.05 -28.56 -43.55
N PHE C 61 -19.14 -28.31 -42.82
CA PHE C 61 -19.51 -26.97 -42.45
C PHE C 61 -18.67 -26.49 -41.26
N SER C 62 -18.29 -25.22 -41.30
CA SER C 62 -17.48 -24.63 -40.24
C SER C 62 -17.71 -23.12 -40.21
N GLY C 63 -17.45 -22.53 -39.04
CA GLY C 63 -17.61 -21.10 -38.88
C GLY C 63 -16.42 -20.50 -38.15
N THR C 64 -16.32 -19.18 -38.23
CA THR C 64 -15.11 -18.51 -37.73
C THR C 64 -15.26 -18.19 -36.26
N PRO C 65 -14.28 -18.61 -35.46
CA PRO C 65 -14.30 -18.36 -34.02
C PRO C 65 -13.68 -17.01 -33.69
N ASP C 66 -14.44 -16.15 -33.04
CA ASP C 66 -13.97 -14.81 -32.67
C ASP C 66 -12.90 -14.84 -31.58
N ILE C 67 -11.70 -15.27 -31.95
CA ILE C 67 -10.59 -15.33 -31.00
C ILE C 67 -9.99 -13.95 -30.79
N ASN C 68 -9.81 -13.21 -31.89
CA ASN C 68 -9.33 -11.83 -31.85
C ASN C 68 -10.31 -10.98 -32.64
N PHE C 69 -10.76 -9.88 -32.03
CA PHE C 69 -11.75 -9.04 -32.69
C PHE C 69 -11.20 -8.51 -34.01
N GLY C 70 -12.12 -8.20 -34.92
CA GLY C 70 -11.80 -7.81 -36.28
C GLY C 70 -12.06 -8.89 -37.29
N THR C 71 -12.24 -10.14 -36.84
CA THR C 71 -12.58 -11.24 -37.73
C THR C 71 -14.06 -11.16 -38.11
N ARG C 72 -14.37 -11.66 -39.29
CA ARG C 72 -15.73 -11.58 -39.83
C ARG C 72 -16.37 -12.96 -39.78
N ALA C 73 -17.52 -13.05 -39.13
CA ALA C 73 -18.22 -14.32 -39.00
C ALA C 73 -18.68 -14.78 -40.38
N THR C 74 -18.08 -15.87 -40.86
CA THR C 74 -18.43 -16.44 -42.15
C THR C 74 -18.78 -17.91 -41.98
N LEU C 75 -19.54 -18.44 -42.92
CA LEU C 75 -19.93 -19.85 -42.94
C LEU C 75 -19.22 -20.51 -44.11
N THR C 76 -18.37 -21.48 -43.81
CA THR C 76 -17.59 -22.18 -44.83
C THR C 76 -18.18 -23.57 -45.06
N ILE C 77 -18.48 -23.88 -46.31
CA ILE C 77 -19.03 -25.16 -46.71
C ILE C 77 -18.05 -25.80 -47.68
N SER C 78 -17.50 -26.94 -47.30
CA SER C 78 -16.56 -27.68 -48.13
C SER C 78 -17.27 -28.82 -48.86
N GLY C 79 -16.80 -29.13 -50.05
CA GLY C 79 -17.44 -30.12 -50.88
C GLY C 79 -18.88 -29.77 -51.18
N VAL C 80 -19.08 -28.59 -51.78
CA VAL C 80 -20.43 -28.11 -52.02
C VAL C 80 -21.15 -29.06 -52.96
N GLU C 81 -22.35 -29.48 -52.58
CA GLU C 81 -23.13 -30.45 -53.32
C GLU C 81 -24.55 -29.94 -53.52
N ALA C 82 -25.39 -30.78 -54.13
CA ALA C 82 -26.77 -30.39 -54.39
C ALA C 82 -27.54 -30.12 -53.11
N GLY C 83 -27.37 -30.98 -52.11
CA GLY C 83 -28.13 -30.84 -50.88
C GLY C 83 -27.81 -29.56 -50.12
N ASP C 84 -26.62 -28.99 -50.34
CA ASP C 84 -26.26 -27.75 -49.67
C ASP C 84 -27.09 -26.58 -50.16
N GLU C 85 -27.61 -26.65 -51.39
CA GLU C 85 -28.36 -25.53 -51.94
C GLU C 85 -29.61 -25.29 -51.10
N ALA C 86 -29.88 -24.02 -50.79
CA ALA C 86 -30.79 -23.69 -49.69
C ALA C 86 -30.74 -22.20 -49.37
N ASP C 87 -31.37 -21.81 -48.27
CA ASP C 87 -31.25 -20.47 -47.71
C ASP C 87 -30.58 -20.55 -46.35
N TYR C 88 -29.55 -19.72 -46.15
CA TYR C 88 -28.74 -19.74 -44.94
C TYR C 88 -28.92 -18.41 -44.22
N TYR C 89 -29.24 -18.48 -42.93
CA TYR C 89 -29.48 -17.30 -42.11
C TYR C 89 -28.39 -17.17 -41.06
N CYS C 90 -27.99 -15.92 -40.79
CA CYS C 90 -26.93 -15.62 -39.84
C CYS C 90 -27.55 -14.84 -38.68
N HIS C 91 -27.77 -15.53 -37.57
CA HIS C 91 -28.32 -14.92 -36.37
C HIS C 91 -27.18 -14.33 -35.56
N MET C 92 -27.21 -13.02 -35.34
CA MET C 92 -26.11 -12.31 -34.74
C MET C 92 -26.44 -11.91 -33.31
N TRP C 93 -25.47 -12.10 -32.41
CA TRP C 93 -25.56 -11.68 -31.02
C TRP C 93 -24.21 -11.09 -30.65
N ASP C 94 -24.12 -9.76 -30.64
CA ASP C 94 -22.91 -9.07 -30.22
C ASP C 94 -23.13 -8.41 -28.87
N SER C 95 -22.02 -8.00 -28.25
CA SER C 95 -22.09 -7.42 -26.92
C SER C 95 -22.63 -5.99 -26.98
N ARG C 96 -22.36 -5.27 -28.08
CA ARG C 96 -22.79 -3.89 -28.17
C ARG C 96 -24.28 -3.79 -28.46
N SER C 97 -24.75 -4.51 -29.48
CA SER C 97 -26.16 -4.51 -29.83
C SER C 97 -26.97 -5.23 -28.77
N GLY C 98 -28.27 -4.90 -28.74
CA GLY C 98 -29.21 -5.46 -27.79
C GLY C 98 -29.67 -6.86 -28.16
N PHE C 99 -30.90 -7.17 -27.76
CA PHE C 99 -31.54 -8.44 -28.11
C PHE C 99 -31.77 -8.49 -29.60
N SER C 100 -31.27 -9.53 -30.26
CA SER C 100 -31.41 -9.69 -31.70
C SER C 100 -32.60 -10.58 -31.96
N TRP C 101 -33.73 -9.97 -32.29
CA TRP C 101 -34.94 -10.75 -32.52
C TRP C 101 -34.96 -11.34 -33.93
N SER C 102 -34.55 -10.54 -34.91
CA SER C 102 -34.63 -10.97 -36.30
C SER C 102 -33.40 -11.79 -36.67
N PHE C 103 -33.62 -12.77 -37.55
CA PHE C 103 -32.50 -13.45 -38.16
C PHE C 103 -31.90 -12.58 -39.26
N GLY C 104 -30.75 -13.00 -39.76
CA GLY C 104 -30.12 -12.26 -40.83
C GLY C 104 -30.92 -12.30 -42.11
N GLY C 105 -30.55 -11.42 -43.04
CA GLY C 105 -31.11 -11.53 -44.38
C GLY C 105 -30.72 -12.84 -45.02
N ALA C 106 -31.67 -13.47 -45.71
CA ALA C 106 -31.43 -14.78 -46.28
C ALA C 106 -30.30 -14.73 -47.30
N THR C 107 -29.61 -15.84 -47.46
CA THR C 107 -28.54 -15.99 -48.45
C THR C 107 -28.85 -17.22 -49.28
N ARG C 108 -29.23 -17.00 -50.54
CA ARG C 108 -29.63 -18.10 -51.42
C ARG C 108 -28.39 -18.71 -52.06
N LEU C 109 -28.04 -19.92 -51.62
CA LEU C 109 -26.90 -20.66 -52.15
C LEU C 109 -27.38 -21.48 -53.34
N THR C 110 -26.74 -21.29 -54.48
CA THR C 110 -27.02 -22.09 -55.67
C THR C 110 -25.76 -22.84 -56.08
N VAL C 111 -25.95 -24.09 -56.51
CA VAL C 111 -24.85 -24.96 -56.90
C VAL C 111 -24.82 -25.05 -58.42
N LEU C 112 -23.73 -24.58 -59.01
CA LEU C 112 -23.56 -24.63 -60.45
C LEU C 112 -22.96 -25.97 -60.89
N GLY C 113 -22.99 -26.22 -62.19
CA GLY C 113 -22.42 -27.45 -62.71
C GLY C 113 -23.19 -28.70 -62.39
N GLN C 114 -24.39 -28.59 -61.83
CA GLN C 114 -25.18 -29.77 -61.55
C GLN C 114 -25.54 -30.48 -62.86
N PRO C 115 -25.57 -31.81 -62.86
CA PRO C 115 -25.90 -32.55 -64.09
C PRO C 115 -27.38 -32.41 -64.45
N LYS C 116 -27.65 -32.04 -65.70
CA LYS C 116 -29.03 -31.89 -66.14
C LYS C 116 -29.70 -33.25 -66.25
N ALA C 117 -30.99 -33.28 -65.95
CA ALA C 117 -31.77 -34.51 -65.98
C ALA C 117 -32.96 -34.33 -66.90
N ALA C 118 -33.13 -35.26 -67.83
CA ALA C 118 -34.23 -35.16 -68.77
C ALA C 118 -35.56 -35.31 -68.04
N PRO C 119 -36.59 -34.57 -68.42
CA PRO C 119 -37.87 -34.68 -67.70
C PRO C 119 -38.60 -35.96 -68.04
N SER C 120 -39.26 -36.53 -67.04
CA SER C 120 -40.10 -37.71 -67.20
C SER C 120 -41.54 -37.24 -67.23
N VAL C 121 -42.15 -37.27 -68.41
CA VAL C 121 -43.50 -36.75 -68.61
C VAL C 121 -44.48 -37.91 -68.66
N THR C 122 -45.65 -37.72 -68.06
CA THR C 122 -46.71 -38.72 -68.05
C THR C 122 -48.04 -37.98 -68.18
N LEU C 123 -48.71 -38.16 -69.32
CA LEU C 123 -49.98 -37.52 -69.59
C LEU C 123 -51.12 -38.48 -69.25
N PHE C 124 -52.11 -37.97 -68.54
CA PHE C 124 -53.23 -38.78 -68.08
C PHE C 124 -54.54 -38.23 -68.63
N PRO C 125 -55.33 -39.03 -69.32
CA PRO C 125 -56.63 -38.55 -69.82
C PRO C 125 -57.60 -38.39 -68.67
N PRO C 126 -58.69 -37.65 -68.88
CA PRO C 126 -59.65 -37.47 -67.79
C PRO C 126 -60.30 -38.80 -67.41
N SER C 127 -60.57 -38.95 -66.12
CA SER C 127 -61.21 -40.16 -65.62
C SER C 127 -62.67 -40.21 -66.07
N SER C 128 -63.18 -41.43 -66.19
CA SER C 128 -64.59 -41.62 -66.56
C SER C 128 -65.51 -41.01 -65.52
N GLU C 129 -65.12 -41.08 -64.24
CA GLU C 129 -65.95 -40.48 -63.19
C GLU C 129 -65.98 -38.97 -63.29
N GLU C 130 -64.90 -38.34 -63.76
CA GLU C 130 -64.94 -36.90 -64.01
C GLU C 130 -65.87 -36.58 -65.17
N LEU C 131 -65.91 -37.44 -66.19
CA LEU C 131 -66.80 -37.22 -67.31
C LEU C 131 -68.26 -37.37 -66.91
N GLN C 132 -68.55 -38.28 -65.99
CA GLN C 132 -69.91 -38.38 -65.46
C GLN C 132 -70.31 -37.12 -64.70
N ALA C 133 -69.34 -36.45 -64.07
CA ALA C 133 -69.57 -35.20 -63.37
C ALA C 133 -69.65 -34.00 -64.31
N ASN C 134 -69.62 -34.24 -65.63
CA ASN C 134 -69.76 -33.18 -66.62
C ASN C 134 -68.59 -32.21 -66.60
N LYS C 135 -67.40 -32.72 -66.24
CA LYS C 135 -66.18 -31.93 -66.27
C LYS C 135 -65.04 -32.81 -66.76
N ALA C 136 -63.98 -32.16 -67.25
CA ALA C 136 -62.85 -32.89 -67.81
C ALA C 136 -61.57 -32.10 -67.57
N THR C 137 -60.53 -32.80 -67.13
CA THR C 137 -59.23 -32.20 -66.86
C THR C 137 -58.14 -33.14 -67.35
N LEU C 138 -57.26 -32.63 -68.22
CA LEU C 138 -56.05 -33.33 -68.63
C LEU C 138 -54.92 -33.00 -67.68
N VAL C 139 -54.19 -34.02 -67.23
CA VAL C 139 -53.19 -33.88 -66.18
C VAL C 139 -51.85 -34.31 -66.73
N CYS C 140 -50.93 -33.35 -66.85
CA CYS C 140 -49.58 -33.56 -67.36
C CYS C 140 -48.60 -33.44 -66.22
N LEU C 141 -47.87 -34.53 -65.94
CA LEU C 141 -46.97 -34.61 -64.80
C LEU C 141 -45.53 -34.73 -65.28
N ILE C 142 -44.66 -33.90 -64.70
CA ILE C 142 -43.26 -33.80 -65.11
C ILE C 142 -42.40 -34.02 -63.87
N SER C 143 -41.51 -35.01 -63.93
CA SER C 143 -40.70 -35.38 -62.78
C SER C 143 -39.24 -35.56 -63.19
N ASP C 144 -38.35 -35.34 -62.22
CA ASP C 144 -36.92 -35.64 -62.35
C ASP C 144 -36.28 -34.90 -63.51
N PHE C 145 -36.34 -33.57 -63.44
CA PHE C 145 -35.73 -32.71 -64.45
C PHE C 145 -34.93 -31.62 -63.76
N TYR C 146 -33.69 -31.42 -64.22
CA TYR C 146 -32.86 -30.31 -63.79
C TYR C 146 -32.17 -29.72 -65.03
N PRO C 147 -32.01 -28.38 -65.08
CA PRO C 147 -32.47 -27.36 -64.13
C PRO C 147 -33.98 -27.14 -64.13
N GLY C 148 -34.51 -26.77 -62.96
CA GLY C 148 -35.94 -26.60 -62.80
C GLY C 148 -36.52 -25.41 -63.55
N ALA C 149 -36.48 -25.48 -64.88
CA ALA C 149 -37.05 -24.44 -65.73
C ALA C 149 -37.67 -25.13 -66.94
N VAL C 150 -39.00 -25.13 -67.01
CA VAL C 150 -39.71 -25.76 -68.11
C VAL C 150 -40.83 -24.84 -68.59
N THR C 151 -41.20 -25.02 -69.86
CA THR C 151 -42.35 -24.34 -70.44
C THR C 151 -43.30 -25.39 -70.99
N VAL C 152 -44.59 -25.23 -70.73
CA VAL C 152 -45.61 -26.20 -71.10
C VAL C 152 -46.54 -25.56 -72.12
N ALA C 153 -46.62 -26.15 -73.31
CA ALA C 153 -47.53 -25.72 -74.35
C ALA C 153 -48.44 -26.88 -74.73
N TRP C 154 -49.74 -26.68 -74.70
CA TRP C 154 -50.66 -27.75 -75.03
C TRP C 154 -51.06 -27.60 -76.46
N LYS C 155 -51.46 -28.71 -77.06
CA LYS C 155 -51.87 -28.68 -78.45
C LYS C 155 -53.01 -29.63 -78.66
N ALA C 156 -53.83 -29.33 -79.65
CA ALA C 156 -54.92 -30.20 -80.02
C ALA C 156 -54.61 -30.62 -81.44
N ASP C 157 -54.40 -31.90 -81.66
CA ASP C 157 -54.11 -32.27 -83.04
C ASP C 157 -52.94 -31.50 -83.64
N SER C 158 -53.22 -30.34 -84.23
CA SER C 158 -52.20 -29.33 -84.50
C SER C 158 -52.33 -28.11 -83.60
N SER C 159 -53.55 -27.65 -83.37
CA SER C 159 -53.77 -26.31 -82.86
C SER C 159 -53.29 -26.24 -81.41
N PRO C 160 -52.76 -25.11 -80.98
CA PRO C 160 -52.53 -24.93 -79.54
C PRO C 160 -53.76 -24.43 -78.81
N VAL C 161 -53.86 -24.84 -77.55
CA VAL C 161 -55.04 -24.54 -76.74
C VAL C 161 -54.96 -23.14 -76.17
N LYS C 162 -53.91 -22.85 -75.40
CA LYS C 162 -53.61 -21.53 -74.87
C LYS C 162 -54.65 -21.03 -73.87
N ALA C 163 -55.69 -21.81 -73.59
CA ALA C 163 -56.76 -21.42 -72.69
C ALA C 163 -57.09 -22.55 -71.73
N GLY C 164 -57.37 -22.20 -70.48
CA GLY C 164 -57.64 -23.22 -69.47
C GLY C 164 -56.42 -24.00 -69.05
N VAL C 165 -55.24 -23.38 -69.13
CA VAL C 165 -53.97 -24.03 -68.82
C VAL C 165 -53.46 -23.48 -67.51
N GLU C 166 -53.16 -24.37 -66.56
CA GLU C 166 -52.66 -23.98 -65.24
C GLU C 166 -51.47 -24.88 -64.92
N THR C 167 -50.32 -24.26 -64.66
CA THR C 167 -49.06 -24.96 -64.45
C THR C 167 -48.42 -24.53 -63.15
N THR C 168 -47.90 -25.50 -62.41
CA THR C 168 -47.16 -25.22 -61.19
C THR C 168 -45.75 -24.76 -61.52
N THR C 169 -45.24 -23.83 -60.71
CA THR C 169 -43.82 -23.52 -60.78
C THR C 169 -43.01 -24.71 -60.30
N PRO C 170 -41.86 -24.99 -60.90
CA PRO C 170 -41.11 -26.19 -60.53
C PRO C 170 -40.71 -26.17 -59.06
N SER C 171 -40.78 -27.34 -58.42
CA SER C 171 -40.41 -27.49 -57.02
C SER C 171 -39.42 -28.64 -56.89
N LYS C 172 -38.43 -28.44 -56.02
CA LYS C 172 -37.40 -29.46 -55.80
C LYS C 172 -37.96 -30.58 -54.94
N GLN C 173 -37.65 -31.82 -55.33
CA GLN C 173 -38.04 -33.00 -54.56
C GLN C 173 -36.81 -33.56 -53.84
N SER C 174 -37.02 -34.65 -53.10
CA SER C 174 -35.92 -35.24 -52.35
C SER C 174 -34.81 -35.74 -53.26
N ASN C 175 -35.12 -36.04 -54.52
CA ASN C 175 -34.11 -36.44 -55.50
C ASN C 175 -33.20 -35.29 -55.91
N ASN C 176 -33.39 -34.11 -55.34
CA ASN C 176 -32.71 -32.88 -55.74
C ASN C 176 -33.02 -32.50 -57.19
N LYS C 177 -33.94 -33.20 -57.84
CA LYS C 177 -34.48 -32.78 -59.12
C LYS C 177 -35.83 -32.12 -58.92
N TYR C 178 -36.27 -31.37 -59.91
CA TYR C 178 -37.53 -30.63 -59.81
C TYR C 178 -38.70 -31.47 -60.31
N ALA C 179 -39.90 -31.01 -59.99
CA ALA C 179 -41.13 -31.69 -60.37
C ALA C 179 -42.22 -30.65 -60.60
N ALA C 180 -42.87 -30.72 -61.75
CA ALA C 180 -43.93 -29.78 -62.08
C ALA C 180 -45.09 -30.52 -62.71
N SER C 181 -46.28 -29.91 -62.62
CA SER C 181 -47.50 -30.48 -63.16
C SER C 181 -48.34 -29.39 -63.80
N SER C 182 -49.03 -29.74 -64.89
CA SER C 182 -49.89 -28.82 -65.62
C SER C 182 -51.28 -29.43 -65.74
N TYR C 183 -52.31 -28.60 -65.60
CA TYR C 183 -53.70 -29.04 -65.66
C TYR C 183 -54.43 -28.27 -66.75
N LEU C 184 -55.06 -29.00 -67.66
CA LEU C 184 -55.90 -28.42 -68.72
C LEU C 184 -57.36 -28.75 -68.43
N SER C 185 -58.14 -27.72 -68.10
CA SER C 185 -59.57 -27.91 -67.83
C SER C 185 -60.35 -27.89 -69.14
N LEU C 186 -61.20 -28.89 -69.33
CA LEU C 186 -62.00 -29.01 -70.54
C LEU C 186 -63.40 -29.47 -70.22
N THR C 187 -64.33 -29.20 -71.14
CA THR C 187 -65.67 -29.74 -71.10
C THR C 187 -65.68 -31.14 -71.71
N PRO C 188 -66.53 -32.04 -71.21
CA PRO C 188 -66.54 -33.41 -71.75
C PRO C 188 -66.81 -33.47 -73.23
N GLU C 189 -67.62 -32.55 -73.77
CA GLU C 189 -67.88 -32.53 -75.21
C GLU C 189 -66.64 -32.15 -76.00
N GLN C 190 -65.85 -31.21 -75.48
CA GLN C 190 -64.60 -30.84 -76.15
C GLN C 190 -63.57 -31.96 -76.11
N TRP C 191 -63.58 -32.79 -75.07
CA TRP C 191 -62.64 -33.91 -75.02
C TRP C 191 -62.98 -35.00 -76.03
N LYS C 192 -64.27 -35.23 -76.30
CA LYS C 192 -64.67 -36.28 -77.23
C LYS C 192 -64.55 -35.84 -78.69
N SER C 193 -64.63 -34.54 -78.95
CA SER C 193 -64.66 -34.05 -80.33
C SER C 193 -63.32 -34.25 -81.03
N HIS C 194 -62.23 -33.90 -80.36
CA HIS C 194 -60.93 -33.93 -81.01
C HIS C 194 -60.37 -35.34 -81.06
N LYS C 195 -59.47 -35.57 -82.03
CA LYS C 195 -58.90 -36.90 -82.20
C LYS C 195 -57.94 -37.24 -81.06
N SER C 196 -57.01 -36.33 -80.76
CA SER C 196 -56.05 -36.59 -79.70
C SER C 196 -55.60 -35.27 -79.09
N TYR C 197 -55.05 -35.36 -77.88
CA TYR C 197 -54.50 -34.21 -77.17
C TYR C 197 -53.05 -34.49 -76.80
N SER C 198 -52.23 -33.44 -76.85
CA SER C 198 -50.80 -33.57 -76.67
C SER C 198 -50.31 -32.57 -75.64
N CYS C 199 -49.41 -33.03 -74.77
CA CYS C 199 -48.74 -32.18 -73.79
C CYS C 199 -47.28 -32.04 -74.21
N GLN C 200 -46.86 -30.82 -74.51
CA GLN C 200 -45.50 -30.52 -74.93
C GLN C 200 -44.76 -29.84 -73.79
N VAL C 201 -43.64 -30.44 -73.39
CA VAL C 201 -42.80 -29.92 -72.32
C VAL C 201 -41.43 -29.63 -72.91
N THR C 202 -40.98 -28.38 -72.78
CA THR C 202 -39.68 -27.95 -73.30
C THR C 202 -38.75 -27.73 -72.11
N HIS C 203 -37.61 -28.42 -72.12
CA HIS C 203 -36.61 -28.33 -71.06
C HIS C 203 -35.26 -28.06 -71.71
N GLU C 204 -34.68 -26.91 -71.41
CA GLU C 204 -33.45 -26.45 -72.06
C GLU C 204 -33.74 -26.39 -73.56
N GLY C 205 -32.94 -27.01 -74.41
CA GLY C 205 -33.24 -27.04 -75.83
C GLY C 205 -34.14 -28.19 -76.26
N SER C 206 -34.31 -29.20 -75.42
CA SER C 206 -35.09 -30.38 -75.76
C SER C 206 -36.57 -30.16 -75.52
N THR C 207 -37.38 -30.99 -76.17
CA THR C 207 -38.83 -30.94 -76.03
C THR C 207 -39.37 -32.36 -76.12
N VAL C 208 -40.23 -32.72 -75.16
CA VAL C 208 -40.85 -34.05 -75.12
C VAL C 208 -42.35 -33.86 -75.19
N GLU C 209 -43.01 -34.69 -76.01
CA GLU C 209 -44.45 -34.60 -76.21
C GLU C 209 -45.10 -35.96 -75.93
N LYS C 210 -46.19 -35.93 -75.16
CA LYS C 210 -46.98 -37.12 -74.89
C LYS C 210 -48.40 -36.87 -75.39
N THR C 211 -49.04 -37.94 -75.87
CA THR C 211 -50.36 -37.85 -76.49
C THR C 211 -51.31 -38.85 -75.87
N VAL C 212 -52.57 -38.43 -75.72
CA VAL C 212 -53.65 -39.30 -75.27
C VAL C 212 -54.89 -38.98 -76.08
N ALA C 213 -55.76 -39.98 -76.24
CA ALA C 213 -56.94 -39.86 -77.08
C ALA C 213 -58.13 -40.49 -76.40
N PRO C 214 -59.34 -40.05 -76.73
CA PRO C 214 -60.54 -40.67 -76.18
C PRO C 214 -60.72 -42.10 -76.69
N THR C 215 -61.35 -42.92 -75.84
CA THR C 215 -61.60 -44.32 -76.19
C THR C 215 -62.63 -44.41 -77.30
N GLN D 1 -33.40 -37.72 -28.30
CA GLN D 1 -34.64 -38.21 -28.89
C GLN D 1 -35.84 -37.39 -28.42
N VAL D 2 -36.06 -36.24 -29.04
CA VAL D 2 -37.16 -35.35 -28.70
C VAL D 2 -37.96 -35.07 -29.98
N GLN D 3 -39.28 -35.17 -29.87
CA GLN D 3 -40.17 -34.97 -31.01
C GLN D 3 -41.22 -33.92 -30.65
N LEU D 4 -41.50 -33.03 -31.61
CA LEU D 4 -42.51 -31.99 -31.43
C LEU D 4 -43.52 -32.06 -32.56
N GLN D 5 -44.79 -31.89 -32.22
CA GLN D 5 -45.88 -31.96 -33.18
C GLN D 5 -46.77 -30.73 -33.00
N GLU D 6 -46.94 -29.97 -34.07
CA GLU D 6 -47.76 -28.77 -34.06
C GLU D 6 -49.11 -29.08 -34.69
N SER D 7 -50.18 -29.02 -33.89
CA SER D 7 -51.54 -29.27 -34.35
C SER D 7 -52.26 -27.93 -34.45
N GLY D 8 -52.56 -27.50 -35.67
CA GLY D 8 -53.24 -26.25 -35.89
C GLY D 8 -54.47 -26.41 -36.74
N PRO D 9 -55.32 -25.37 -36.77
CA PRO D 9 -56.55 -25.47 -37.57
C PRO D 9 -56.29 -25.44 -39.07
N GLY D 10 -55.24 -24.77 -39.52
CA GLY D 10 -54.95 -24.64 -40.94
C GLY D 10 -55.74 -23.58 -41.66
N LEU D 11 -56.83 -23.09 -41.08
CA LEU D 11 -57.66 -22.05 -41.70
C LEU D 11 -58.34 -21.26 -40.60
N VAL D 12 -58.25 -19.93 -40.68
CA VAL D 12 -58.87 -19.06 -39.69
C VAL D 12 -59.32 -17.79 -40.39
N LYS D 13 -60.50 -17.30 -40.01
CA LYS D 13 -61.02 -16.07 -40.58
C LYS D 13 -60.19 -14.88 -40.11
N PRO D 14 -60.02 -13.87 -40.96
CA PRO D 14 -59.31 -12.66 -40.54
C PRO D 14 -59.99 -12.01 -39.33
N SER D 15 -59.19 -11.26 -38.57
CA SER D 15 -59.69 -10.54 -37.40
C SER D 15 -60.24 -11.50 -36.34
N GLU D 16 -59.69 -12.71 -36.27
CA GLU D 16 -60.08 -13.70 -35.28
C GLU D 16 -58.85 -14.16 -34.52
N THR D 17 -59.08 -14.99 -33.50
CA THR D 17 -58.03 -15.45 -32.59
C THR D 17 -57.45 -16.75 -33.14
N LEU D 18 -56.32 -16.66 -33.83
CA LEU D 18 -55.60 -17.85 -34.25
C LEU D 18 -54.97 -18.54 -33.06
N SER D 19 -54.94 -19.87 -33.08
CA SER D 19 -54.37 -20.63 -31.99
C SER D 19 -53.74 -21.90 -32.54
N LEU D 20 -52.71 -22.38 -31.83
CA LEU D 20 -52.03 -23.62 -32.19
C LEU D 20 -51.66 -24.35 -30.90
N THR D 21 -50.98 -25.49 -31.07
CA THR D 21 -50.56 -26.30 -29.93
C THR D 21 -49.32 -27.08 -30.31
N CYS D 22 -48.33 -27.08 -29.42
CA CYS D 22 -47.04 -27.71 -29.64
C CYS D 22 -46.87 -28.84 -28.64
N SER D 23 -47.16 -30.07 -29.07
CA SER D 23 -46.98 -31.23 -28.22
C SER D 23 -45.53 -31.68 -28.22
N VAL D 24 -45.04 -32.07 -27.05
CA VAL D 24 -43.66 -32.50 -26.87
C VAL D 24 -43.64 -33.91 -26.31
N SER D 25 -42.68 -34.70 -26.76
CA SER D 25 -42.54 -36.09 -26.33
C SER D 25 -41.19 -36.43 -25.73
N GLY D 26 -40.12 -35.76 -26.18
CA GLY D 26 -38.78 -36.08 -25.71
C GLY D 26 -38.59 -35.96 -24.22
N ALA D 27 -38.75 -34.74 -23.69
CA ALA D 27 -38.52 -34.49 -22.27
C ALA D 27 -39.65 -33.61 -21.74
N SER D 28 -39.59 -33.32 -20.45
CA SER D 28 -40.59 -32.46 -19.81
C SER D 28 -40.52 -31.05 -20.38
N ILE D 29 -41.63 -30.32 -20.22
CA ILE D 29 -41.71 -28.94 -20.69
C ILE D 29 -41.20 -27.95 -19.65
N SER D 30 -40.83 -28.41 -18.46
CA SER D 30 -40.37 -27.53 -17.39
C SER D 30 -38.86 -27.50 -17.26
N ASP D 31 -38.12 -28.07 -18.22
CA ASP D 31 -36.68 -28.11 -18.15
C ASP D 31 -35.99 -27.41 -19.31
N HIS D 32 -36.72 -27.01 -20.35
CA HIS D 32 -36.13 -26.38 -21.52
C HIS D 32 -36.98 -25.18 -21.92
N TYR D 33 -36.56 -24.50 -22.98
CA TYR D 33 -37.30 -23.39 -23.56
C TYR D 33 -38.08 -23.85 -24.79
N TRP D 34 -39.15 -23.12 -25.09
CA TRP D 34 -40.00 -23.41 -26.23
C TRP D 34 -40.29 -22.11 -26.97
N SER D 35 -39.95 -22.06 -28.25
CA SER D 35 -40.10 -20.86 -29.05
C SER D 35 -40.87 -21.18 -30.33
N TRP D 36 -41.67 -20.23 -30.77
CA TRP D 36 -42.46 -20.35 -31.99
C TRP D 36 -41.83 -19.50 -33.10
N ILE D 37 -41.78 -20.04 -34.30
CA ILE D 37 -41.25 -19.34 -35.46
C ILE D 37 -42.20 -19.57 -36.63
N ARG D 38 -42.50 -18.49 -37.36
CA ARG D 38 -43.39 -18.54 -38.51
C ARG D 38 -42.64 -18.13 -39.77
N GLN D 39 -42.88 -18.86 -40.85
CA GLN D 39 -42.21 -18.62 -42.12
C GLN D 39 -43.25 -18.50 -43.22
N SER D 40 -43.32 -17.32 -43.85
CA SER D 40 -44.26 -17.07 -44.93
C SER D 40 -43.52 -16.95 -46.26
N PRO D 41 -44.16 -17.33 -47.36
CA PRO D 41 -43.46 -17.25 -48.66
C PRO D 41 -43.17 -15.82 -49.03
N GLY D 42 -41.93 -15.59 -49.52
CA GLY D 42 -41.49 -14.27 -49.87
C GLY D 42 -40.94 -13.44 -48.72
N LYS D 43 -41.03 -13.95 -47.49
CA LYS D 43 -40.52 -13.25 -46.32
C LYS D 43 -39.63 -14.18 -45.52
N GLY D 44 -38.59 -13.62 -44.91
CA GLY D 44 -37.72 -14.40 -44.06
C GLY D 44 -38.43 -14.89 -42.81
N LEU D 45 -37.98 -16.04 -42.32
CA LEU D 45 -38.54 -16.58 -41.09
C LEU D 45 -38.46 -15.56 -39.96
N GLU D 46 -39.41 -15.62 -39.04
CA GLU D 46 -39.57 -14.61 -38.01
C GLU D 46 -39.67 -15.27 -36.65
N TRP D 47 -38.78 -14.89 -35.74
CA TRP D 47 -38.83 -15.32 -34.35
C TRP D 47 -39.86 -14.45 -33.61
N ILE D 48 -40.91 -15.08 -33.10
CA ILE D 48 -42.01 -14.36 -32.47
C ILE D 48 -41.89 -14.37 -30.95
N GLY D 49 -41.44 -15.48 -30.38
CA GLY D 49 -41.28 -15.56 -28.93
C GLY D 49 -40.94 -16.94 -28.41
N TYR D 50 -40.27 -16.98 -27.26
CA TYR D 50 -39.93 -18.23 -26.60
C TYR D 50 -40.78 -18.39 -25.35
N VAL D 51 -40.68 -19.57 -24.73
CA VAL D 51 -41.48 -19.92 -23.56
C VAL D 51 -40.55 -20.43 -22.48
N TYR D 52 -40.49 -19.74 -21.35
CA TYR D 52 -39.75 -20.22 -20.21
C TYR D 52 -40.29 -21.59 -19.78
N ASP D 53 -39.67 -22.16 -18.78
CA ASP D 53 -40.26 -23.37 -18.31
C ASP D 53 -41.17 -23.00 -17.15
N SER D 54 -41.41 -21.71 -16.91
CA SER D 54 -42.22 -21.37 -15.74
C SER D 54 -43.37 -20.39 -15.56
N GLY D 55 -43.96 -19.76 -16.56
CA GLY D 55 -43.60 -19.77 -17.95
C GLY D 55 -43.70 -18.30 -18.29
N ASP D 56 -42.71 -17.53 -17.91
CA ASP D 56 -42.71 -16.12 -18.18
C ASP D 56 -42.48 -16.12 -19.64
N THR D 57 -42.67 -15.01 -20.31
CA THR D 57 -42.46 -15.02 -21.73
C THR D 57 -42.12 -13.71 -22.30
N ASN D 58 -41.34 -13.70 -23.37
CA ASN D 58 -41.05 -12.44 -23.99
C ASN D 58 -41.48 -12.59 -25.40
N TYR D 59 -41.91 -11.52 -25.98
CA TYR D 59 -42.39 -11.59 -27.32
C TYR D 59 -41.70 -10.62 -28.21
N ASN D 60 -41.72 -10.90 -29.49
CA ASN D 60 -41.10 -10.01 -30.45
C ASN D 60 -41.77 -8.64 -30.39
N PRO D 61 -41.01 -7.55 -30.48
CA PRO D 61 -41.62 -6.22 -30.38
C PRO D 61 -42.67 -5.96 -31.45
N SER D 62 -42.54 -6.56 -32.64
CA SER D 62 -43.50 -6.31 -33.71
C SER D 62 -44.86 -6.88 -33.37
N LEU D 63 -44.90 -8.13 -32.89
CA LEU D 63 -46.14 -8.81 -32.56
C LEU D 63 -46.42 -8.82 -31.06
N LYS D 64 -45.71 -8.00 -30.29
CA LYS D 64 -45.81 -8.07 -28.83
C LYS D 64 -47.23 -7.81 -28.34
N SER D 65 -48.02 -7.04 -29.08
CA SER D 65 -49.35 -6.65 -28.64
C SER D 65 -50.42 -7.69 -28.97
N ARG D 66 -50.21 -8.53 -29.97
CA ARG D 66 -51.26 -9.41 -30.47
C ARG D 66 -51.02 -10.88 -30.17
N VAL D 67 -49.95 -11.23 -29.46
CA VAL D 67 -49.60 -12.62 -29.21
C VAL D 67 -49.60 -12.87 -27.71
N ASN D 68 -50.02 -14.08 -27.32
CA ASN D 68 -49.97 -14.55 -25.96
C ASN D 68 -49.58 -16.02 -25.97
N LEU D 69 -48.58 -16.37 -25.17
CA LEU D 69 -48.09 -17.74 -25.09
C LEU D 69 -48.50 -18.36 -23.76
N SER D 70 -48.37 -19.68 -23.69
CA SER D 70 -48.72 -20.42 -22.48
C SER D 70 -48.15 -21.84 -22.60
N LEU D 71 -47.77 -22.40 -21.46
CA LEU D 71 -47.25 -23.76 -21.39
C LEU D 71 -48.05 -24.55 -20.37
N ASP D 72 -48.45 -25.76 -20.74
CA ASP D 72 -49.24 -26.62 -19.88
C ASP D 72 -48.31 -27.58 -19.15
N THR D 73 -48.50 -27.68 -17.83
CA THR D 73 -47.66 -28.58 -17.03
C THR D 73 -48.20 -30.02 -17.04
N SER D 74 -49.52 -30.17 -17.02
CA SER D 74 -50.11 -31.51 -17.07
C SER D 74 -49.80 -32.19 -18.39
N LYS D 75 -49.90 -31.46 -19.51
CA LYS D 75 -49.62 -31.99 -20.84
C LYS D 75 -48.46 -31.20 -21.43
N ASN D 76 -47.47 -31.91 -21.97
CA ASN D 76 -46.33 -31.25 -22.59
C ASN D 76 -46.77 -30.54 -23.86
N GLN D 77 -47.59 -29.50 -23.72
CA GLN D 77 -48.16 -28.76 -24.84
C GLN D 77 -47.82 -27.29 -24.71
N VAL D 78 -47.26 -26.72 -25.76
CA VAL D 78 -46.94 -25.30 -25.82
C VAL D 78 -47.97 -24.64 -26.74
N SER D 79 -48.84 -23.84 -26.16
CA SER D 79 -49.94 -23.20 -26.88
C SER D 79 -49.57 -21.78 -27.27
N LEU D 80 -49.97 -21.39 -28.47
CA LEU D 80 -49.72 -20.06 -28.99
C LEU D 80 -51.04 -19.45 -29.45
N SER D 81 -51.34 -18.25 -28.96
CA SER D 81 -52.54 -17.52 -29.34
C SER D 81 -52.15 -16.24 -30.06
N LEU D 82 -53.03 -15.80 -30.97
CA LEU D 82 -52.75 -14.63 -31.79
C LEU D 82 -54.07 -14.00 -32.21
N THR D 83 -54.19 -12.70 -32.01
CA THR D 83 -55.44 -11.98 -32.25
C THR D 83 -55.30 -11.05 -33.45
N ALA D 84 -56.45 -10.66 -33.99
CA ALA D 84 -56.52 -9.72 -35.12
C ALA D 84 -55.68 -10.21 -36.29
N VAL D 85 -55.83 -11.50 -36.62
CA VAL D 85 -55.09 -12.09 -37.73
C VAL D 85 -55.55 -11.45 -39.04
N THR D 86 -54.65 -11.44 -40.02
CA THR D 86 -54.94 -10.89 -41.34
C THR D 86 -54.34 -11.83 -42.38
N ALA D 87 -54.37 -11.41 -43.64
CA ALA D 87 -53.81 -12.22 -44.71
C ALA D 87 -52.30 -12.37 -44.57
N ALA D 88 -51.64 -11.40 -43.93
CA ALA D 88 -50.20 -11.49 -43.76
C ALA D 88 -49.82 -12.51 -42.69
N ASP D 89 -50.66 -12.68 -41.66
CA ASP D 89 -50.36 -13.61 -40.59
C ASP D 89 -50.34 -15.05 -41.04
N SER D 90 -50.79 -15.35 -42.26
CA SER D 90 -50.77 -16.71 -42.78
C SER D 90 -49.35 -17.10 -43.15
N ALA D 91 -48.90 -18.24 -42.66
CA ALA D 91 -47.56 -18.76 -42.92
C ALA D 91 -47.40 -20.06 -42.16
N ILE D 92 -46.29 -20.75 -42.43
CA ILE D 92 -45.98 -22.00 -41.76
C ILE D 92 -45.47 -21.69 -40.36
N TYR D 93 -45.98 -22.41 -39.37
CA TYR D 93 -45.68 -22.16 -37.97
C TYR D 93 -44.87 -23.32 -37.39
N TYR D 94 -43.72 -22.99 -36.80
CA TYR D 94 -42.85 -23.97 -36.16
C TYR D 94 -42.76 -23.69 -34.67
N CYS D 95 -42.50 -24.75 -33.90
CA CYS D 95 -42.19 -24.64 -32.49
C CYS D 95 -40.96 -25.49 -32.21
N ALA D 96 -39.91 -24.87 -31.70
CA ALA D 96 -38.62 -25.53 -31.50
C ALA D 96 -38.18 -25.39 -30.04
N ARG D 97 -37.38 -26.36 -29.60
CA ARG D 97 -36.83 -26.33 -28.25
C ARG D 97 -35.60 -25.43 -28.22
N THR D 98 -35.66 -24.38 -27.42
CA THR D 98 -34.57 -23.40 -27.32
C THR D 98 -33.73 -23.69 -26.09
N GLN D 99 -32.43 -23.49 -26.22
CA GLN D 99 -31.48 -23.72 -25.13
C GLN D 99 -30.83 -22.40 -24.71
N HIS D 100 -30.52 -22.31 -23.42
CA HIS D 100 -29.96 -21.10 -22.85
C HIS D 100 -28.48 -21.00 -23.15
N GLY D 101 -28.03 -19.80 -23.48
CA GLY D 101 -26.63 -19.55 -23.78
C GLY D 101 -26.14 -18.29 -23.10
N ARG D 102 -24.90 -18.34 -22.62
CA ARG D 102 -24.32 -17.25 -21.83
C ARG D 102 -22.93 -16.96 -22.38
N ARG D 103 -22.78 -15.79 -23.02
CA ARG D 103 -21.52 -15.36 -23.62
C ARG D 103 -20.85 -14.34 -22.72
N ILE D 104 -19.65 -14.67 -22.25
CA ILE D 104 -18.87 -13.81 -21.36
C ILE D 104 -17.72 -13.22 -22.15
N TYR D 105 -17.67 -11.88 -22.24
CA TYR D 105 -16.63 -11.19 -22.97
C TYR D 105 -15.76 -10.28 -22.11
N GLY D 106 -16.17 -9.98 -20.88
CA GLY D 106 -15.41 -9.13 -19.99
C GLY D 106 -15.30 -9.77 -18.61
N ILE D 107 -15.42 -8.94 -17.58
CA ILE D 107 -15.39 -9.39 -16.20
C ILE D 107 -16.82 -9.61 -15.73
N VAL D 108 -17.09 -10.80 -15.19
CA VAL D 108 -18.46 -11.20 -14.91
C VAL D 108 -19.14 -10.24 -13.94
N ALA D 109 -18.37 -9.73 -12.97
CA ALA D 109 -18.97 -8.91 -11.92
C ALA D 109 -19.67 -7.68 -12.49
N PHE D 110 -19.06 -7.03 -13.47
CA PHE D 110 -19.60 -5.80 -14.05
C PHE D 110 -20.43 -6.10 -15.30
N ARG D 111 -21.43 -6.97 -15.12
CA ARG D 111 -22.22 -7.42 -16.25
C ARG D 111 -21.29 -8.00 -17.32
N GLU D 112 -21.16 -7.29 -18.44
CA GLU D 112 -20.22 -7.69 -19.50
C GLU D 112 -20.48 -9.13 -19.94
N TRP D 113 -21.75 -9.52 -19.98
CA TRP D 113 -22.13 -10.82 -20.50
C TRP D 113 -23.58 -10.75 -20.95
N PHE D 114 -23.85 -11.29 -22.14
CA PHE D 114 -25.19 -11.31 -22.69
C PHE D 114 -25.62 -12.75 -22.93
N THR D 115 -26.92 -12.99 -22.79
CA THR D 115 -27.50 -14.30 -23.05
C THR D 115 -27.88 -14.42 -24.52
N TYR D 116 -27.53 -15.56 -25.12
CA TYR D 116 -27.84 -15.83 -26.52
C TYR D 116 -28.55 -17.18 -26.61
N PHE D 117 -29.66 -17.20 -27.35
CA PHE D 117 -30.48 -18.39 -27.48
C PHE D 117 -30.25 -19.08 -28.82
N TYR D 118 -30.52 -20.38 -28.86
CA TYR D 118 -30.44 -21.16 -30.09
C TYR D 118 -31.38 -22.36 -29.97
N MET D 119 -32.12 -22.63 -31.04
CA MET D 119 -33.10 -23.72 -31.07
C MET D 119 -32.47 -24.89 -31.81
N ASP D 120 -32.19 -25.97 -31.07
CA ASP D 120 -31.53 -27.13 -31.65
C ASP D 120 -32.49 -28.16 -32.23
N VAL D 121 -33.69 -28.30 -31.65
CA VAL D 121 -34.66 -29.28 -32.09
C VAL D 121 -35.91 -28.55 -32.58
N TRP D 122 -36.35 -28.92 -33.79
CA TRP D 122 -37.51 -28.29 -34.41
C TRP D 122 -38.64 -29.31 -34.58
N GLY D 123 -39.85 -28.79 -34.74
CA GLY D 123 -40.99 -29.59 -35.13
C GLY D 123 -41.11 -29.66 -36.65
N GLN D 124 -42.16 -30.35 -37.10
CA GLN D 124 -42.37 -30.46 -38.53
C GLN D 124 -43.00 -29.18 -39.10
N GLY D 125 -43.89 -28.55 -38.34
CA GLY D 125 -44.53 -27.32 -38.78
C GLY D 125 -45.90 -27.57 -39.38
N THR D 126 -46.89 -26.79 -38.95
CA THR D 126 -48.24 -26.89 -39.47
C THR D 126 -48.61 -25.60 -40.19
N PRO D 127 -49.07 -25.67 -41.43
CA PRO D 127 -49.45 -24.46 -42.15
C PRO D 127 -50.74 -23.88 -41.62
N VAL D 128 -50.90 -22.56 -41.82
CA VAL D 128 -52.12 -21.85 -41.43
C VAL D 128 -52.42 -20.78 -42.47
N THR D 129 -53.56 -20.89 -43.12
CA THR D 129 -54.00 -19.92 -44.12
C THR D 129 -55.17 -19.12 -43.56
N VAL D 130 -55.06 -17.80 -43.63
CA VAL D 130 -56.07 -16.89 -43.12
C VAL D 130 -56.76 -16.24 -44.30
N SER D 131 -58.06 -16.47 -44.44
CA SER D 131 -58.84 -15.92 -45.54
C SER D 131 -60.31 -16.08 -45.24
N SER D 132 -61.12 -15.17 -45.78
CA SER D 132 -62.56 -15.24 -45.59
C SER D 132 -63.19 -16.43 -46.32
N ALA D 133 -62.51 -16.96 -47.33
CA ALA D 133 -63.06 -18.08 -48.08
C ALA D 133 -63.40 -19.24 -47.16
N SER D 134 -64.44 -19.99 -47.53
CA SER D 134 -64.89 -21.12 -46.76
C SER D 134 -64.09 -22.37 -47.14
N THR D 135 -64.34 -23.47 -46.44
CA THR D 135 -63.69 -24.73 -46.74
C THR D 135 -64.38 -25.41 -47.92
N LYS D 136 -63.60 -26.23 -48.63
CA LYS D 136 -64.12 -26.93 -49.80
C LYS D 136 -63.53 -28.33 -49.85
N GLY D 137 -64.40 -29.33 -49.95
CA GLY D 137 -63.97 -30.71 -50.02
C GLY D 137 -63.35 -31.05 -51.37
N PRO D 138 -62.39 -31.98 -51.37
CA PRO D 138 -61.73 -32.36 -52.62
C PRO D 138 -62.45 -33.47 -53.35
N SER D 139 -62.54 -33.32 -54.67
CA SER D 139 -63.09 -34.35 -55.54
C SER D 139 -61.97 -35.27 -55.99
N VAL D 140 -62.12 -36.57 -55.75
CA VAL D 140 -61.09 -37.55 -56.02
C VAL D 140 -61.53 -38.41 -57.20
N PHE D 141 -60.75 -38.37 -58.28
CA PHE D 141 -61.02 -39.15 -59.48
C PHE D 141 -59.81 -40.00 -59.82
N PRO D 142 -59.97 -41.31 -59.96
CA PRO D 142 -58.82 -42.17 -60.24
C PRO D 142 -58.28 -41.96 -61.65
N LEU D 143 -56.97 -42.11 -61.78
CA LEU D 143 -56.29 -42.01 -63.07
C LEU D 143 -55.90 -43.41 -63.53
N ALA D 144 -56.48 -43.86 -64.64
CA ALA D 144 -56.27 -45.22 -65.10
C ALA D 144 -54.89 -45.38 -65.73
N PRO D 145 -54.27 -46.55 -65.57
CA PRO D 145 -52.97 -46.79 -66.19
C PRO D 145 -53.05 -46.68 -67.70
N SER D 146 -51.94 -46.24 -68.31
CA SER D 146 -51.86 -46.08 -69.75
C SER D 146 -51.67 -47.40 -70.49
N SER D 147 -51.37 -48.48 -69.78
CA SER D 147 -51.16 -49.78 -70.41
C SER D 147 -49.99 -49.74 -71.38
N SER D 151 -42.10 -49.56 -72.63
CA SER D 151 -42.06 -51.01 -72.78
C SER D 151 -42.14 -51.70 -71.43
N GLY D 152 -42.16 -53.03 -71.44
CA GLY D 152 -42.24 -53.80 -70.23
C GLY D 152 -41.09 -53.55 -69.26
N GLY D 153 -41.39 -53.59 -67.96
CA GLY D 153 -42.75 -53.84 -67.51
C GLY D 153 -43.30 -52.71 -66.68
N THR D 154 -42.73 -51.52 -66.84
CA THR D 154 -43.14 -50.36 -66.07
C THR D 154 -44.54 -49.92 -66.47
N ALA D 155 -45.34 -49.56 -65.47
CA ALA D 155 -46.69 -49.03 -65.68
C ALA D 155 -46.94 -47.91 -64.69
N ALA D 156 -47.86 -47.02 -65.06
CA ALA D 156 -48.12 -45.81 -64.28
C ALA D 156 -49.61 -45.68 -64.02
N LEU D 157 -49.98 -45.53 -62.75
CA LEU D 157 -51.34 -45.21 -62.34
C LEU D 157 -51.28 -44.14 -61.26
N GLY D 158 -52.44 -43.65 -60.87
CA GLY D 158 -52.47 -42.63 -59.83
C GLY D 158 -53.89 -42.15 -59.59
N CYS D 159 -53.98 -41.09 -58.78
CA CYS D 159 -55.24 -40.48 -58.42
C CYS D 159 -55.17 -38.98 -58.62
N LEU D 160 -56.34 -38.35 -58.76
CA LEU D 160 -56.45 -36.92 -58.97
C LEU D 160 -57.31 -36.33 -57.86
N VAL D 161 -56.82 -35.24 -57.27
CA VAL D 161 -57.53 -34.53 -56.21
C VAL D 161 -57.92 -33.17 -56.78
N LYS D 162 -59.19 -33.02 -57.15
CA LYS D 162 -59.67 -31.81 -57.81
C LYS D 162 -59.71 -30.66 -56.81
N ASP D 163 -60.33 -29.55 -57.22
CA ASP D 163 -60.26 -28.31 -56.47
C ASP D 163 -60.69 -28.50 -55.02
N TYR D 164 -59.93 -27.90 -54.11
CA TYR D 164 -60.21 -27.95 -52.68
C TYR D 164 -59.62 -26.69 -52.04
N PHE D 165 -59.73 -26.63 -50.72
CA PHE D 165 -59.22 -25.47 -49.96
C PHE D 165 -59.44 -25.65 -48.46
N PRO D 166 -58.44 -25.29 -47.65
CA PRO D 166 -57.13 -24.86 -48.13
C PRO D 166 -56.07 -25.96 -47.98
N GLU D 167 -54.83 -25.64 -48.31
CA GLU D 167 -53.72 -26.56 -48.09
C GLU D 167 -53.66 -26.98 -46.62
N PRO D 168 -53.10 -28.17 -46.34
CA PRO D 168 -52.62 -29.12 -47.35
C PRO D 168 -53.54 -30.34 -47.48
N VAL D 169 -53.10 -31.32 -48.26
CA VAL D 169 -53.80 -32.59 -48.41
C VAL D 169 -52.78 -33.71 -48.28
N THR D 170 -53.15 -34.75 -47.53
CA THR D 170 -52.29 -35.90 -47.30
C THR D 170 -52.76 -37.07 -48.16
N VAL D 171 -51.83 -37.72 -48.85
CA VAL D 171 -52.13 -38.81 -49.76
C VAL D 171 -51.32 -40.03 -49.34
N SER D 172 -52.00 -41.15 -49.16
CA SER D 172 -51.38 -42.44 -48.89
C SER D 172 -51.96 -43.48 -49.84
N TRP D 173 -51.29 -44.62 -49.92
CA TRP D 173 -51.70 -45.70 -50.82
C TRP D 173 -51.82 -46.99 -50.03
N ASN D 174 -52.99 -47.63 -50.12
CA ASN D 174 -53.28 -48.83 -49.34
C ASN D 174 -53.11 -48.57 -47.85
N SER D 175 -53.55 -47.39 -47.41
CA SER D 175 -53.39 -46.97 -46.01
C SER D 175 -51.90 -46.93 -45.63
N GLY D 176 -51.07 -46.46 -46.54
CA GLY D 176 -49.64 -46.41 -46.32
C GLY D 176 -48.93 -47.73 -46.48
N ALA D 177 -49.53 -48.68 -47.19
CA ALA D 177 -48.91 -49.99 -47.35
C ALA D 177 -47.81 -49.98 -48.42
N LEU D 178 -47.92 -49.08 -49.40
CA LEU D 178 -46.95 -48.99 -50.49
C LEU D 178 -46.25 -47.65 -50.44
N THR D 179 -44.91 -47.68 -50.45
CA THR D 179 -44.11 -46.46 -50.43
C THR D 179 -43.15 -46.34 -51.62
N SER D 180 -42.87 -47.43 -52.33
CA SER D 180 -41.96 -47.38 -53.45
C SER D 180 -42.66 -46.81 -54.68
N GLY D 181 -41.91 -46.03 -55.46
CA GLY D 181 -42.45 -45.44 -56.67
C GLY D 181 -43.62 -44.52 -56.47
N VAL D 182 -43.75 -43.93 -55.28
CA VAL D 182 -44.83 -43.00 -54.96
C VAL D 182 -44.31 -41.58 -55.10
N HIS D 183 -45.02 -40.77 -55.88
CA HIS D 183 -44.63 -39.38 -56.14
C HIS D 183 -45.87 -38.51 -56.07
N THR D 184 -45.97 -37.68 -55.04
CA THR D 184 -47.08 -36.75 -54.86
C THR D 184 -46.63 -35.36 -55.27
N PHE D 185 -47.13 -34.88 -56.40
CA PHE D 185 -46.71 -33.60 -56.94
C PHE D 185 -47.35 -32.44 -56.16
N PRO D 186 -46.71 -31.28 -56.16
CA PRO D 186 -47.29 -30.12 -55.47
C PRO D 186 -48.57 -29.66 -56.14
N ALA D 187 -49.45 -29.09 -55.34
CA ALA D 187 -50.74 -28.63 -55.85
C ALA D 187 -50.56 -27.37 -56.70
N VAL D 188 -51.61 -27.04 -57.44
CA VAL D 188 -51.66 -25.84 -58.28
C VAL D 188 -52.88 -25.03 -57.89
N LEU D 189 -52.69 -23.73 -57.71
CA LEU D 189 -53.80 -22.82 -57.38
C LEU D 189 -54.41 -22.28 -58.66
N GLN D 190 -55.66 -22.63 -58.91
CA GLN D 190 -56.37 -22.16 -60.09
C GLN D 190 -57.02 -20.80 -59.81
N SER D 191 -57.38 -20.12 -60.90
CA SER D 191 -58.05 -18.83 -60.77
C SER D 191 -59.32 -18.93 -59.93
N SER D 192 -59.93 -20.11 -59.88
CA SER D 192 -61.10 -20.31 -59.05
C SER D 192 -60.80 -20.18 -57.57
N GLY D 193 -59.52 -20.26 -57.18
CA GLY D 193 -59.15 -20.13 -55.79
C GLY D 193 -59.06 -21.43 -55.01
N LEU D 194 -58.99 -22.57 -55.71
CA LEU D 194 -58.91 -23.87 -55.05
C LEU D 194 -57.71 -24.62 -55.61
N TYR D 195 -57.00 -25.32 -54.72
CA TYR D 195 -55.81 -26.06 -55.12
C TYR D 195 -56.18 -27.40 -55.72
N SER D 196 -55.28 -27.94 -56.52
CA SER D 196 -55.49 -29.24 -57.18
C SER D 196 -54.14 -29.91 -57.33
N LEU D 197 -54.02 -31.13 -56.80
CA LEU D 197 -52.77 -31.87 -56.84
C LEU D 197 -53.04 -33.29 -57.35
N SER D 198 -51.97 -33.94 -57.78
CA SER D 198 -52.03 -35.31 -58.26
C SER D 198 -51.03 -36.17 -57.48
N SER D 199 -51.22 -37.48 -57.58
CA SER D 199 -50.34 -38.43 -56.91
C SER D 199 -50.32 -39.72 -57.73
N VAL D 200 -49.16 -40.07 -58.27
CA VAL D 200 -49.01 -41.22 -59.14
C VAL D 200 -48.10 -42.25 -58.47
N VAL D 201 -48.21 -43.49 -58.94
CA VAL D 201 -47.39 -44.59 -58.46
C VAL D 201 -46.92 -45.40 -59.67
N THR D 202 -45.64 -45.74 -59.70
CA THR D 202 -45.05 -46.52 -60.77
C THR D 202 -44.94 -47.97 -60.32
N VAL D 203 -45.71 -48.85 -60.96
CA VAL D 203 -45.71 -50.27 -60.62
C VAL D 203 -45.47 -51.08 -61.90
N PRO D 204 -44.87 -52.24 -61.74
CA PRO D 204 -44.54 -53.11 -62.85
C PRO D 204 -45.75 -53.58 -63.59
N SER D 205 -45.59 -53.73 -64.89
CA SER D 205 -46.66 -54.19 -65.73
C SER D 205 -47.28 -55.44 -65.15
N SER D 206 -46.44 -56.41 -64.83
CA SER D 206 -46.90 -57.67 -64.26
C SER D 206 -47.93 -57.43 -63.18
N SER D 207 -47.41 -57.03 -62.02
CA SER D 207 -48.18 -56.73 -60.81
C SER D 207 -49.52 -56.18 -61.17
N LEU D 208 -49.53 -55.43 -62.26
CA LEU D 208 -50.74 -54.88 -62.76
C LEU D 208 -51.54 -56.08 -63.19
N GLY D 209 -52.45 -56.51 -62.33
CA GLY D 209 -53.30 -57.65 -62.63
C GLY D 209 -53.06 -58.85 -61.73
N THR D 210 -53.57 -58.81 -60.50
CA THR D 210 -54.30 -57.67 -59.97
C THR D 210 -53.78 -57.46 -58.57
N GLN D 211 -53.57 -56.22 -58.19
CA GLN D 211 -53.05 -55.99 -56.84
C GLN D 211 -53.94 -55.06 -56.02
N THR D 212 -55.03 -54.55 -56.61
CA THR D 212 -55.99 -53.72 -55.90
C THR D 212 -55.31 -52.51 -55.26
N TYR D 213 -54.87 -51.60 -56.12
CA TYR D 213 -54.27 -50.36 -55.67
C TYR D 213 -55.36 -49.34 -55.33
N ILE D 214 -55.27 -48.77 -54.13
CA ILE D 214 -56.25 -47.80 -53.65
C ILE D 214 -55.49 -46.64 -53.01
N CYS D 215 -55.85 -45.42 -53.38
CA CYS D 215 -55.24 -44.22 -52.82
C CYS D 215 -56.11 -43.67 -51.70
N ASN D 216 -55.50 -43.31 -50.59
CA ASN D 216 -56.18 -42.78 -49.42
C ASN D 216 -55.93 -41.28 -49.35
N VAL D 217 -57.01 -40.50 -49.41
CA VAL D 217 -56.92 -39.04 -49.39
C VAL D 217 -57.51 -38.52 -48.09
N ASN D 218 -56.98 -37.39 -47.61
CA ASN D 218 -57.43 -36.79 -46.37
C ASN D 218 -57.26 -35.29 -46.45
N HIS D 219 -58.31 -34.55 -46.07
CA HIS D 219 -58.30 -33.09 -46.06
C HIS D 219 -58.84 -32.65 -44.71
N LYS D 220 -57.93 -32.27 -43.80
CA LYS D 220 -58.34 -31.96 -42.43
C LYS D 220 -59.32 -30.81 -42.36
N PRO D 221 -59.07 -29.64 -42.97
CA PRO D 221 -60.04 -28.55 -42.88
C PRO D 221 -61.44 -28.95 -43.36
N SER D 222 -61.51 -29.78 -44.40
CA SER D 222 -62.80 -30.27 -44.89
C SER D 222 -63.36 -31.42 -44.06
N ASN D 223 -62.57 -31.97 -43.13
CA ASN D 223 -63.02 -33.05 -42.26
C ASN D 223 -63.44 -34.28 -43.08
N THR D 224 -62.82 -34.47 -44.24
CA THR D 224 -63.19 -35.54 -45.17
C THR D 224 -61.98 -36.42 -45.45
N LYS D 225 -62.15 -37.72 -45.27
CA LYS D 225 -61.15 -38.72 -45.59
C LYS D 225 -61.74 -39.65 -46.65
N VAL D 226 -61.11 -39.68 -47.82
CA VAL D 226 -61.66 -40.36 -48.99
C VAL D 226 -60.68 -41.42 -49.48
N ASP D 227 -61.23 -42.58 -49.85
CA ASP D 227 -60.47 -43.63 -50.52
C ASP D 227 -61.11 -43.92 -51.87
N LYS D 228 -60.29 -44.36 -52.82
CA LYS D 228 -60.78 -44.63 -54.17
C LYS D 228 -59.95 -45.75 -54.79
N LYS D 229 -60.61 -46.61 -55.55
CA LYS D 229 -59.94 -47.70 -56.25
C LYS D 229 -59.45 -47.22 -57.61
N VAL D 230 -58.38 -47.85 -58.08
CA VAL D 230 -57.80 -47.55 -59.38
C VAL D 230 -57.63 -48.87 -60.14
N GLU D 231 -58.20 -48.94 -61.34
CA GLU D 231 -58.17 -50.15 -62.15
C GLU D 231 -58.28 -49.78 -63.61
N PRO D 232 -57.68 -50.55 -64.50
CA PRO D 232 -57.70 -50.19 -65.92
C PRO D 232 -59.12 -50.12 -66.46
N LYS D 233 -59.30 -49.25 -67.46
CA LYS D 233 -60.59 -49.05 -68.11
C LYS D 233 -60.47 -49.39 -69.59
N SER D 234 -61.50 -50.07 -70.11
CA SER D 234 -61.51 -50.46 -71.52
C SER D 234 -61.55 -49.23 -72.43
N GLU E 1 28.09 16.95 32.79
CA GLU E 1 26.81 17.41 33.33
C GLU E 1 25.76 16.30 33.25
N GLY E 2 26.22 15.06 33.31
CA GLY E 2 25.32 13.92 33.28
C GLY E 2 25.45 13.08 34.53
N GLN E 3 24.44 12.28 34.83
CA GLN E 3 24.39 11.47 36.04
C GLN E 3 24.39 9.99 35.69
N LEU E 4 25.20 9.23 36.44
CA LEU E 4 25.26 7.78 36.33
C LEU E 4 24.57 7.19 37.55
N VAL E 5 23.56 6.35 37.31
CA VAL E 5 22.75 5.74 38.36
C VAL E 5 22.92 4.24 38.26
N GLN E 6 23.44 3.63 39.31
CA GLN E 6 23.71 2.20 39.37
C GLN E 6 22.56 1.46 40.02
N SER E 7 22.53 0.15 39.83
CA SER E 7 21.48 -0.67 40.41
C SER E 7 21.64 -0.72 41.93
N GLY E 8 20.57 -1.15 42.59
CA GLY E 8 20.55 -1.16 44.03
C GLY E 8 21.47 -2.22 44.62
N ALA E 9 21.66 -2.13 45.93
CA ALA E 9 22.50 -3.08 46.63
C ALA E 9 21.89 -4.47 46.60
N GLU E 10 22.76 -5.48 46.63
CA GLU E 10 22.32 -6.87 46.56
C GLU E 10 23.13 -7.68 47.56
N LEU E 11 22.49 -8.71 48.10
CA LEU E 11 23.15 -9.69 48.94
C LEU E 11 23.19 -11.02 48.21
N LYS E 12 24.38 -11.59 48.07
CA LYS E 12 24.55 -12.85 47.36
C LYS E 12 25.44 -13.77 48.18
N LYS E 13 25.18 -15.06 48.07
CA LYS E 13 25.98 -16.07 48.75
C LYS E 13 27.28 -16.32 47.99
N PRO E 14 28.34 -16.68 48.70
CA PRO E 14 29.61 -16.99 48.01
C PRO E 14 29.45 -18.17 47.05
N GLY E 15 30.14 -18.06 45.92
CA GLY E 15 30.01 -18.99 44.83
C GLY E 15 28.98 -18.61 43.77
N ALA E 16 28.07 -17.70 44.09
CA ALA E 16 27.06 -17.28 43.14
C ALA E 16 27.61 -16.17 42.24
N SER E 17 26.75 -15.66 41.35
CA SER E 17 27.09 -14.59 40.44
C SER E 17 26.09 -13.45 40.61
N VAL E 18 26.53 -12.24 40.23
CA VAL E 18 25.68 -11.06 40.34
C VAL E 18 26.03 -10.11 39.19
N LYS E 19 25.00 -9.43 38.69
CA LYS E 19 25.13 -8.52 37.56
C LYS E 19 24.69 -7.13 37.97
N ILE E 20 25.61 -6.17 37.94
CA ILE E 20 25.34 -4.79 38.33
C ILE E 20 25.15 -3.95 37.08
N SER E 21 24.17 -3.05 37.11
CA SER E 21 23.88 -2.19 35.98
C SER E 21 24.25 -0.74 36.30
N CYS E 22 24.41 0.05 35.24
CA CYS E 22 24.86 1.43 35.37
C CYS E 22 24.23 2.22 34.23
N LYS E 23 23.12 2.90 34.53
CA LYS E 23 22.39 3.65 33.52
C LYS E 23 22.86 5.10 33.48
N THR E 24 23.07 5.61 32.27
CA THR E 24 23.65 6.93 32.07
C THR E 24 22.67 7.86 31.36
N SER E 25 22.91 9.16 31.52
CA SER E 25 22.12 10.19 30.87
C SER E 25 22.89 11.51 30.94
N GLY E 26 22.42 12.48 30.17
CA GLY E 26 23.00 13.81 30.18
C GLY E 26 24.24 14.00 29.34
N TYR E 27 24.66 12.99 28.59
CA TYR E 27 25.85 13.10 27.75
C TYR E 27 25.79 12.01 26.69
N ARG E 28 26.65 12.13 25.69
CA ARG E 28 26.74 11.11 24.65
C ARG E 28 27.39 9.86 25.23
N PHE E 29 26.58 8.84 25.51
CA PHE E 29 27.08 7.63 26.10
C PHE E 29 28.14 6.98 25.21
N ASN E 30 28.03 7.17 23.90
CA ASN E 30 28.95 6.51 22.96
C ASN E 30 30.34 7.11 22.99
N PHE E 31 30.51 8.31 23.54
CA PHE E 31 31.76 9.05 23.38
C PHE E 31 32.74 8.86 24.55
N TYR E 32 32.37 8.09 25.57
CA TYR E 32 33.22 8.00 26.76
C TYR E 32 33.26 6.58 27.29
N HIS E 33 34.45 6.15 27.69
CA HIS E 33 34.62 4.85 28.32
C HIS E 33 33.83 4.80 29.63
N ILE E 34 33.40 3.59 30.00
CA ILE E 34 32.75 3.34 31.28
C ILE E 34 33.70 2.46 32.09
N ASN E 35 34.22 2.99 33.18
CA ASN E 35 35.12 2.25 34.06
C ASN E 35 34.36 1.62 35.22
N TRP E 36 34.95 0.56 35.77
CA TRP E 36 34.40 -0.12 36.94
C TRP E 36 35.48 -0.25 38.01
N ILE E 37 35.23 0.34 39.17
CA ILE E 37 36.17 0.35 40.28
C ILE E 37 35.43 -0.09 41.54
N ARG E 38 36.10 -0.86 42.39
CA ARG E 38 35.51 -1.32 43.64
C ARG E 38 36.40 -0.91 44.81
N GLN E 39 35.81 -0.92 46.01
CA GLN E 39 36.52 -0.60 47.23
C GLN E 39 36.11 -1.58 48.32
N THR E 40 37.08 -2.32 48.84
CA THR E 40 36.87 -3.26 49.93
C THR E 40 37.78 -2.87 51.10
N ALA E 41 37.39 -3.30 52.30
CA ALA E 41 38.18 -2.96 53.48
C ALA E 41 39.54 -3.65 53.46
N GLY E 42 39.65 -4.81 52.83
CA GLY E 42 40.89 -5.55 52.87
C GLY E 42 41.92 -5.07 51.88
N ARG E 43 41.48 -4.61 50.70
CA ARG E 43 42.39 -4.20 49.64
C ARG E 43 42.29 -2.73 49.27
N GLY E 44 41.38 -1.98 49.87
CA GLY E 44 41.19 -0.59 49.51
C GLY E 44 40.56 -0.44 48.14
N PRO E 45 40.73 0.72 47.52
CA PRO E 45 40.17 0.93 46.18
C PRO E 45 40.97 0.14 45.13
N GLU E 46 40.25 -0.49 44.21
CA GLU E 46 40.85 -1.36 43.21
C GLU E 46 40.13 -1.18 41.89
N TRP E 47 40.89 -0.80 40.85
CA TRP E 47 40.34 -0.63 39.51
C TRP E 47 40.17 -1.99 38.83
N MET E 48 38.99 -2.22 38.28
CA MET E 48 38.66 -3.52 37.68
C MET E 48 38.79 -3.51 36.16
N GLY E 49 38.27 -2.49 35.49
CA GLY E 49 38.36 -2.44 34.04
C GLY E 49 37.50 -1.31 33.50
N TRP E 50 37.63 -1.10 32.19
CA TRP E 50 36.75 -0.18 31.47
C TRP E 50 36.37 -0.80 30.13
N ILE E 51 35.31 -0.25 29.53
CA ILE E 51 34.81 -0.69 28.24
C ILE E 51 34.37 0.53 27.44
N SER E 52 34.57 0.46 26.13
CA SER E 52 34.19 1.56 25.24
C SER E 52 32.82 1.29 24.64
N PRO E 53 31.83 2.16 24.88
CA PRO E 53 30.52 1.97 24.24
C PRO E 53 30.55 2.11 22.73
N TYR E 54 31.56 2.79 22.18
CA TYR E 54 31.61 3.01 20.74
C TYR E 54 32.16 1.79 20.01
N SER E 55 33.30 1.29 20.46
CA SER E 55 33.99 0.19 19.77
C SER E 55 33.81 -1.15 20.46
N GLY E 56 33.50 -1.17 21.76
CA GLY E 56 33.40 -2.41 22.49
C GLY E 56 34.70 -2.92 23.06
N ASP E 57 35.81 -2.23 22.82
CA ASP E 57 37.07 -2.63 23.41
C ASP E 57 37.00 -2.55 24.93
N LYS E 58 37.48 -3.60 25.59
CA LYS E 58 37.50 -3.69 27.03
C LYS E 58 38.93 -3.97 27.51
N ASN E 59 39.26 -3.49 28.70
CA ASN E 59 40.55 -3.74 29.31
C ASN E 59 40.31 -4.07 30.78
N LEU E 60 40.54 -5.32 31.16
CA LEU E 60 40.32 -5.79 32.52
C LEU E 60 41.65 -6.00 33.23
N ALA E 61 41.72 -5.60 34.49
CA ALA E 61 42.87 -5.89 35.31
C ALA E 61 43.03 -7.41 35.48
N PRO E 62 44.28 -7.89 35.56
CA PRO E 62 44.49 -9.34 35.66
C PRO E 62 43.79 -9.98 36.84
N ALA E 63 43.59 -9.25 37.93
CA ALA E 63 42.91 -9.83 39.10
C ALA E 63 41.44 -10.11 38.83
N PHE E 64 40.84 -9.45 37.83
CA PHE E 64 39.44 -9.66 37.49
C PHE E 64 39.28 -10.15 36.05
N GLN E 65 40.38 -10.51 35.38
CA GLN E 65 40.30 -10.90 33.98
C GLN E 65 39.50 -12.18 33.79
N ASP E 66 39.47 -13.04 34.81
CA ASP E 66 38.84 -14.34 34.70
C ASP E 66 37.50 -14.43 35.44
N ARG E 67 37.04 -13.34 36.05
CA ARG E 67 35.80 -13.37 36.82
C ARG E 67 34.85 -12.22 36.52
N VAL E 68 35.23 -11.29 35.65
CA VAL E 68 34.40 -10.12 35.36
C VAL E 68 34.06 -10.11 33.88
N ILE E 69 32.80 -9.87 33.56
CA ILE E 69 32.31 -9.74 32.19
C ILE E 69 31.61 -8.39 32.07
N MET E 70 32.12 -7.54 31.18
CA MET E 70 31.58 -6.20 31.00
C MET E 70 30.86 -6.10 29.65
N THR E 71 29.65 -5.55 29.68
CA THR E 71 28.86 -5.37 28.46
C THR E 71 28.17 -4.01 28.51
N THR E 72 27.75 -3.53 27.33
CA THR E 72 27.07 -2.26 27.20
C THR E 72 25.93 -2.34 26.19
N ASP E 73 24.90 -1.53 26.39
CA ASP E 73 23.76 -1.50 25.48
C ASP E 73 23.92 -0.34 24.51
N THR E 74 23.06 -0.27 23.49
CA THR E 74 23.17 0.81 22.53
C THR E 74 22.46 2.06 23.03
N GLU E 75 23.06 3.23 22.76
CA GLU E 75 22.54 4.48 23.27
C GLU E 75 21.20 4.82 22.62
N VAL E 76 20.27 5.33 23.42
CA VAL E 76 18.97 5.80 22.95
C VAL E 76 19.06 7.32 22.82
N PRO E 77 19.06 7.87 21.61
CA PRO E 77 19.26 9.32 21.47
C PRO E 77 18.11 10.11 22.07
N VAL E 78 18.49 11.23 22.70
CA VAL E 78 17.55 12.23 23.19
C VAL E 78 17.64 13.52 22.36
N THR E 79 18.81 14.15 22.35
CA THR E 79 19.09 15.27 21.47
C THR E 79 20.32 14.91 20.62
N SER E 80 20.80 15.89 19.85
CA SER E 80 21.95 15.64 18.98
C SER E 80 23.22 15.40 19.78
N PHE E 81 23.32 15.97 20.98
CA PHE E 81 24.55 15.91 21.77
C PHE E 81 24.41 15.09 23.04
N THR E 82 23.22 14.57 23.35
CA THR E 82 23.03 13.75 24.53
C THR E 82 22.24 12.51 24.16
N SER E 83 22.34 11.49 25.03
CA SER E 83 21.62 10.24 24.87
C SER E 83 21.58 9.54 26.21
N THR E 84 20.87 8.42 26.25
CA THR E 84 20.83 7.56 27.43
C THR E 84 21.38 6.19 27.09
N GLY E 85 22.06 5.58 28.05
CA GLY E 85 22.68 4.28 27.85
C GLY E 85 22.70 3.43 29.09
N ALA E 86 23.36 2.27 29.01
CA ALA E 86 23.43 1.35 30.14
C ALA E 86 24.63 0.43 29.95
N ALA E 87 25.42 0.27 31.02
CA ALA E 87 26.55 -0.64 31.02
C ALA E 87 26.35 -1.66 32.14
N TYR E 88 26.90 -2.86 31.94
CA TYR E 88 26.71 -3.96 32.87
C TYR E 88 28.06 -4.61 33.20
N MET E 89 28.14 -5.14 34.42
CA MET E 89 29.28 -5.92 34.86
C MET E 89 28.77 -7.16 35.58
N GLU E 90 29.16 -8.33 35.10
CA GLU E 90 28.76 -9.60 35.68
C GLU E 90 29.98 -10.25 36.31
N ILE E 91 29.96 -10.41 37.63
CA ILE E 91 31.06 -10.98 38.39
C ILE E 91 30.61 -12.31 38.96
N ARG E 92 31.45 -13.33 38.80
CA ARG E 92 31.12 -14.70 39.19
C ARG E 92 32.19 -15.22 40.15
N ASN E 93 31.88 -16.35 40.78
CA ASN E 93 32.78 -16.95 41.77
C ASN E 93 33.05 -15.96 42.90
N LEU E 94 31.97 -15.46 43.50
CA LEU E 94 32.09 -14.46 44.55
C LEU E 94 32.71 -15.07 45.79
N LYS E 95 33.52 -14.28 46.49
CA LYS E 95 34.14 -14.72 47.73
C LYS E 95 33.82 -13.70 48.82
N PHE E 96 34.15 -14.07 50.06
CA PHE E 96 33.84 -13.18 51.19
C PHE E 96 34.60 -11.87 51.08
N ASP E 97 35.84 -11.92 50.57
CA ASP E 97 36.66 -10.72 50.43
C ASP E 97 36.23 -9.85 49.25
N ASP E 98 35.26 -10.30 48.45
CA ASP E 98 34.69 -9.47 47.40
C ASP E 98 33.59 -8.56 47.90
N THR E 99 33.21 -8.68 49.17
CA THR E 99 32.22 -7.78 49.75
C THR E 99 32.76 -6.36 49.79
N GLY E 100 32.00 -5.42 49.26
CA GLY E 100 32.43 -4.04 49.26
C GLY E 100 31.52 -3.18 48.38
N THR E 101 32.02 -2.01 48.02
CA THR E 101 31.27 -1.02 47.25
C THR E 101 31.83 -0.97 45.83
N TYR E 102 30.95 -0.99 44.85
CA TYR E 102 31.33 -1.00 43.44
C TYR E 102 30.84 0.28 42.77
N PHE E 103 31.67 0.84 41.89
CA PHE E 103 31.36 2.08 41.19
C PHE E 103 31.56 1.91 39.69
N CYS E 104 30.66 2.53 38.92
CA CYS E 104 30.89 2.79 37.51
C CYS E 104 31.26 4.26 37.33
N ALA E 105 32.09 4.53 36.32
CA ALA E 105 32.62 5.87 36.15
C ALA E 105 32.81 6.19 34.67
N LYS E 106 32.42 7.40 34.29
CA LYS E 106 32.56 7.87 32.92
C LYS E 106 33.98 8.37 32.67
N GLY E 107 34.48 8.14 31.47
CA GLY E 107 35.82 8.57 31.14
C GLY E 107 35.94 10.08 31.12
N LEU E 108 37.18 10.55 30.97
CA LEU E 108 37.49 11.96 31.08
C LEU E 108 37.38 12.69 29.74
N LEU E 109 38.08 12.21 28.72
CA LEU E 109 38.14 12.89 27.44
C LEU E 109 37.91 11.89 26.31
N ARG E 110 37.40 12.39 25.19
CA ARG E 110 37.23 11.53 24.02
C ARG E 110 38.57 11.19 23.37
N ASP E 111 39.55 12.08 23.54
CA ASP E 111 40.87 11.88 22.96
C ASP E 111 41.95 12.46 23.86
N GLY E 112 43.18 11.96 23.71
CA GLY E 112 44.28 12.45 24.52
C GLY E 112 45.13 11.33 25.09
N SER E 113 45.89 11.64 26.14
CA SER E 113 46.74 10.66 26.78
C SER E 113 46.08 10.00 27.98
N SER E 114 44.86 10.38 28.31
CA SER E 114 44.12 9.84 29.44
C SER E 114 42.63 9.96 29.13
N THR E 115 42.19 9.24 28.09
CA THR E 115 40.79 9.34 27.65
C THR E 115 39.84 8.62 28.60
N TRP E 116 40.22 7.42 29.04
CA TRP E 116 39.35 6.58 29.85
C TRP E 116 39.30 6.97 31.32
N LEU E 117 40.14 7.90 31.76
CA LEU E 117 40.32 8.18 33.17
C LEU E 117 38.96 8.45 33.83
N PRO E 118 38.58 7.69 34.85
CA PRO E 118 37.24 7.84 35.43
C PRO E 118 37.07 9.23 36.02
N TYR E 119 36.07 9.95 35.49
CA TYR E 119 35.80 11.34 35.82
C TYR E 119 34.45 11.54 36.48
N LEU E 120 33.38 10.98 35.90
CA LEU E 120 32.04 11.08 36.45
C LEU E 120 31.66 9.72 37.03
N TRP E 121 31.40 9.69 38.33
CA TRP E 121 31.16 8.47 39.07
C TRP E 121 29.69 8.34 39.45
N GLY E 122 29.23 7.10 39.56
CA GLY E 122 27.90 6.81 40.06
C GLY E 122 27.83 6.88 41.57
N GLN E 123 26.64 6.59 42.09
CA GLN E 123 26.42 6.66 43.53
C GLN E 123 26.93 5.42 44.26
N GLY E 124 27.28 4.37 43.54
CA GLY E 124 27.85 3.19 44.14
C GLY E 124 26.81 2.13 44.42
N THR E 125 27.24 0.86 44.35
CA THR E 125 26.37 -0.26 44.65
C THR E 125 27.05 -1.12 45.71
N LEU E 126 26.34 -1.38 46.81
CA LEU E 126 26.89 -2.15 47.92
C LEU E 126 26.63 -3.63 47.67
N LEU E 127 27.71 -4.41 47.59
CA LEU E 127 27.63 -5.85 47.39
C LEU E 127 28.12 -6.55 48.66
N THR E 128 27.27 -7.39 49.22
CA THR E 128 27.62 -8.18 50.39
C THR E 128 27.66 -9.65 50.00
N VAL E 129 28.79 -10.31 50.28
CA VAL E 129 28.95 -11.73 50.02
C VAL E 129 28.98 -12.43 51.37
N SER E 130 27.99 -13.28 51.61
CA SER E 130 27.85 -13.96 52.89
C SER E 130 26.95 -15.17 52.71
N SER E 131 27.19 -16.20 53.51
CA SER E 131 26.30 -17.34 53.54
C SER E 131 25.05 -17.09 54.38
N ALA E 132 25.01 -15.98 55.12
CA ALA E 132 23.87 -15.66 55.96
C ALA E 132 22.70 -15.18 55.09
N SER E 133 21.50 -15.36 55.61
CA SER E 133 20.29 -14.96 54.90
C SER E 133 19.93 -13.52 55.21
N THR E 134 19.07 -12.95 54.36
CA THR E 134 18.61 -11.59 54.55
C THR E 134 17.69 -11.51 55.76
N LYS E 135 17.80 -10.41 56.51
CA LYS E 135 16.98 -10.19 57.69
C LYS E 135 16.49 -8.75 57.69
N GLY E 136 15.18 -8.57 57.82
CA GLY E 136 14.59 -7.25 57.84
C GLY E 136 14.79 -6.60 59.18
N PRO E 137 14.73 -5.27 59.22
CA PRO E 137 14.99 -4.56 60.47
C PRO E 137 13.75 -4.47 61.36
N SER E 138 14.01 -4.14 62.62
CA SER E 138 12.99 -3.80 63.59
C SER E 138 13.15 -2.33 63.96
N VAL E 139 12.07 -1.56 63.77
CA VAL E 139 12.10 -0.11 63.95
C VAL E 139 11.41 0.22 65.27
N PHE E 140 12.07 1.04 66.07
CA PHE E 140 11.56 1.47 67.36
C PHE E 140 11.60 2.98 67.45
N PRO E 141 10.67 3.58 68.18
CA PRO E 141 10.66 5.04 68.32
C PRO E 141 11.69 5.53 69.32
N LEU E 142 12.30 6.67 69.00
CA LEU E 142 13.22 7.35 69.91
C LEU E 142 12.46 8.54 70.49
N ALA E 143 12.02 8.39 71.75
CA ALA E 143 11.19 9.42 72.35
C ALA E 143 11.93 10.75 72.37
N PRO E 144 11.20 11.86 72.28
CA PRO E 144 11.85 13.17 72.21
C PRO E 144 12.71 13.42 73.43
N GLY E 151 16.74 27.50 74.20
CA GLY E 151 16.46 27.59 72.78
C GLY E 151 15.14 26.98 72.36
N GLY E 152 14.53 26.16 73.22
CA GLY E 152 13.27 25.53 72.89
C GLY E 152 13.36 24.52 71.77
N THR E 153 14.38 23.67 71.78
CA THR E 153 14.61 22.68 70.74
C THR E 153 14.63 21.28 71.36
N ALA E 154 14.30 20.29 70.54
CA ALA E 154 14.23 18.91 70.98
C ALA E 154 14.66 18.01 69.85
N ALA E 155 14.88 16.74 70.16
CA ALA E 155 15.34 15.77 69.18
C ALA E 155 14.54 14.47 69.31
N LEU E 156 14.11 13.94 68.17
CA LEU E 156 13.37 12.69 68.11
C LEU E 156 13.82 11.93 66.87
N GLY E 157 13.56 10.63 66.87
CA GLY E 157 13.97 9.82 65.75
C GLY E 157 13.43 8.41 65.81
N CYS E 158 14.09 7.52 65.08
CA CYS E 158 13.69 6.13 64.97
C CYS E 158 14.93 5.26 65.00
N LEU E 159 14.83 4.13 65.69
CA LEU E 159 15.95 3.21 65.86
C LEU E 159 15.75 1.96 65.00
N VAL E 160 16.75 1.65 64.18
CA VAL E 160 16.72 0.51 63.29
C VAL E 160 17.68 -0.52 63.87
N LYS E 161 17.14 -1.60 64.42
CA LYS E 161 17.93 -2.56 65.19
C LYS E 161 17.94 -3.92 64.49
N ASP E 162 19.12 -4.53 64.44
CA ASP E 162 19.27 -5.90 63.97
C ASP E 162 18.71 -6.10 62.56
N TYR E 163 19.43 -5.61 61.55
CA TYR E 163 19.07 -5.87 60.16
C TYR E 163 20.29 -6.40 59.42
N PHE E 164 20.03 -7.01 58.26
CA PHE E 164 21.09 -7.58 57.44
C PHE E 164 20.57 -7.91 56.04
N PRO E 165 21.32 -7.52 55.00
CA PRO E 165 22.56 -6.75 55.13
C PRO E 165 22.35 -5.25 54.98
N GLU E 166 23.43 -4.50 54.85
CA GLU E 166 23.37 -3.09 54.48
C GLU E 166 22.86 -2.98 53.05
N PRO E 167 22.24 -1.85 52.71
CA PRO E 167 21.97 -0.70 53.57
C PRO E 167 20.52 -0.55 53.97
N VAL E 168 20.24 0.46 54.80
CA VAL E 168 18.88 0.86 55.15
C VAL E 168 18.75 2.35 54.90
N THR E 169 17.65 2.75 54.27
CA THR E 169 17.37 4.15 53.97
C THR E 169 16.23 4.64 54.86
N VAL E 170 16.35 5.88 55.33
CA VAL E 170 15.36 6.50 56.20
C VAL E 170 14.99 7.86 55.63
N SER E 171 13.68 8.12 55.53
CA SER E 171 13.15 9.41 55.12
C SER E 171 12.11 9.84 56.14
N TRP E 172 11.69 11.10 56.02
CA TRP E 172 10.74 11.69 56.97
C TRP E 172 9.59 12.29 56.18
N ASN E 173 8.37 11.90 56.55
CA ASN E 173 7.16 12.43 55.90
C ASN E 173 7.21 12.20 54.40
N SER E 174 7.61 11.00 53.99
CA SER E 174 7.66 10.63 52.58
C SER E 174 8.57 11.58 51.81
N GLY E 175 9.64 12.02 52.46
CA GLY E 175 10.60 12.93 51.88
C GLY E 175 10.26 14.39 52.01
N ALA E 176 9.11 14.72 52.62
CA ALA E 176 8.75 16.12 52.78
C ALA E 176 9.58 16.79 53.87
N LEU E 177 10.05 16.03 54.85
CA LEU E 177 10.85 16.54 55.95
C LEU E 177 12.30 16.18 55.71
N THR E 178 13.12 17.17 55.33
CA THR E 178 14.55 16.96 55.13
C THR E 178 15.42 17.82 56.04
N SER E 179 14.91 18.94 56.55
CA SER E 179 15.71 19.80 57.40
C SER E 179 15.80 19.23 58.81
N GLY E 180 17.00 19.29 59.39
CA GLY E 180 17.22 18.83 60.73
C GLY E 180 17.33 17.32 60.90
N VAL E 181 17.50 16.58 59.81
CA VAL E 181 17.58 15.13 59.86
C VAL E 181 19.05 14.73 60.06
N HIS E 182 19.27 13.78 60.97
CA HIS E 182 20.63 13.31 61.26
C HIS E 182 20.60 11.80 61.37
N THR E 183 21.15 11.11 60.36
CA THR E 183 21.20 9.66 60.33
C THR E 183 22.61 9.21 60.64
N PHE E 184 22.74 8.27 61.58
CA PHE E 184 24.01 7.80 62.10
C PHE E 184 24.41 6.50 61.43
N PRO E 185 25.71 6.26 61.27
CA PRO E 185 26.17 5.01 60.67
C PRO E 185 25.76 3.81 61.53
N ALA E 186 25.74 2.65 60.89
CA ALA E 186 25.28 1.44 61.56
C ALA E 186 26.36 0.84 62.44
N VAL E 187 25.92 0.05 63.41
CA VAL E 187 26.81 -0.68 64.31
C VAL E 187 26.88 -2.12 63.85
N LEU E 188 28.03 -2.75 64.09
CA LEU E 188 28.31 -4.12 63.69
C LEU E 188 28.33 -4.97 64.97
N GLN E 189 27.20 -5.61 65.27
CA GLN E 189 27.08 -6.43 66.46
C GLN E 189 27.99 -7.66 66.33
N SER E 190 28.23 -8.30 67.48
CA SER E 190 29.02 -9.52 67.48
C SER E 190 28.30 -10.67 66.76
N SER E 191 26.99 -10.57 66.62
CA SER E 191 26.21 -11.60 65.95
C SER E 191 26.34 -11.55 64.43
N GLY E 192 26.81 -10.42 63.88
CA GLY E 192 26.91 -10.26 62.45
C GLY E 192 25.80 -9.42 61.83
N LEU E 193 24.90 -8.89 62.64
CA LEU E 193 23.80 -8.06 62.17
C LEU E 193 24.07 -6.60 62.47
N TYR E 194 23.51 -5.72 61.65
CA TYR E 194 23.76 -4.29 61.76
C TYR E 194 22.60 -3.60 62.49
N SER E 195 22.88 -2.39 62.94
CA SER E 195 21.89 -1.56 63.61
C SER E 195 22.33 -0.12 63.52
N LEU E 196 21.39 0.78 63.27
CA LEU E 196 21.67 2.20 63.13
C LEU E 196 20.54 2.99 63.75
N SER E 197 20.74 4.30 63.87
CA SER E 197 19.75 5.21 64.42
C SER E 197 19.65 6.45 63.56
N SER E 198 18.47 7.07 63.58
CA SER E 198 18.22 8.30 62.85
C SER E 198 17.42 9.23 63.75
N VAL E 199 17.85 10.49 63.81
CA VAL E 199 17.27 11.48 64.69
C VAL E 199 17.07 12.78 63.93
N VAL E 200 16.03 13.52 64.30
CA VAL E 200 15.72 14.80 63.69
C VAL E 200 15.52 15.82 64.81
N THR E 201 16.04 17.02 64.61
CA THR E 201 15.94 18.10 65.60
C THR E 201 14.86 19.08 65.17
N VAL E 202 13.91 19.33 66.06
CA VAL E 202 12.76 20.19 65.78
C VAL E 202 12.51 21.10 66.97
N PRO E 203 11.81 22.21 66.75
CA PRO E 203 11.40 23.05 67.88
C PRO E 203 10.43 22.31 68.78
N SER E 204 10.58 22.53 70.09
CA SER E 204 9.72 21.84 71.04
C SER E 204 8.28 22.32 70.96
N SER E 205 8.07 23.56 70.51
CA SER E 205 6.72 24.08 70.40
C SER E 205 5.94 23.43 69.28
N SER E 206 6.64 22.81 68.32
CA SER E 206 5.94 22.21 67.19
C SER E 206 5.42 20.80 67.47
N LEU E 207 4.47 20.70 68.39
CA LEU E 207 3.85 19.41 68.71
C LEU E 207 2.40 19.40 68.25
N GLY E 208 1.83 20.60 68.13
CA GLY E 208 0.45 20.76 67.71
C GLY E 208 0.25 21.03 66.23
N THR E 209 1.34 21.15 65.48
CA THR E 209 1.25 21.42 64.06
C THR E 209 2.04 20.47 63.18
N GLN E 210 2.92 19.65 63.74
CA GLN E 210 3.79 18.78 62.96
C GLN E 210 3.75 17.37 63.51
N THR E 211 3.62 16.42 62.59
CA THR E 211 3.61 15.01 62.93
C THR E 211 4.81 14.50 62.18
N TYR E 212 5.72 13.82 62.87
CA TYR E 212 6.90 13.34 62.19
C TYR E 212 6.80 11.85 61.91
N ILE E 213 6.87 11.51 60.63
CA ILE E 213 6.82 10.10 60.24
C ILE E 213 8.18 9.72 59.66
N CYS E 214 8.78 8.68 60.21
CA CYS E 214 10.02 8.14 59.68
C CYS E 214 9.71 6.94 58.81
N ASN E 215 10.20 6.97 57.56
CA ASN E 215 9.93 5.91 56.59
C ASN E 215 11.22 5.12 56.39
N VAL E 216 11.20 3.86 56.82
CA VAL E 216 12.37 2.99 56.72
C VAL E 216 12.17 2.02 55.57
N ASN E 217 13.14 1.96 54.67
CA ASN E 217 13.11 1.07 53.51
C ASN E 217 14.32 0.16 53.58
N HIS E 218 14.07 -1.16 53.62
CA HIS E 218 15.11 -2.17 53.54
C HIS E 218 14.83 -3.04 52.31
N LYS E 219 15.32 -2.59 51.16
CA LYS E 219 15.03 -3.30 49.92
C LYS E 219 15.60 -4.72 49.88
N PRO E 220 16.75 -5.02 50.46
CA PRO E 220 17.22 -6.42 50.46
C PRO E 220 16.20 -7.40 51.01
N SER E 221 15.42 -7.02 52.01
CA SER E 221 14.34 -7.86 52.52
C SER E 221 12.99 -7.47 51.94
N ASN E 222 12.95 -6.44 51.11
CA ASN E 222 11.71 -5.96 50.48
C ASN E 222 10.67 -5.62 51.55
N THR E 223 11.10 -4.87 52.55
CA THR E 223 10.24 -4.47 53.66
C THR E 223 10.26 -2.95 53.80
N LYS E 224 9.08 -2.37 54.00
CA LYS E 224 8.96 -0.96 54.31
C LYS E 224 8.26 -0.79 55.65
N VAL E 225 8.71 0.19 56.43
CA VAL E 225 8.14 0.47 57.74
C VAL E 225 7.93 1.98 57.88
N ASP E 226 6.69 2.39 58.14
CA ASP E 226 6.33 3.78 58.36
C ASP E 226 5.94 3.91 59.83
N LYS E 227 6.84 4.45 60.64
CA LYS E 227 6.63 4.58 62.08
C LYS E 227 6.37 6.04 62.45
N ARG E 228 5.29 6.25 63.19
CA ARG E 228 4.95 7.56 63.75
C ARG E 228 5.67 7.74 65.09
N VAL E 229 6.47 8.79 65.18
CA VAL E 229 7.25 9.07 66.38
C VAL E 229 6.35 9.77 67.40
N SER F 2 49.11 -2.95 47.93
CA SER F 2 49.43 -2.25 46.68
C SER F 2 50.89 -1.83 46.65
N VAL F 3 51.48 -1.86 45.45
CA VAL F 3 52.88 -1.49 45.28
C VAL F 3 53.08 0.02 45.18
N LEU F 4 52.00 0.79 45.08
CA LEU F 4 52.06 2.24 45.02
C LEU F 4 51.81 2.80 46.42
N THR F 5 52.85 3.34 47.04
CA THR F 5 52.81 3.72 48.44
C THR F 5 52.59 5.23 48.55
N GLN F 6 51.68 5.61 49.44
CA GLN F 6 51.45 6.99 49.82
C GLN F 6 51.82 7.20 51.29
N SER F 7 51.96 8.46 51.67
CA SER F 7 52.16 8.77 53.08
C SER F 7 50.89 8.41 53.86
N ALA F 8 51.07 7.60 54.91
CA ALA F 8 49.91 7.08 55.64
C ALA F 8 49.11 8.21 56.26
N SER F 9 49.80 9.24 56.77
CA SER F 9 49.16 10.37 57.41
C SER F 9 49.97 11.62 57.12
N VAL F 10 49.29 12.76 57.04
CA VAL F 10 49.92 14.05 56.89
C VAL F 10 49.02 15.10 57.53
N SER F 11 49.63 16.19 57.98
CA SER F 11 48.89 17.23 58.69
C SER F 11 49.36 18.60 58.23
N GLY F 12 48.41 19.54 58.22
CA GLY F 12 48.69 20.92 57.89
C GLY F 12 47.77 21.81 58.70
N SER F 13 48.20 23.06 58.88
CA SER F 13 47.43 23.99 59.68
C SER F 13 46.39 24.71 58.83
N LEU F 14 45.39 25.26 59.51
CA LEU F 14 44.34 26.00 58.82
C LEU F 14 44.93 27.20 58.09
N GLY F 15 44.49 27.41 56.85
CA GLY F 15 45.01 28.48 56.03
C GLY F 15 46.39 28.23 55.48
N GLN F 16 46.99 27.07 55.74
CA GLN F 16 48.33 26.73 55.31
C GLN F 16 48.26 25.74 54.14
N SER F 17 49.40 25.15 53.80
CA SER F 17 49.47 24.16 52.73
C SER F 17 49.97 22.83 53.29
N VAL F 18 49.81 21.78 52.48
CA VAL F 18 50.22 20.44 52.85
C VAL F 18 50.51 19.67 51.57
N THR F 19 51.45 18.74 51.65
CA THR F 19 51.90 17.99 50.49
C THR F 19 51.80 16.50 50.78
N ILE F 20 51.22 15.77 49.83
CA ILE F 20 51.08 14.32 49.91
C ILE F 20 52.02 13.69 48.88
N SER F 21 52.70 12.62 49.28
CA SER F 21 53.64 11.95 48.40
C SER F 21 53.04 10.68 47.81
N CYS F 22 53.63 10.22 46.72
CA CYS F 22 53.14 9.07 45.99
C CYS F 22 54.32 8.50 45.21
N THR F 23 54.84 7.36 45.67
CA THR F 23 56.00 6.74 45.06
C THR F 23 55.86 5.23 45.12
N GLY F 24 56.77 4.55 44.41
CA GLY F 24 56.79 3.12 44.34
C GLY F 24 57.93 2.66 43.45
N PRO F 25 57.98 1.38 43.13
CA PRO F 25 59.05 0.88 42.27
C PRO F 25 59.02 1.55 40.90
N ASN F 26 60.16 1.47 40.22
CA ASN F 26 60.28 2.03 38.88
C ASN F 26 59.37 1.35 37.87
N SER F 27 58.91 0.12 38.13
CA SER F 27 58.00 -0.52 37.21
C SER F 27 56.65 0.17 37.09
N VAL F 28 56.27 0.76 38.21
CA VAL F 28 55.00 1.37 38.30
C VAL F 28 55.11 2.77 38.73
N CYS F 29 56.30 3.33 38.58
CA CYS F 29 56.42 4.71 38.93
C CYS F 29 57.08 5.72 38.06
N CYS F 30 56.45 6.89 38.02
CA CYS F 30 57.02 8.05 37.31
C CYS F 30 57.22 7.98 35.78
N SER F 31 58.46 8.12 35.32
CA SER F 31 58.76 8.15 33.90
C SER F 31 58.15 6.94 33.21
N HIS F 32 57.55 7.21 32.05
CA HIS F 32 56.83 6.23 31.25
C HIS F 32 55.40 6.10 31.81
N LYS F 33 55.09 6.92 32.81
CA LYS F 33 53.78 6.93 33.45
C LYS F 33 53.32 8.34 33.82
N SER F 34 52.00 8.48 33.92
CA SER F 34 51.32 9.70 34.28
C SER F 34 50.67 9.43 35.57
N ILE F 35 50.48 10.47 36.36
CA ILE F 35 49.96 10.36 37.71
C ILE F 35 48.73 11.24 37.85
N SER F 36 47.70 10.69 38.49
CA SER F 36 46.46 11.41 38.77
C SER F 36 46.16 11.34 40.27
N TRP F 37 45.38 12.30 40.75
CA TRP F 37 45.01 12.40 42.14
C TRP F 37 43.50 12.46 42.29
N TYR F 38 42.99 11.82 43.35
CA TYR F 38 41.56 11.75 43.61
C TYR F 38 41.29 12.06 45.08
N GLN F 39 40.21 12.79 45.33
CA GLN F 39 39.68 12.99 46.67
C GLN F 39 38.53 12.01 46.91
N TRP F 40 38.65 11.20 47.97
CA TRP F 40 37.75 10.07 48.18
C TRP F 40 37.31 10.04 49.64
N PRO F 41 36.26 10.77 49.99
CA PRO F 41 35.71 10.68 51.35
C PRO F 41 35.08 9.31 51.57
N PRO F 42 35.27 8.72 52.75
CA PRO F 42 34.69 7.39 53.00
C PRO F 42 33.17 7.43 52.92
N GLY F 43 32.62 6.40 52.28
CA GLY F 43 31.19 6.27 52.13
C GLY F 43 30.56 7.13 51.06
N ARG F 44 31.36 7.84 50.26
CA ARG F 44 30.86 8.73 49.23
C ARG F 44 31.66 8.52 47.95
N ALA F 45 31.16 9.08 46.85
CA ALA F 45 31.84 8.97 45.57
C ALA F 45 33.02 9.94 45.51
N PRO F 46 34.13 9.53 44.89
CA PRO F 46 35.33 10.37 44.86
C PRO F 46 35.20 11.51 43.87
N THR F 47 36.21 12.38 43.88
CA THR F 47 36.29 13.52 42.98
C THR F 47 37.69 13.61 42.40
N LEU F 48 37.77 13.70 41.07
CA LEU F 48 39.05 13.85 40.39
C LEU F 48 39.55 15.28 40.54
N ILE F 49 40.76 15.44 41.07
CA ILE F 49 41.36 16.76 41.24
C ILE F 49 42.47 17.01 40.22
N ILE F 50 43.25 15.99 39.87
CA ILE F 50 44.47 16.19 39.10
C ILE F 50 44.65 15.02 38.14
N TYR F 51 44.96 15.33 36.88
CA TYR F 51 45.29 14.30 35.90
C TYR F 51 46.45 14.77 35.04
N GLU F 52 47.23 13.82 34.53
CA GLU F 52 48.38 14.13 33.68
C GLU F 52 49.35 15.09 34.37
N ASP F 53 49.66 14.84 35.63
CA ASP F 53 50.60 15.71 36.33
C ASP F 53 50.11 17.06 36.87
N ASN F 54 50.44 18.15 36.18
CA ASN F 54 50.13 19.48 36.68
C ASN F 54 48.66 19.80 36.45
N GLU F 55 48.12 19.33 35.32
CA GLU F 55 46.87 19.84 34.78
C GLU F 55 45.72 19.34 35.65
N ARG F 56 44.99 20.27 36.24
CA ARG F 56 43.92 19.94 37.16
C ARG F 56 42.60 19.78 36.41
N ALA F 57 41.72 18.95 36.98
CA ALA F 57 40.44 18.68 36.36
C ALA F 57 39.57 19.94 36.31
N PRO F 58 38.55 19.95 35.46
CA PRO F 58 37.71 21.13 35.32
C PRO F 58 37.06 21.50 36.66
N GLY F 59 36.96 22.81 36.91
CA GLY F 59 36.34 23.33 38.09
C GLY F 59 37.16 23.21 39.36
N ILE F 60 38.32 22.55 39.30
CA ILE F 60 39.16 22.39 40.49
C ILE F 60 39.78 23.73 40.85
N SER F 61 39.79 24.04 42.14
CA SER F 61 40.32 25.31 42.60
C SER F 61 41.81 25.39 42.30
N PRO F 62 42.34 26.59 42.07
CA PRO F 62 43.80 26.74 41.88
C PRO F 62 44.61 26.44 43.12
N ARG F 63 43.96 26.17 44.25
CA ARG F 63 44.66 25.76 45.46
C ARG F 63 45.38 24.44 45.29
N PHE F 64 44.94 23.61 44.35
CA PHE F 64 45.52 22.29 44.12
C PHE F 64 46.57 22.37 43.03
N SER F 65 47.71 21.70 43.27
CA SER F 65 48.79 21.67 42.31
C SER F 65 49.46 20.30 42.33
N GLY F 66 50.00 19.90 41.18
CA GLY F 66 50.69 18.63 41.06
C GLY F 66 52.12 18.82 40.60
N TYR F 67 52.97 17.85 40.96
CA TYR F 67 54.37 17.87 40.58
C TYR F 67 54.87 16.44 40.58
N LYS F 68 55.59 16.06 39.52
CA LYS F 68 56.09 14.69 39.35
C LYS F 68 57.59 14.70 39.13
N SER F 69 58.32 13.98 39.99
CA SER F 69 59.75 13.78 39.81
C SER F 69 59.99 12.43 39.15
N TYR F 70 61.27 12.10 38.93
CA TYR F 70 61.59 10.83 38.29
C TYR F 70 61.25 9.65 39.19
N TRP F 71 61.31 9.85 40.51
CA TRP F 71 61.11 8.77 41.47
C TRP F 71 59.78 8.84 42.22
N SER F 72 59.14 10.00 42.29
CA SER F 72 57.90 10.11 43.04
C SER F 72 57.10 11.30 42.53
N ALA F 73 55.81 11.29 42.87
CA ALA F 73 54.89 12.37 42.56
C ALA F 73 54.36 12.99 43.86
N TYR F 74 53.89 14.23 43.74
CA TYR F 74 53.45 14.99 44.90
C TYR F 74 52.18 15.74 44.56
N LEU F 75 51.35 15.94 45.59
CA LEU F 75 50.13 16.73 45.48
C LEU F 75 50.10 17.77 46.60
N THR F 76 49.94 19.04 46.23
CA THR F 76 50.00 20.15 47.17
C THR F 76 48.62 20.79 47.26
N ILE F 77 48.10 20.90 48.49
CA ILE F 77 46.83 21.54 48.78
C ILE F 77 47.12 22.82 49.54
N SER F 78 46.82 23.96 48.93
CA SER F 78 47.04 25.27 49.54
C SER F 78 45.74 25.82 50.11
N ASP F 79 45.89 26.73 51.08
CA ASP F 79 44.76 27.39 51.73
C ASP F 79 43.76 26.36 52.25
N LEU F 80 44.23 25.56 53.19
CA LEU F 80 43.46 24.40 53.65
C LEU F 80 42.13 24.82 54.27
N ARG F 81 41.09 24.03 53.98
CA ARG F 81 39.73 24.25 54.46
C ARG F 81 39.28 23.08 55.31
N PRO F 82 38.18 23.21 56.05
CA PRO F 82 37.66 22.05 56.80
C PRO F 82 37.30 20.89 55.88
N GLU F 83 36.79 21.17 54.69
CA GLU F 83 36.39 20.13 53.75
C GLU F 83 37.57 19.38 53.15
N ASP F 84 38.78 19.95 53.23
CA ASP F 84 39.97 19.27 52.72
C ASP F 84 40.40 18.12 53.61
N GLU F 85 39.84 17.99 54.81
CA GLU F 85 40.19 16.92 55.75
C GLU F 85 39.48 15.63 55.36
N THR F 86 40.16 14.79 54.60
CA THR F 86 39.59 13.52 54.19
C THR F 86 40.71 12.61 53.67
N THR F 87 40.35 11.59 52.91
CA THR F 87 41.29 10.62 52.37
C THR F 87 41.58 10.92 50.90
N TYR F 88 42.84 10.75 50.51
CA TYR F 88 43.27 11.02 49.15
C TYR F 88 44.03 9.83 48.59
N TYR F 89 43.83 9.56 47.29
CA TYR F 89 44.50 8.48 46.59
C TYR F 89 45.14 9.02 45.32
N CYS F 90 46.32 8.48 44.99
CA CYS F 90 46.96 8.71 43.71
C CYS F 90 46.82 7.49 42.80
N CYS F 91 46.97 7.72 41.50
CA CYS F 91 46.93 6.67 40.51
C CYS F 91 48.04 6.82 39.47
N SER F 92 48.63 5.69 39.09
CA SER F 92 49.61 5.62 38.02
C SER F 92 48.95 4.95 36.82
N TYR F 93 49.10 5.55 35.65
CA TYR F 93 48.38 5.06 34.48
C TYR F 93 49.10 5.50 33.21
N THR F 94 48.79 4.82 32.13
CA THR F 94 49.13 5.26 30.78
C THR F 94 47.84 5.32 29.97
N HIS F 95 47.98 5.53 28.65
CA HIS F 95 46.78 5.73 27.85
C HIS F 95 45.99 4.43 27.66
N ASN F 96 46.70 3.32 27.51
CA ASN F 96 46.10 2.03 27.24
C ASN F 96 46.01 1.12 28.47
N SER F 97 46.51 1.54 29.62
CA SER F 97 46.60 0.70 30.80
C SER F 97 45.82 1.32 31.95
N GLY F 98 44.98 0.53 32.59
CA GLY F 98 44.10 0.99 33.64
C GLY F 98 44.78 1.51 34.89
N CYS F 99 43.98 1.95 35.86
CA CYS F 99 44.51 2.60 37.04
C CYS F 99 45.21 1.63 37.98
N VAL F 100 46.26 2.11 38.63
CA VAL F 100 46.89 1.43 39.76
C VAL F 100 46.78 2.37 40.96
N PHE F 101 45.93 2.02 41.92
CA PHE F 101 45.65 2.90 43.03
C PHE F 101 46.75 2.80 44.10
N GLY F 102 46.95 3.91 44.82
CA GLY F 102 47.91 3.97 45.90
C GLY F 102 47.35 3.42 47.20
N THR F 103 48.20 3.48 48.23
CA THR F 103 47.84 2.94 49.54
C THR F 103 46.94 3.87 50.33
N GLY F 104 46.87 5.14 49.96
CA GLY F 104 45.95 6.06 50.59
C GLY F 104 46.64 6.99 51.57
N THR F 105 46.07 8.18 51.73
CA THR F 105 46.60 9.17 52.66
C THR F 105 45.43 9.88 53.33
N LYS F 106 45.46 9.93 54.65
CA LYS F 106 44.46 10.65 55.44
C LYS F 106 45.04 11.99 55.85
N VAL F 107 44.34 13.08 55.51
CA VAL F 107 44.82 14.43 55.75
C VAL F 107 44.11 15.00 56.96
N SER F 108 44.88 15.53 57.90
CA SER F 108 44.37 16.20 59.09
C SER F 108 44.70 17.67 59.00
N VAL F 109 43.73 18.52 59.29
CA VAL F 109 43.89 19.97 59.22
C VAL F 109 44.01 20.50 60.64
N LEU F 110 45.20 20.97 60.99
CA LEU F 110 45.44 21.51 62.32
C LEU F 110 45.05 22.98 62.36
N GLY F 111 44.98 23.53 63.56
CA GLY F 111 44.66 24.93 63.71
C GLY F 111 43.19 25.23 63.59
N GLN F 112 42.34 24.20 63.67
CA GLN F 112 40.90 24.35 63.59
C GLN F 112 40.32 24.63 64.97
N SER F 113 39.14 25.26 64.97
CA SER F 113 38.46 25.56 66.22
C SER F 113 37.94 24.29 66.87
N LYS F 114 37.86 24.30 68.20
CA LYS F 114 37.38 23.15 68.93
C LYS F 114 35.86 23.08 68.85
N ALA F 115 35.33 21.86 68.79
CA ALA F 115 33.90 21.62 68.76
C ALA F 115 33.48 20.77 69.95
N ASN F 116 32.48 21.24 70.68
CA ASN F 116 32.05 20.58 71.90
C ASN F 116 31.26 19.32 71.53
N PRO F 117 31.43 18.23 72.28
CA PRO F 117 30.71 17.00 71.91
C PRO F 117 29.24 17.09 72.26
N SER F 118 28.41 16.52 71.41
CA SER F 118 26.98 16.40 71.64
C SER F 118 26.66 14.95 71.97
N VAL F 119 26.08 14.72 73.14
CA VAL F 119 25.81 13.37 73.63
C VAL F 119 24.33 13.24 73.88
N THR F 120 23.73 12.15 73.41
CA THR F 120 22.32 11.87 73.62
C THR F 120 22.17 10.39 73.87
N LEU F 121 21.46 10.04 74.94
CA LEU F 121 21.25 8.65 75.35
C LEU F 121 19.77 8.32 75.34
N PHE F 122 19.41 7.23 74.66
CA PHE F 122 18.02 6.83 74.59
C PHE F 122 17.83 5.51 75.32
N PRO F 123 16.74 5.37 76.07
CA PRO F 123 16.48 4.10 76.76
C PRO F 123 15.79 3.13 75.82
N PRO F 124 15.60 1.88 76.26
CA PRO F 124 14.85 0.93 75.44
C PRO F 124 13.37 1.24 75.45
N SER F 125 12.72 0.97 74.32
CA SER F 125 11.30 1.19 74.17
C SER F 125 10.51 0.12 74.92
N SER F 126 9.26 0.44 75.25
CA SER F 126 8.43 -0.55 75.91
C SER F 126 8.19 -1.74 74.98
N GLU F 127 8.10 -1.49 73.68
CA GLU F 127 8.01 -2.59 72.72
C GLU F 127 9.28 -3.44 72.74
N GLU F 128 10.43 -2.83 73.02
CA GLU F 128 11.69 -3.57 73.06
C GLU F 128 11.85 -4.37 74.35
N LEU F 129 11.44 -3.81 75.50
CA LEU F 129 11.50 -4.58 76.73
C LEU F 129 10.60 -5.81 76.67
N GLN F 130 9.58 -5.78 75.82
CA GLN F 130 8.67 -6.89 75.60
C GLN F 130 9.30 -8.05 74.82
N ALA F 131 10.36 -7.80 74.06
CA ALA F 131 10.80 -8.71 73.01
C ALA F 131 11.21 -10.12 73.48
N ASN F 132 11.92 -10.26 74.59
CA ASN F 132 12.28 -9.18 75.49
C ASN F 132 13.79 -8.98 75.58
N LYS F 133 14.24 -7.85 75.07
CA LYS F 133 15.62 -7.43 75.14
C LYS F 133 15.67 -5.97 75.56
N ALA F 134 16.88 -5.45 75.70
CA ALA F 134 17.07 -4.06 76.13
C ALA F 134 18.39 -3.58 75.56
N THR F 135 18.32 -2.50 74.79
CA THR F 135 19.49 -1.91 74.15
C THR F 135 19.45 -0.41 74.40
N LEU F 136 20.51 0.09 75.04
CA LEU F 136 20.70 1.53 75.19
C LEU F 136 21.49 2.06 74.01
N VAL F 137 21.10 3.22 73.51
CA VAL F 137 21.69 3.82 72.33
C VAL F 137 22.23 5.17 72.71
N CYS F 138 23.54 5.35 72.54
CA CYS F 138 24.24 6.58 72.86
C CYS F 138 24.77 7.17 71.56
N LEU F 139 24.20 8.29 71.15
CA LEU F 139 24.54 8.93 69.88
C LEU F 139 25.40 10.15 70.14
N ILE F 140 26.47 10.30 69.38
CA ILE F 140 27.44 11.37 69.56
C ILE F 140 27.64 12.03 68.21
N SER F 141 27.63 13.37 68.20
CA SER F 141 27.73 14.11 66.95
C SER F 141 28.39 15.45 67.20
N ASP F 142 28.91 16.04 66.12
CA ASP F 142 29.40 17.41 66.12
C ASP F 142 30.56 17.61 67.10
N PHE F 143 31.50 16.65 67.12
CA PHE F 143 32.68 16.76 67.95
C PHE F 143 33.92 16.84 67.06
N TYR F 144 34.94 17.53 67.55
CA TYR F 144 36.19 17.68 66.81
C TYR F 144 37.33 17.93 67.80
N PRO F 145 38.47 17.25 67.62
CA PRO F 145 38.79 16.30 66.55
C PRO F 145 37.96 15.03 66.58
N GLY F 146 38.09 14.21 65.54
CA GLY F 146 37.26 13.04 65.37
C GLY F 146 37.79 11.79 66.05
N ALA F 147 37.71 11.77 67.38
CA ALA F 147 38.11 10.60 68.16
C ALA F 147 37.38 10.64 69.49
N VAL F 148 36.77 9.52 69.86
CA VAL F 148 36.02 9.40 71.10
C VAL F 148 36.39 8.11 71.81
N THR F 149 36.08 8.07 73.10
CA THR F 149 36.08 6.84 73.88
C THR F 149 34.80 6.78 74.70
N VAL F 150 34.11 5.65 74.67
CA VAL F 150 32.81 5.50 75.30
C VAL F 150 32.90 4.42 76.36
N ALA F 151 32.30 4.68 77.51
CA ALA F 151 32.24 3.74 78.63
C ALA F 151 30.82 3.70 79.16
N TRP F 152 30.37 2.50 79.49
CA TRP F 152 29.04 2.30 80.05
C TRP F 152 29.14 1.92 81.51
N LYS F 153 28.11 2.28 82.28
CA LYS F 153 28.10 2.02 83.71
C LYS F 153 26.72 1.56 84.14
N ALA F 154 26.68 0.55 85.00
CA ALA F 154 25.44 0.04 85.58
C ALA F 154 25.45 0.37 87.07
N ASP F 155 24.60 1.33 87.46
CA ASP F 155 24.57 1.82 88.84
C ASP F 155 25.96 2.33 89.27
N SER F 156 26.48 3.27 88.47
CA SER F 156 27.77 3.91 88.71
C SER F 156 28.94 2.94 88.62
N SER F 157 28.72 1.71 88.14
CA SER F 157 29.81 0.75 88.07
C SER F 157 29.99 0.25 86.64
N PRO F 158 31.22 0.01 86.21
CA PRO F 158 31.48 -0.28 84.80
C PRO F 158 30.65 -1.45 84.30
N VAL F 159 30.41 -1.45 82.98
CA VAL F 159 29.79 -2.57 82.29
C VAL F 159 30.76 -3.07 81.23
N LYS F 160 30.71 -4.38 80.97
CA LYS F 160 31.59 -4.98 79.97
C LYS F 160 30.92 -6.01 79.08
N ALA F 161 29.69 -6.42 79.36
CA ALA F 161 28.99 -7.42 78.57
C ALA F 161 27.93 -6.72 77.72
N GLY F 162 27.99 -6.92 76.41
CA GLY F 162 27.01 -6.33 75.52
C GLY F 162 27.32 -4.92 75.08
N VAL F 163 28.57 -4.50 75.17
CA VAL F 163 28.97 -3.15 74.77
C VAL F 163 29.47 -3.19 73.34
N GLU F 164 28.90 -2.34 72.49
CA GLU F 164 29.33 -2.22 71.10
C GLU F 164 29.40 -0.74 70.74
N THR F 165 30.54 -0.32 70.22
CA THR F 165 30.78 1.07 69.88
C THR F 165 31.28 1.17 68.45
N THR F 166 30.74 2.12 67.70
CA THR F 166 31.15 2.29 66.32
C THR F 166 32.43 3.12 66.24
N THR F 167 33.05 3.09 65.07
CA THR F 167 34.16 3.98 64.80
C THR F 167 33.64 5.39 64.59
N PRO F 168 34.48 6.40 64.77
CA PRO F 168 34.03 7.76 64.48
C PRO F 168 33.82 7.96 62.98
N SER F 169 32.82 8.76 62.66
CA SER F 169 32.45 9.05 61.28
C SER F 169 32.30 10.55 61.09
N LYS F 170 32.60 11.01 59.88
CA LYS F 170 32.61 12.43 59.58
C LYS F 170 31.21 12.89 59.17
N GLN F 171 30.76 13.98 59.78
CA GLN F 171 29.48 14.58 59.45
C GLN F 171 29.59 15.45 58.20
N SER F 172 28.43 15.80 57.64
CA SER F 172 28.41 16.64 56.45
C SER F 172 28.99 18.02 56.73
N ASN F 173 28.93 18.47 57.98
CA ASN F 173 29.44 19.78 58.39
C ASN F 173 30.91 19.73 58.81
N ASN F 174 31.63 18.69 58.38
CA ASN F 174 33.06 18.49 58.64
C ASN F 174 33.37 18.29 60.11
N LYS F 175 32.36 18.11 60.95
CA LYS F 175 32.53 17.57 62.28
C LYS F 175 32.42 16.06 62.22
N TYR F 176 32.54 15.40 63.36
CA TYR F 176 32.56 13.94 63.39
C TYR F 176 31.41 13.44 64.24
N ALA F 177 31.08 12.16 64.05
CA ALA F 177 29.97 11.54 64.74
C ALA F 177 30.31 10.08 65.01
N ALA F 178 29.65 9.53 66.02
CA ALA F 178 29.83 8.13 66.38
C ALA F 178 28.66 7.70 67.23
N SER F 179 28.55 6.39 67.46
CA SER F 179 27.45 5.84 68.23
C SER F 179 27.92 4.59 68.93
N SER F 180 27.23 4.26 70.02
CA SER F 180 27.55 3.08 70.82
C SER F 180 26.25 2.47 71.31
N TYR F 181 26.22 1.15 71.37
CA TYR F 181 25.03 0.41 71.77
C TYR F 181 25.40 -0.56 72.89
N LEU F 182 24.52 -0.64 73.89
CA LEU F 182 24.68 -1.55 75.01
C LEU F 182 23.48 -2.49 75.03
N SER F 183 23.72 -3.77 74.78
CA SER F 183 22.67 -4.77 74.81
C SER F 183 22.59 -5.37 76.22
N LEU F 184 21.37 -5.50 76.72
CA LEU F 184 21.13 -6.00 78.06
C LEU F 184 19.92 -6.93 78.05
N THR F 185 19.82 -7.70 79.09
CA THR F 185 18.60 -8.45 79.36
C THR F 185 17.65 -7.61 80.19
N PRO F 186 16.34 -7.87 80.11
CA PRO F 186 15.37 -7.03 80.83
C PRO F 186 15.56 -7.07 82.34
N GLU F 187 16.18 -8.12 82.87
CA GLU F 187 16.40 -8.18 84.32
C GLU F 187 17.47 -7.20 84.74
N GLN F 188 18.60 -7.17 84.03
CA GLN F 188 19.64 -6.20 84.32
C GLN F 188 19.12 -4.76 84.23
N TRP F 189 18.25 -4.50 83.24
CA TRP F 189 17.70 -3.17 83.09
C TRP F 189 16.84 -2.78 84.29
N LYS F 190 15.96 -3.68 84.72
CA LYS F 190 15.05 -3.36 85.81
C LYS F 190 15.68 -3.48 87.18
N SER F 191 16.80 -4.21 87.30
CA SER F 191 17.41 -4.51 88.58
C SER F 191 18.40 -3.43 89.03
N HIS F 192 18.51 -2.32 88.31
CA HIS F 192 19.47 -1.28 88.63
C HIS F 192 18.75 0.05 88.81
N ARG F 193 19.40 0.96 89.54
CA ARG F 193 18.82 2.29 89.75
C ARG F 193 19.03 3.21 88.56
N SER F 194 20.11 3.02 87.80
CA SER F 194 20.36 3.88 86.64
C SER F 194 21.43 3.24 85.78
N TYR F 195 21.48 3.67 84.52
CA TYR F 195 22.55 3.34 83.59
C TYR F 195 23.13 4.63 83.03
N SER F 196 24.39 4.59 82.64
CA SER F 196 25.08 5.80 82.20
C SER F 196 25.94 5.53 80.97
N CYS F 197 26.00 6.52 80.09
CA CYS F 197 26.89 6.53 78.94
C CYS F 197 27.89 7.66 79.12
N GLN F 198 29.17 7.33 79.16
CA GLN F 198 30.22 8.31 79.39
C GLN F 198 31.08 8.44 78.13
N VAL F 199 31.10 9.64 77.55
CA VAL F 199 31.89 9.94 76.36
C VAL F 199 33.08 10.77 76.80
N THR F 200 34.29 10.28 76.56
CA THR F 200 35.51 10.91 77.04
C THR F 200 36.30 11.51 75.89
N HIS F 201 36.69 12.78 76.04
CA HIS F 201 37.59 13.43 75.11
C HIS F 201 38.75 14.05 75.87
N GLU F 202 39.90 14.12 75.21
CA GLU F 202 41.12 14.62 75.85
C GLU F 202 40.94 16.01 76.48
N GLY F 203 39.95 16.78 76.03
CA GLY F 203 39.75 18.10 76.59
C GLY F 203 38.60 18.20 77.58
N SER F 204 37.62 17.32 77.45
CA SER F 204 36.44 17.36 78.31
C SER F 204 35.71 16.04 78.20
N THR F 205 35.24 15.54 79.34
CA THR F 205 34.44 14.32 79.41
C THR F 205 33.01 14.67 79.73
N VAL F 206 32.07 14.17 78.92
CA VAL F 206 30.65 14.41 79.10
C VAL F 206 29.99 13.11 79.49
N GLU F 207 29.02 13.19 80.40
CA GLU F 207 28.28 12.03 80.87
C GLU F 207 26.79 12.25 80.67
N LYS F 208 26.12 11.25 80.09
CA LYS F 208 24.67 11.25 79.99
C LYS F 208 24.13 10.00 80.65
N THR F 209 23.06 10.17 81.42
CA THR F 209 22.53 9.11 82.28
C THR F 209 21.04 8.94 82.05
N VAL F 210 20.60 7.68 81.98
CA VAL F 210 19.19 7.35 81.97
C VAL F 210 18.92 6.43 83.15
N ALA F 211 17.65 6.38 83.57
CA ALA F 211 17.24 5.55 84.68
C ALA F 211 15.96 4.80 84.32
N PRO F 212 15.86 3.52 84.68
CA PRO F 212 14.62 2.79 84.40
C PRO F 212 13.44 3.29 85.20
N THR F 213 13.69 4.02 86.29
CA THR F 213 12.60 4.48 87.15
C THR F 213 11.68 5.44 86.39
N GLU F 214 12.27 6.41 85.69
CA GLU F 214 11.51 7.42 84.97
C GLU F 214 11.59 7.20 83.46
C1 NAG G . -8.81 -8.78 -12.95
C2 NAG G . -8.43 -9.59 -14.17
C3 NAG G . -9.65 -9.80 -15.04
C4 NAG G . -10.69 -10.56 -14.24
C5 NAG G . -11.00 -9.87 -12.91
C6 NAG G . -11.81 -10.75 -11.98
C7 NAG G . -6.91 -7.76 -15.07
C8 NAG G . -7.72 -6.73 -14.32
N2 NAG G . -7.31 -9.04 -14.96
O3 NAG G . -9.29 -10.53 -16.21
O4 NAG G . -11.91 -10.71 -14.97
O5 NAG G . -9.81 -9.51 -12.19
O6 NAG G . -11.02 -11.81 -11.47
O7 NAG G . -5.96 -7.45 -15.76
C1 NAG G . -11.77 -11.67 -16.04
C2 NAG G . -13.05 -12.51 -16.19
C3 NAG G . -12.94 -13.44 -17.39
C4 NAG G . -12.46 -12.72 -18.64
C5 NAG G . -11.25 -11.83 -18.34
C6 NAG G . -10.86 -10.95 -19.50
C7 NAG G . -14.21 -12.93 -14.06
C8 NAG G . -14.34 -13.84 -12.88
N2 NAG G . -13.31 -13.27 -14.98
O3 NAG G . -14.23 -14.01 -17.65
O4 NAG G . -12.03 -13.67 -19.60
O5 NAG G . -11.53 -10.96 -17.23
O6 NAG G . -10.16 -9.79 -19.05
O7 NAG G . -14.90 -11.91 -14.17
C1 BMA G . -13.07 -14.18 -20.44
C2 BMA G . -12.37 -14.59 -21.74
C3 BMA G . -13.30 -15.40 -22.63
C4 BMA G . -13.89 -16.55 -21.83
C5 BMA G . -14.67 -15.98 -20.65
C6 BMA G . -15.34 -17.05 -19.80
O2 BMA G . -11.27 -15.43 -21.45
O3 BMA G . -12.63 -15.88 -23.80
O4 BMA G . -14.74 -17.33 -22.66
O5 BMA G . -13.75 -15.26 -19.81
O6 BMA G . -14.31 -17.87 -19.26
C1 MAN G . -13.57 -15.84 -24.90
C2 MAN G . -12.99 -16.70 -26.06
C3 MAN G . -11.84 -15.99 -26.77
C4 MAN G . -12.22 -14.55 -27.13
C5 MAN G . -12.66 -13.81 -25.87
C6 MAN G . -13.11 -12.38 -26.16
O2 MAN G . -13.98 -16.92 -27.05
O3 MAN G . -11.44 -16.69 -27.95
O4 MAN G . -11.09 -13.89 -27.69
O5 MAN G . -13.80 -14.49 -25.30
O6 MAN G . -14.52 -12.41 -26.30
C1 MAN G . -14.07 -18.34 -27.32
C2 MAN G . -14.18 -18.50 -28.85
C3 MAN G . -15.56 -18.02 -29.34
C4 MAN G . -16.71 -18.58 -28.48
C5 MAN G . -16.44 -18.33 -26.99
C6 MAN G . -17.48 -18.95 -26.08
O2 MAN G . -14.09 -19.87 -29.23
O3 MAN G . -15.77 -18.34 -30.71
O4 MAN G . -17.93 -17.96 -28.83
O5 MAN G . -15.17 -18.89 -26.64
O6 MAN G . -17.12 -20.31 -25.86
C1 MAN G . -12.69 -20.24 -29.21
C2 MAN G . -12.51 -21.46 -30.12
C3 MAN G . -13.15 -22.71 -29.49
C4 MAN G . -12.73 -22.87 -28.02
C5 MAN G . -12.98 -21.58 -27.24
C6 MAN G . -12.49 -21.65 -25.80
O2 MAN G . -11.13 -21.79 -30.30
O3 MAN G . -12.81 -23.88 -30.22
O4 MAN G . -13.49 -23.92 -27.43
O5 MAN G . -12.28 -20.51 -27.88
O6 MAN G . -11.74 -20.47 -25.54
C1 MAN G . -14.85 -18.80 -18.30
C2 MAN G . -13.78 -19.88 -18.06
C3 MAN G . -13.53 -20.63 -19.36
C4 MAN G . -14.84 -21.17 -19.96
C5 MAN G . -15.92 -20.08 -20.04
C6 MAN G . -17.30 -20.63 -20.40
O2 MAN G . -14.25 -20.87 -17.13
O3 MAN G . -12.60 -21.70 -19.15
O4 MAN G . -14.59 -21.67 -21.27
O5 MAN G . -16.05 -19.38 -18.78
O6 MAN G . -17.74 -21.49 -19.35
C1 MAN G . -18.89 -22.21 -19.84
C2 MAN G . -19.32 -23.26 -18.76
C3 MAN G . -18.39 -24.48 -18.73
C4 MAN G . -18.05 -24.97 -20.15
C5 MAN G . -17.51 -23.80 -20.99
C6 MAN G . -17.14 -24.19 -22.40
O2 MAN G . -20.62 -23.79 -19.05
O3 MAN G . -18.94 -25.56 -17.98
O4 MAN G . -17.05 -25.97 -20.09
O5 MAN G . -18.56 -22.82 -21.07
O6 MAN G . -17.93 -25.31 -22.78
C1 MAN G . -21.43 -23.75 -17.85
C2 MAN G . -22.78 -24.44 -18.18
C3 MAN G . -23.58 -23.58 -19.16
C4 MAN G . -23.71 -22.14 -18.65
C5 MAN G . -22.31 -21.56 -18.36
C6 MAN G . -22.37 -20.18 -17.74
O2 MAN G . -23.61 -24.56 -17.02
O3 MAN G . -24.87 -24.13 -19.40
O4 MAN G . -24.34 -21.34 -19.63
O5 MAN G . -21.62 -22.42 -17.42
O6 MAN G . -21.27 -19.42 -18.25
C1 MAN G . -11.55 -21.61 -20.14
C2 MAN G . -10.46 -22.64 -19.72
C3 MAN G . -9.67 -22.17 -18.48
C4 MAN G . -9.27 -20.68 -18.58
C5 MAN G . -10.48 -19.82 -18.96
C6 MAN G . -10.11 -18.36 -19.17
O2 MAN G . -9.48 -22.83 -20.76
O3 MAN G . -8.51 -22.97 -18.27
O4 MAN G . -8.78 -20.25 -17.32
O5 MAN G . -11.03 -20.30 -20.19
O6 MAN G . -9.03 -18.31 -20.09
C1 NAG H . 33.69 8.69 17.14
C2 NAG H . 35.17 8.79 16.74
C3 NAG H . 35.98 7.69 17.42
C4 NAG H . 35.72 7.68 18.92
C5 NAG H . 34.23 7.65 19.22
C6 NAG H . 33.91 7.79 20.69
C7 NAG H . 35.02 9.71 14.47
C8 NAG H . 35.25 9.45 13.01
N2 NAG H . 35.33 8.71 15.30
O3 NAG H . 37.35 7.88 17.16
O4 NAG H . 36.32 6.53 19.52
O5 NAG H . 33.58 8.74 18.55
O6 NAG H . 34.02 9.13 21.13
O7 NAG H . 34.57 10.77 14.88
C1 NAG H . 37.41 6.95 20.35
C2 NAG H . 37.77 5.82 21.30
C3 NAG H . 38.96 6.21 22.17
C4 NAG H . 40.12 6.65 21.29
C5 NAG H . 39.69 7.74 20.31
C6 NAG H . 40.76 8.10 19.31
C7 NAG H . 36.00 6.21 22.98
C8 NAG H . 36.51 7.62 23.10
N2 NAG H . 36.64 5.41 22.12
O3 NAG H . 39.35 5.10 22.96
O4 NAG H . 41.22 7.11 22.07
O5 NAG H . 38.55 7.31 19.55
O6 NAG H . 40.67 7.31 18.14
O7 NAG H . 35.05 5.82 23.64
C1 BMA H . 42.37 6.36 21.62
C2 BMA H . 43.62 6.84 22.37
C3 BMA H . 44.81 6.01 21.90
C4 BMA H . 44.52 4.50 22.02
C5 BMA H . 43.18 4.16 21.31
C6 BMA H . 42.74 2.71 21.44
O2 BMA H . 43.49 6.63 23.76
O3 BMA H . 46.00 6.34 22.62
O4 BMA H . 45.57 3.75 21.42
O5 BMA H . 42.16 4.98 21.87
O6 BMA H . 42.96 2.25 22.78
C1 MAN H . 43.84 1.10 22.63
C2 MAN H . 43.43 0.38 21.30
C3 MAN H . 42.30 -0.63 21.50
C4 MAN H . 42.61 -1.57 22.67
C5 MAN H . 42.82 -0.78 23.97
C6 MAN H . 43.27 -1.70 25.12
O2 MAN H . 44.50 -0.38 20.74
O3 MAN H . 42.09 -1.38 20.31
O4 MAN H . 41.52 -2.48 22.85
O5 MAN H . 43.86 0.23 23.81
O6 MAN H . 44.40 -2.46 24.67
C1 MAN H . 41.20 -0.68 19.41
C2 MAN H . 40.47 -1.76 18.54
C3 MAN H . 41.40 -2.27 17.43
C4 MAN H . 41.96 -1.11 16.62
C5 MAN H . 42.77 -0.20 17.56
C6 MAN H . 43.33 1.00 16.81
O2 MAN H . 39.35 -1.20 17.85
O3 MAN H . 40.74 -3.20 16.57
O4 MAN H . 42.80 -1.60 15.58
O5 MAN H . 41.91 0.29 18.62
O6 MAN H . 44.28 1.65 17.66
C1 MAN H . 44.85 -3.35 25.73
C2 MAN H . 46.38 -3.67 25.53
C3 MAN H . 46.60 -4.76 24.48
C4 MAN H . 45.68 -5.96 24.72
C5 MAN H . 44.23 -5.47 24.69
C6 MAN H . 43.23 -6.58 24.87
O2 MAN H . 46.96 -4.17 26.73
O3 MAN H . 47.95 -5.20 24.45
O4 MAN H . 45.87 -6.93 23.71
O5 MAN H . 44.04 -4.53 25.77
O6 MAN H . 41.94 -6.08 24.51
C1 MAN H . 47.05 6.59 21.66
C2 MAN H . 48.36 6.92 22.44
C3 MAN H . 48.31 8.33 23.02
C4 MAN H . 47.90 9.36 21.96
C5 MAN H . 46.56 8.95 21.37
C6 MAN H . 46.08 9.91 20.29
O2 MAN H . 49.50 6.91 21.58
O3 MAN H . 49.54 8.71 23.61
O4 MAN H . 47.81 10.64 22.53
O5 MAN H . 46.68 7.65 20.77
O6 MAN H . 44.67 9.77 20.15
C1 NAG I . 4.72 3.35 -11.93
C2 NAG I . 3.85 4.00 -12.99
C3 NAG I . 3.47 3.00 -14.07
C4 NAG I . 4.72 2.30 -14.60
C5 NAG I . 5.51 1.69 -13.45
C6 NAG I . 6.80 1.04 -13.89
C7 NAG I . 2.41 5.90 -12.35
C8 NAG I . 1.12 6.30 -11.69
N2 NAG I . 2.65 4.58 -12.40
O3 NAG I . 2.79 3.66 -15.13
O4 NAG I . 4.37 1.30 -15.56
O5 NAG I . 5.86 2.74 -12.53
O6 NAG I . 7.32 1.65 -15.05
O7 NAG I . 3.18 6.73 -12.81
C1 NAG I . 4.54 2.01 -16.80
C2 NAG I . 5.30 1.14 -17.80
C3 NAG I . 5.47 1.90 -19.11
C4 NAG I . 4.14 2.45 -19.60
C5 NAG I . 3.38 3.18 -18.50
C6 NAG I . 1.97 3.55 -18.91
C7 NAG I . 7.21 -0.39 -17.61
C8 NAG I . 8.53 -0.63 -16.96
N2 NAG I . 6.59 0.74 -17.26
O3 NAG I . 6.04 1.03 -20.09
O4 NAG I . 4.40 3.41 -20.63
O5 NAG I . 3.26 2.34 -17.35
O6 NAG I . 1.38 4.43 -17.96
O7 NAG I . 6.72 -1.17 -18.42
C1 BMA I . 3.79 3.02 -21.86
C2 BMA I . 4.39 3.96 -22.90
C3 BMA I . 3.93 3.57 -24.29
C4 BMA I . 4.12 2.07 -24.55
C5 BMA I . 3.46 1.25 -23.41
C6 BMA I . 3.63 -0.26 -23.56
O2 BMA I . 5.81 3.84 -22.91
O3 BMA I . 4.64 4.32 -25.25
O4 BMA I . 3.54 1.71 -25.78
O5 BMA I . 4.04 1.66 -22.17
O6 BMA I . 5.01 -0.55 -23.79
C1 MAN I . 3.76 5.30 -25.85
C2 MAN I . 4.60 6.00 -26.94
C3 MAN I . 5.65 6.91 -26.29
C4 MAN I . 4.99 7.88 -25.29
C5 MAN I . 4.21 7.09 -24.24
C6 MAN I . 3.44 8.01 -23.30
O2 MAN I . 3.79 6.84 -27.74
O3 MAN I . 6.40 7.62 -27.26
O4 MAN I . 5.99 8.63 -24.64
O5 MAN I . 3.25 6.22 -24.89
O6 MAN I . 2.11 8.16 -23.80
C1 MAN I . 3.98 6.52 -29.13
C2 MAN I . 3.14 7.55 -29.93
C3 MAN I . 1.66 7.29 -29.72
C4 MAN I . 1.31 5.82 -30.01
C5 MAN I . 2.19 4.88 -29.18
C6 MAN I . 1.99 3.42 -29.54
O2 MAN I . 3.36 7.43 -31.34
O3 MAN I . 0.86 8.15 -30.51
O4 MAN I . -0.05 5.58 -29.67
O5 MAN I . 3.58 5.19 -29.41
O6 MAN I . 0.61 3.21 -29.80
C1 MAN I . 3.88 8.69 -31.80
C2 MAN I . 3.73 8.74 -33.34
C3 MAN I . 4.66 7.71 -33.99
C4 MAN I . 6.10 7.88 -33.47
C5 MAN I . 6.12 7.83 -31.93
C6 MAN I . 7.50 8.11 -31.36
O2 MAN I . 4.13 10.00 -33.86
O3 MAN I . 4.63 7.80 -35.40
O4 MAN I . 6.92 6.84 -33.98
O5 MAN I . 5.23 8.84 -31.41
O6 MAN I . 7.84 9.46 -31.66
C1 MAN I . 5.08 -1.64 -24.74
C2 MAN I . 5.57 -2.93 -23.99
C3 MAN I . 7.06 -2.88 -23.73
C4 MAN I . 7.83 -2.57 -25.02
C5 MAN I . 7.35 -1.22 -25.57
C6 MAN I . 8.02 -0.83 -26.88
O2 MAN I . 5.35 -4.10 -24.77
O3 MAN I . 7.55 -4.10 -23.16
O4 MAN I . 9.21 -2.50 -24.76
O5 MAN I . 5.92 -1.31 -25.85
O6 MAN I . 9.32 -1.37 -26.90
C1 MAN I . 10.27 -0.31 -27.14
C2 MAN I . 11.42 -0.87 -28.00
C3 MAN I . 12.23 -1.89 -27.20
C4 MAN I . 12.62 -1.33 -25.81
C5 MAN I . 11.38 -0.77 -25.08
C6 MAN I . 11.72 -0.10 -23.77
O2 MAN I . 12.33 0.15 -28.38
O3 MAN I . 13.40 -2.30 -27.90
O4 MAN I . 13.19 -2.38 -25.02
O5 MAN I . 10.74 0.20 -25.92
O6 MAN I . 12.72 -0.87 -23.10
C1 NAG J . 8.37 -2.68 -7.96
C2 NAG J . 9.60 -2.08 -8.61
C3 NAG J . 10.75 -3.09 -8.61
C4 NAG J . 11.00 -3.65 -7.23
C5 NAG J . 9.70 -4.19 -6.63
C6 NAG J . 9.82 -4.60 -5.18
C7 NAG J . 9.55 -0.38 -10.38
C8 NAG J . 9.16 -0.10 -11.80
N2 NAG J . 9.31 -1.62 -9.95
O3 NAG J . 11.93 -2.44 -9.09
O4 NAG J . 11.91 -4.73 -7.33
O5 NAG J . 8.69 -3.17 -6.68
O6 NAG J . 10.99 -5.37 -4.93
O7 NAG J . 10.07 0.46 -9.67
C1 NAG J . 13.19 -4.43 -6.73
C2 NAG J . 14.06 -5.64 -7.02
C3 NAG J . 15.45 -5.44 -6.44
C4 NAG J . 16.06 -4.11 -6.90
C5 NAG J . 15.08 -2.98 -6.63
C6 NAG J . 15.56 -1.64 -7.16
C7 NAG J . 13.42 -8.01 -7.16
C8 NAG J . 12.75 -9.15 -6.46
N2 NAG J . 13.45 -6.86 -6.50
O3 NAG J . 16.29 -6.53 -6.84
O4 NAG J . 17.25 -3.86 -6.16
O5 NAG J . 13.82 -3.25 -7.26
O6 NAG J . 14.70 -0.58 -6.76
O7 NAG J . 13.88 -8.13 -8.29
H2 NAG J . 14.15 -5.74 -7.99
C1 BMA J . 18.42 -3.75 -7.00
C2 BMA J . 19.60 -3.52 -6.01
C3 BMA J . 20.95 -3.48 -6.72
C4 BMA J . 21.07 -4.60 -7.80
C5 BMA J . 19.79 -4.75 -8.66
C6 BMA J . 19.83 -5.93 -9.63
O2 BMA J . 19.68 -4.58 -5.09
O3 BMA J . 22.04 -3.58 -5.75
O4 BMA J . 22.19 -4.37 -8.67
O5 BMA J . 18.64 -4.90 -7.79
O6 BMA J . 19.82 -7.14 -8.87
C1 MAN J . 22.29 -2.53 -5.02
C2 MAN J . 23.35 -2.54 -3.93
C3 MAN J . 22.72 -2.63 -2.54
C4 MAN J . 21.60 -1.60 -2.39
C5 MAN J . 20.64 -1.64 -3.57
C6 MAN J . 19.57 -0.57 -3.46
O2 MAN J . 24.14 -1.35 -4.02
O3 MAN J . 23.72 -2.41 -1.55
O4 MAN J . 20.88 -1.85 -1.18
O5 MAN J . 21.38 -1.46 -4.78
O6 MAN J . 18.61 -0.74 -4.50
C1 NAG K . -0.60 -8.17 -12.61
C2 NAG K . -0.93 -9.44 -11.82
C3 NAG K . 0.31 -10.29 -11.65
C4 NAG K . 0.98 -10.55 -12.99
C5 NAG K . 1.23 -9.24 -13.73
C6 NAG K . 1.76 -9.43 -15.12
C7 NAG K . -2.83 -9.14 -10.30
C8 NAG K . -3.27 -8.78 -8.90
N2 NAG K . -1.53 -9.11 -10.53
O3 NAG K . -0.03 -11.52 -11.03
O4 NAG K . 2.21 -11.23 -12.81
O5 NAG K . -0.01 -8.51 -13.85
O6 NAG K . 0.91 -8.85 -16.09
O7 NAG K . -3.65 -9.45 -11.17
C1 NAG K . 2.04 -12.57 -13.31
C2 NAG K . 3.36 -13.03 -13.92
C3 NAG K . 3.23 -14.46 -14.42
C4 NAG K . 2.72 -15.37 -13.30
C5 NAG K . 1.44 -14.80 -12.71
C6 NAG K . 0.96 -15.59 -11.50
C7 NAG K . 4.73 -11.23 -14.89
C8 NAG K . 5.01 -10.41 -16.10
N2 NAG K . 3.76 -12.14 -15.01
O3 NAG K . 4.49 -14.92 -14.88
O4 NAG K . 2.47 -16.67 -13.82
O5 NAG K . 1.66 -13.45 -12.26
O6 NAG K . -0.45 -15.46 -11.34
O7 NAG K . 5.35 -11.08 -13.84
C1 NAG L . 9.16 9.89 16.57
C2 NAG L . 7.90 10.49 17.18
C3 NAG L . 8.28 11.65 18.10
C4 NAG L . 9.29 11.19 19.14
C5 NAG L . 10.47 10.49 18.48
C6 NAG L . 11.40 9.84 19.49
C7 NAG L . 5.86 10.23 15.85
C8 NAG L . 5.00 10.82 14.77
N2 NAG L . 6.96 10.92 16.16
O3 NAG L . 7.11 12.16 18.74
O4 NAG L . 9.77 12.31 19.87
O5 NAG L . 10.02 9.43 17.61
O6 NAG L . 12.73 10.35 19.37
O7 NAG L . 5.57 9.18 16.42
C1 NAG L . 9.17 12.32 21.18
C2 NAG L . 9.57 13.60 21.90
C3 NAG L . 8.93 13.66 23.27
C4 NAG L . 7.42 13.48 23.17
C5 NAG L . 7.09 12.21 22.39
C6 NAG L . 5.62 12.05 22.12
C7 NAG L . 11.75 14.60 21.30
C8 NAG L . 13.22 14.57 21.53
N2 NAG L . 11.02 13.72 22.00
O3 NAG L . 9.22 14.91 23.90
O4 NAG L . 6.84 13.40 24.46
O5 NAG L . 7.74 12.24 21.10
O6 NAG L . 5.38 11.24 20.97
O7 NAG L . 11.22 15.38 20.51
C1 NAG M . -22.25 8.67 -32.79
C2 NAG M . -22.08 7.24 -33.30
C3 NAG M . -21.65 7.26 -34.77
C4 NAG M . -22.63 8.08 -35.60
C5 NAG M . -22.77 9.48 -34.99
C6 NAG M . -23.80 10.33 -35.69
C7 NAG M . -21.43 5.93 -31.33
C8 NAG M . -20.32 5.21 -30.63
N2 NAG M . -21.11 6.51 -32.49
O3 NAG M . -21.60 5.92 -35.27
O4 NAG M . -22.14 8.22 -36.92
O5 NAG M . -23.18 9.37 -33.62
O6 NAG M . -23.45 11.71 -35.67
O7 NAG M . -22.57 5.99 -30.87
C1 NAG M . -22.92 7.45 -37.83
C2 NAG M . -22.26 7.64 -39.19
C3 NAG M . -22.96 6.79 -40.26
C4 NAG M . -23.09 5.34 -39.79
C5 NAG M . -23.75 5.29 -38.41
C6 NAG M . -23.81 3.90 -37.83
C7 NAG M . -21.21 9.84 -39.64
C8 NAG M . -21.47 11.28 -39.99
N2 NAG M . -22.29 9.05 -39.56
O3 NAG M . -22.22 6.85 -41.47
O4 NAG M . -23.87 4.59 -40.72
O5 NAG M . -22.97 6.07 -37.50
O6 NAG M . -25.01 3.72 -37.09
O7 NAG M . -20.09 9.41 -39.40
C1 BMA M . -22.98 4.11 -41.76
C2 BMA M . -23.66 2.98 -42.53
C3 BMA M . -22.77 2.55 -43.68
C4 BMA M . -22.29 3.75 -44.52
C5 BMA M . -21.68 4.84 -43.62
C6 BMA M . -21.28 6.10 -44.38
O2 BMA M . -24.89 3.43 -43.09
O3 BMA M . -23.42 1.60 -44.51
O4 BMA M . -21.31 3.32 -45.45
O5 BMA M . -22.65 5.19 -42.63
O6 BMA M . -20.12 5.81 -45.14
C1 NAG N . -7.66 -1.93 -31.82
C2 NAG N . -6.87 -3.23 -31.96
C3 NAG N . -5.84 -3.09 -33.09
C4 NAG N . -6.53 -2.62 -34.38
C5 NAG N . -7.37 -1.38 -34.13
C6 NAG N . -8.20 -0.97 -35.33
C7 NAG N . -6.74 -4.44 -29.84
C8 NAG N . -5.92 -4.69 -28.61
N2 NAG N . -6.21 -3.58 -30.73
O3 NAG N . -5.21 -4.34 -33.30
O4 NAG N . -5.55 -2.32 -35.36
O5 NAG N . -8.30 -1.61 -33.05
O6 NAG N . -8.40 0.43 -35.38
O7 NAG N . -7.82 -4.98 -30.03
C1 NAG N . -5.70 -3.23 -36.45
C2 NAG N . -5.01 -2.63 -37.68
C3 NAG N . -5.11 -3.58 -38.86
C4 NAG N . -4.59 -4.96 -38.47
C5 NAG N . -5.28 -5.46 -37.21
C6 NAG N . -4.71 -6.76 -36.70
C7 NAG N . -5.22 -0.19 -37.43
C8 NAG N . -5.92 1.05 -37.90
N2 NAG N . -5.59 -1.34 -38.02
O3 NAG N . -4.37 -3.06 -39.95
O4 NAG N . -4.82 -5.89 -39.53
O5 NAG N . -5.13 -4.51 -36.16
O6 NAG N . -5.74 -7.68 -36.35
O7 NAG N . -4.36 -0.16 -36.55
C1 NAG O . -24.99 23.14 -36.52
C2 NAG O . -26.25 23.34 -35.64
C3 NAG O . -27.48 23.62 -36.50
C4 NAG O . -27.23 24.72 -37.51
C5 NAG O . -26.03 24.33 -38.37
C6 NAG O . -25.67 25.39 -39.38
C7 NAG O . -25.96 22.05 -33.56
C8 NAG O . -26.31 20.78 -32.85
N2 NAG O . -26.49 22.19 -34.78
O3 NAG O . -28.55 24.02 -35.64
O4 NAG O . -28.36 24.89 -38.35
O5 NAG O . -24.90 24.19 -37.50
O6 NAG O . -25.00 26.48 -38.75
O7 NAG O . -25.23 22.89 -33.07
C1 NAG P . -17.47 -5.22 2.27
C2 NAG P . -18.31 -4.87 1.05
C3 NAG P . -19.69 -5.54 1.13
C4 NAG P . -19.57 -7.03 1.46
C5 NAG P . -18.68 -7.19 2.68
C6 NAG P . -18.52 -8.64 3.07
C7 NAG P . -17.67 -2.66 0.19
C8 NAG P . -17.88 -1.18 0.30
N2 NAG P . -18.48 -3.43 0.92
O3 NAG P . -20.37 -5.33 -0.12
O4 NAG P . -20.82 -7.59 1.84
O5 NAG P . -17.39 -6.62 2.42
O6 NAG P . -17.95 -9.39 2.08
O7 NAG P . -16.80 -3.13 -0.54
C1 NAG Q . -18.79 4.15 0.79
C2 NAG Q . -19.25 4.53 -0.63
C3 NAG Q . -20.77 4.56 -0.75
C4 NAG Q . -21.37 3.25 -0.24
C5 NAG Q . -20.91 3.03 1.20
C6 NAG Q . -21.41 1.73 1.79
C7 NAG Q . -17.46 5.99 -1.48
C8 NAG Q . -17.07 7.39 -1.84
N2 NAG Q . -18.70 5.82 -1.03
O3 NAG Q . -21.14 4.75 -2.11
O4 NAG Q . -22.79 3.30 -0.29
O5 NAG Q . -19.48 2.95 1.22
O6 NAG Q . -21.55 1.82 3.20
O7 NAG Q . -16.67 5.04 -1.60
C1 NAG R . 23.39 32.80 24.43
C2 NAG R . 23.19 32.03 25.74
C3 NAG R . 21.82 32.32 26.34
C4 NAG R . 21.63 33.82 26.46
C5 NAG R . 21.85 34.50 25.10
C6 NAG R . 21.70 36.01 25.22
C7 NAG R . 24.54 30.04 25.44
C8 NAG R . 25.61 30.87 24.78
N2 NAG R . 23.34 30.61 25.50
O3 NAG R . 21.72 31.72 27.62
O4 NAG R . 20.31 34.10 26.92
O5 NAG R . 23.15 34.20 24.62
O6 NAG R . 22.78 36.53 25.99
O7 NAG R . 24.75 28.93 25.89
#